data_6QV1
#
_entry.id   6QV1
#
_cell.length_a   90.750
_cell.length_b   199.260
_cell.length_c   113.160
_cell.angle_alpha   90.000
_cell.angle_beta   91.260
_cell.angle_gamma   90.000
#
_symmetry.space_group_name_H-M   'P 1 21 1'
#
loop_
_entity.id
_entity.type
_entity.pdbx_description
1 polymer 'ABC transporter, ATP-binding protein'
2 polymer 'Uncharacterized ABC transporter ATP-binding protein TM_0288'
3 polymer Nb_TM1
4 non-polymer 'PHOSPHOTHIOPHOSPHORIC ACID-ADENYLATE ESTER'
5 non-polymer 'MAGNESIUM ION'
#
loop_
_entity_poly.entity_id
_entity_poly.type
_entity_poly.pdbx_seq_one_letter_code
_entity_poly.pdbx_strand_id
1 'polypeptide(L)'
;GPSGSGGGGGSKTLARYLKPYWIFAVLAPLFMVVEVICDLSQPTLLARIVAEGIARGDFSLVLKTGILMLIVALIGAVGG
IGCTVFASYASQNFGADLRRDLFRKVLSFSISNVNRFHTSSLITRLTNDVTQLQNLVMMLLRIVVRAPLLFVGGIVMAVS
INVKLSSVLIFLIPPIVLLFVWLTKKGNPLFRKIQESTDEVNRVVRENLLGVRVVRAFRREEYENENFRKANESLRRSII
SAFSLIVFALPLFIFIVNMGMIAVLWFGGVLVRNNQMEIGSIMAYTNYLMQIMFSLMMIGNILNFIVRASASAKRVLEVL
NEKPAIEEADNALALPNVEGSVSFENVEFRYFENTDPVLSGVNFSVKPGSLVAVLGETGSGKSTLMNLIPRLIDPERGRV
EVDELDVRTVKLKDLRGHISAVPQETVLFSGTIKENLKWGREDATDDEIVEAAKIAQIHDFIISLPEGYDSRVERGGRNF
SGGQKQRLSIARALVKKPKVLILDDCTSSVDPITEKRILDGLKRYTKGCTTFIITQKIPTALLADKILVLHEGKVAGFGT
HKELLEHCKPYREIYESQFGNGVMNDA
;
A,C
2 'polypeptide(L)'
;MPEIRRRPHGPILEKPALKNPTATLRRLLGYLRPHTFTLIMVFVFVTVSSILGVLSPYLIGKTIAVVFVPRRFDLLPRYM
LILGTIYALTSLLFWLQGKIMLTLSQDVVFRLRKELFEKLQRVPVGFFDRTPHGDIISRVINDVDNINNVLGNSIIQFFS
GIVTLAGAVIMMFRVNVILSLVTLSIVPLTVLITQIVSSQTRKYFYENQRVLGQLNGIIEEDISGLTVIKLFTREEKEME
KFDRVNESLRKVGTKAQIFSGVLPPLMNMVNNLGFALISGFGGWLALKDIITVGTIATFIGYSRQFTRPLNELSNQFNMI
QMALASAERIFEILDLEEEKDDPDAVELREVRGEIEFKNVWFSYDKKKPVLKDITFHIKPGQKVALVGPTGSGKTTIVNL
LMRFYDVDRGQILVDGIDIRKIKRSSLRSSIGIVLQDTILFSTTVKENLKYGNPGATDEEIKEAAKLTHSDHFIKHLPEG
YETVLTDNGEDLSQGQRQLLAITRAFLANPKILILDAATSNVDTKTEKSIQAAMWKLMEGKTSIIIAHRLNTIKNADLII
VLRDGEIVEMGKHDELIQKRGFYYELFTSQYGLVVEKEA
;
B,D
3 'polypeptide(L)'
;GPSQGQLVESGGGLVQAGGSLTLSCAASVRDISFFAVGWFRQAPGKQRELVAQMTSLRKINYADSVKGRFTISRDDAKNT
VSLQMNSLKPEDTAVYYCHASLPGLPYWGQGTPVTVSA
;
E,F
#
# COMPACT_ATOMS: atom_id res chain seq x y z
N LYS A 12 4.02 -22.89 -20.58
CA LYS A 12 5.03 -21.89 -20.22
C LYS A 12 4.38 -20.58 -19.77
N THR A 13 3.29 -20.17 -20.44
CA THR A 13 2.54 -18.93 -20.17
C THR A 13 1.77 -18.98 -18.82
N LEU A 14 1.56 -20.20 -18.28
CA LEU A 14 0.85 -20.46 -17.01
C LEU A 14 1.56 -19.87 -15.79
N ALA A 15 2.90 -19.73 -15.84
CA ALA A 15 3.73 -19.20 -14.78
C ALA A 15 3.45 -17.72 -14.46
N ARG A 16 2.91 -16.97 -15.44
CA ARG A 16 2.57 -15.54 -15.33
C ARG A 16 1.53 -15.23 -14.23
N TYR A 17 0.73 -16.24 -13.83
CA TYR A 17 -0.28 -16.12 -12.79
C TYR A 17 0.30 -16.40 -11.40
N LEU A 18 1.45 -17.11 -11.35
CA LEU A 18 2.19 -17.44 -10.13
C LEU A 18 3.20 -16.32 -9.82
N LYS A 19 3.52 -15.50 -10.85
CA LYS A 19 4.44 -14.37 -10.81
C LYS A 19 4.09 -13.31 -9.73
N PRO A 20 2.83 -12.82 -9.57
CA PRO A 20 2.57 -11.81 -8.51
C PRO A 20 2.65 -12.34 -7.08
N TYR A 21 2.43 -13.66 -6.90
CA TYR A 21 2.48 -14.34 -5.60
C TYR A 21 3.81 -15.07 -5.41
N TRP A 22 4.92 -14.50 -5.93
CA TRP A 22 6.26 -15.08 -5.84
C TRP A 22 6.86 -15.01 -4.42
N ILE A 23 6.36 -14.09 -3.57
CA ILE A 23 6.79 -13.91 -2.18
C ILE A 23 6.44 -15.16 -1.36
N PHE A 24 5.20 -15.68 -1.52
CA PHE A 24 4.70 -16.88 -0.86
C PHE A 24 5.27 -18.14 -1.52
N ALA A 25 5.55 -18.07 -2.84
CA ALA A 25 6.11 -19.15 -3.65
C ALA A 25 7.57 -19.43 -3.32
N VAL A 26 8.33 -18.41 -2.87
CA VAL A 26 9.74 -18.52 -2.52
C VAL A 26 9.93 -18.94 -1.03
N LEU A 27 8.93 -18.62 -0.16
CA LEU A 27 8.96 -18.95 1.27
C LEU A 27 8.45 -20.36 1.58
N ALA A 28 7.62 -20.95 0.68
CA ALA A 28 7.08 -22.30 0.82
C ALA A 28 8.17 -23.39 0.85
N PRO A 29 9.18 -23.44 -0.07
CA PRO A 29 10.21 -24.47 0.05
C PRO A 29 11.24 -24.16 1.15
N LEU A 30 11.36 -22.88 1.55
CA LEU A 30 12.28 -22.40 2.60
C LEU A 30 11.94 -23.05 3.95
N PHE A 31 10.63 -23.18 4.26
CA PHE A 31 10.14 -23.81 5.49
C PHE A 31 10.30 -25.34 5.46
N MET A 32 10.34 -25.94 4.24
CA MET A 32 10.53 -27.37 4.05
C MET A 32 11.98 -27.76 4.39
N VAL A 33 12.96 -26.85 4.10
CA VAL A 33 14.38 -27.04 4.43
C VAL A 33 14.54 -27.05 5.97
N VAL A 34 13.81 -26.15 6.66
CA VAL A 34 13.77 -26.04 8.13
C VAL A 34 13.16 -27.32 8.71
N GLU A 35 12.12 -27.86 8.04
CA GLU A 35 11.40 -29.08 8.42
C GLU A 35 12.25 -30.35 8.27
N VAL A 36 12.96 -30.52 7.13
CA VAL A 36 13.80 -31.71 6.85
C VAL A 36 15.02 -31.76 7.77
N ILE A 37 15.54 -30.59 8.20
CA ILE A 37 16.68 -30.49 9.11
C ILE A 37 16.24 -30.86 10.54
N CYS A 38 15.12 -30.27 11.02
CA CYS A 38 14.55 -30.52 12.35
C CYS A 38 13.96 -31.93 12.54
N ASP A 39 13.86 -32.73 11.46
CA ASP A 39 13.34 -34.11 11.51
C ASP A 39 14.43 -35.18 11.36
N LEU A 40 15.50 -34.88 10.60
CA LEU A 40 16.63 -35.80 10.37
C LEU A 40 17.74 -35.65 11.40
N SER A 41 18.06 -34.41 11.82
CA SER A 41 19.12 -34.13 12.80
C SER A 41 18.69 -34.30 14.26
N GLN A 42 17.38 -34.13 14.55
CA GLN A 42 16.83 -34.25 15.91
C GLN A 42 17.03 -35.65 16.56
N PRO A 43 16.79 -36.82 15.89
CA PRO A 43 17.03 -38.11 16.57
C PRO A 43 18.49 -38.35 16.96
N THR A 44 19.44 -37.81 16.18
CA THR A 44 20.87 -37.90 16.46
C THR A 44 21.26 -36.91 17.57
N LEU A 45 20.62 -35.72 17.60
CA LEU A 45 20.82 -34.67 18.61
C LEU A 45 20.27 -35.12 19.97
N LEU A 46 19.14 -35.86 19.97
CA LEU A 46 18.50 -36.41 21.17
C LEU A 46 19.38 -37.51 21.77
N ALA A 47 20.09 -38.27 20.91
CA ALA A 47 21.02 -39.33 21.30
C ALA A 47 22.27 -38.76 21.96
N ARG A 48 22.70 -37.54 21.55
CA ARG A 48 23.85 -36.82 22.10
C ARG A 48 23.59 -36.41 23.55
N ILE A 49 22.31 -36.10 23.87
CA ILE A 49 21.83 -35.74 25.21
C ILE A 49 21.88 -37.01 26.08
N VAL A 50 21.43 -38.16 25.51
CA VAL A 50 21.42 -39.48 26.15
C VAL A 50 22.87 -39.89 26.45
N ALA A 51 23.78 -39.75 25.46
CA ALA A 51 25.21 -40.06 25.52
C ALA A 51 25.93 -39.34 26.67
N GLU A 52 25.59 -38.05 26.89
CA GLU A 52 26.14 -37.19 27.94
C GLU A 52 25.42 -37.46 29.28
N GLY A 53 24.20 -38.00 29.20
CA GLY A 53 23.36 -38.35 30.35
C GLY A 53 23.85 -39.55 31.12
N ILE A 54 24.69 -40.40 30.49
CA ILE A 54 25.29 -41.59 31.10
C ILE A 54 26.74 -41.28 31.50
N ALA A 55 27.40 -40.39 30.74
CA ALA A 55 28.78 -39.95 30.94
C ALA A 55 28.94 -39.08 32.19
N ARG A 56 27.98 -38.15 32.42
CA ARG A 56 27.99 -37.22 33.56
C ARG A 56 26.73 -37.37 34.44
N GLY A 57 25.56 -37.27 33.82
CA GLY A 57 24.26 -37.39 34.51
C GLY A 57 23.88 -36.14 35.25
N ASP A 58 23.41 -36.30 36.52
CA ASP A 58 22.97 -35.25 37.45
C ASP A 58 21.77 -34.42 36.98
N PHE A 59 21.26 -33.54 37.86
CA PHE A 59 20.12 -32.66 37.62
C PHE A 59 20.50 -31.49 36.69
N SER A 60 21.76 -31.02 36.78
CA SER A 60 22.29 -29.89 36.01
C SER A 60 22.47 -30.14 34.50
N LEU A 61 22.65 -31.42 34.09
CA LEU A 61 22.87 -31.76 32.68
C LEU A 61 21.65 -32.38 31.98
N VAL A 62 20.89 -33.24 32.68
CA VAL A 62 19.71 -33.94 32.14
C VAL A 62 18.51 -32.97 31.99
N LEU A 63 18.18 -32.22 33.06
CA LEU A 63 17.06 -31.26 33.08
C LEU A 63 17.26 -30.04 32.17
N LYS A 64 18.51 -29.52 32.05
CA LYS A 64 18.84 -28.38 31.20
C LYS A 64 18.66 -28.68 29.72
N THR A 65 19.02 -29.91 29.29
CA THR A 65 18.89 -30.39 27.90
C THR A 65 17.45 -30.83 27.61
N GLY A 66 16.68 -31.10 28.66
CA GLY A 66 15.28 -31.49 28.61
C GLY A 66 14.35 -30.37 28.15
N ILE A 67 14.80 -29.12 28.34
CA ILE A 67 14.08 -27.91 27.93
C ILE A 67 14.46 -27.62 26.46
N LEU A 68 15.75 -27.81 26.11
CA LEU A 68 16.31 -27.59 24.78
C LEU A 68 15.71 -28.49 23.70
N MET A 69 15.40 -29.75 24.04
CA MET A 69 14.79 -30.73 23.11
C MET A 69 13.34 -30.38 22.75
N LEU A 70 12.61 -29.68 23.66
CA LEU A 70 11.22 -29.25 23.45
C LEU A 70 11.17 -28.10 22.44
N ILE A 71 12.20 -27.23 22.46
CA ILE A 71 12.33 -26.06 21.57
C ILE A 71 12.51 -26.51 20.11
N VAL A 72 13.43 -27.48 19.87
CA VAL A 72 13.74 -28.04 18.53
C VAL A 72 12.48 -28.71 17.92
N ALA A 73 11.67 -29.39 18.77
CA ALA A 73 10.42 -30.04 18.38
C ALA A 73 9.34 -29.03 17.94
N LEU A 74 9.38 -27.82 18.52
CA LEU A 74 8.45 -26.72 18.20
C LEU A 74 8.82 -26.03 16.89
N ILE A 75 10.15 -25.91 16.59
CA ILE A 75 10.68 -25.28 15.37
C ILE A 75 10.20 -26.06 14.12
N GLY A 76 10.33 -27.38 14.16
CA GLY A 76 9.90 -28.29 13.09
C GLY A 76 8.40 -28.34 12.93
N ALA A 77 7.66 -28.14 14.04
CA ALA A 77 6.20 -28.13 14.07
C ALA A 77 5.68 -26.87 13.36
N VAL A 78 6.26 -25.69 13.67
CA VAL A 78 5.91 -24.40 13.06
C VAL A 78 6.44 -24.39 11.61
N GLY A 79 7.58 -25.04 11.39
CA GLY A 79 8.20 -25.17 10.08
C GLY A 79 7.42 -26.08 9.14
N GLY A 80 6.75 -27.08 9.72
CA GLY A 80 5.92 -28.03 9.00
C GLY A 80 4.59 -27.44 8.60
N ILE A 81 3.87 -26.82 9.57
CA ILE A 81 2.58 -26.16 9.34
C ILE A 81 2.77 -24.90 8.49
N GLY A 82 3.95 -24.29 8.59
CA GLY A 82 4.34 -23.11 7.82
C GLY A 82 4.52 -23.43 6.35
N CYS A 83 4.96 -24.67 6.04
CA CYS A 83 5.14 -25.14 4.66
C CYS A 83 3.80 -25.34 3.98
N THR A 84 2.79 -25.83 4.73
CA THR A 84 1.42 -26.07 4.26
C THR A 84 0.71 -24.76 3.92
N VAL A 85 0.72 -23.78 4.87
CA VAL A 85 0.10 -22.46 4.75
C VAL A 85 0.67 -21.68 3.54
N PHE A 86 2.01 -21.60 3.42
CA PHE A 86 2.70 -20.91 2.33
C PHE A 86 2.48 -21.57 0.96
N ALA A 87 2.15 -22.88 0.92
CA ALA A 87 1.90 -23.63 -0.32
C ALA A 87 0.43 -23.62 -0.74
N SER A 88 -0.50 -23.79 0.23
CA SER A 88 -1.95 -23.80 -0.01
C SER A 88 -2.43 -22.45 -0.51
N TYR A 89 -1.86 -21.36 0.06
CA TYR A 89 -2.17 -19.99 -0.32
C TYR A 89 -1.71 -19.75 -1.76
N ALA A 90 -0.54 -20.30 -2.13
CA ALA A 90 0.05 -20.17 -3.46
C ALA A 90 -0.66 -21.03 -4.53
N SER A 91 -1.09 -22.25 -4.15
CA SER A 91 -1.78 -23.16 -5.07
C SER A 91 -3.20 -22.68 -5.37
N GLN A 92 -3.95 -22.25 -4.33
CA GLN A 92 -5.32 -21.75 -4.45
C GLN A 92 -5.38 -20.42 -5.18
N ASN A 93 -4.45 -19.48 -4.87
CA ASN A 93 -4.39 -18.17 -5.53
C ASN A 93 -4.00 -18.28 -7.00
N PHE A 94 -3.27 -19.36 -7.37
CA PHE A 94 -2.90 -19.64 -8.76
C PHE A 94 -4.19 -19.98 -9.52
N GLY A 95 -4.96 -20.91 -8.97
CA GLY A 95 -6.23 -21.38 -9.52
C GLY A 95 -7.30 -20.32 -9.58
N ALA A 96 -7.48 -19.55 -8.48
CA ALA A 96 -8.48 -18.48 -8.37
C ALA A 96 -8.24 -17.34 -9.36
N ASP A 97 -6.96 -16.98 -9.60
CA ASP A 97 -6.59 -15.93 -10.56
C ASP A 97 -6.61 -16.45 -12.00
N LEU A 98 -6.46 -17.77 -12.18
CA LEU A 98 -6.51 -18.44 -13.48
C LEU A 98 -7.95 -18.48 -13.98
N ARG A 99 -8.91 -18.76 -13.06
CA ARG A 99 -10.35 -18.82 -13.34
C ARG A 99 -10.91 -17.47 -13.75
N ARG A 100 -10.54 -16.39 -13.03
CA ARG A 100 -10.99 -15.03 -13.32
C ARG A 100 -10.45 -14.48 -14.65
N ASP A 101 -9.29 -15.00 -15.10
CA ASP A 101 -8.67 -14.63 -16.37
C ASP A 101 -9.26 -15.43 -17.52
N LEU A 102 -9.75 -16.66 -17.24
CA LEU A 102 -10.41 -17.52 -18.23
C LEU A 102 -11.85 -17.05 -18.46
N PHE A 103 -12.57 -16.74 -17.36
CA PHE A 103 -13.96 -16.26 -17.38
C PHE A 103 -14.09 -14.92 -18.11
N ARG A 104 -13.06 -14.07 -17.98
CA ARG A 104 -12.94 -12.76 -18.64
C ARG A 104 -12.78 -12.99 -20.15
N LYS A 105 -11.99 -14.03 -20.53
CA LYS A 105 -11.75 -14.40 -21.93
C LYS A 105 -13.00 -15.03 -22.54
N VAL A 106 -13.74 -15.85 -21.75
CA VAL A 106 -14.98 -16.47 -22.21
C VAL A 106 -16.06 -15.39 -22.36
N LEU A 107 -16.01 -14.34 -21.52
CA LEU A 107 -16.94 -13.21 -21.61
C LEU A 107 -16.68 -12.37 -22.86
N SER A 108 -15.42 -12.33 -23.33
CA SER A 108 -15.03 -11.59 -24.53
C SER A 108 -15.33 -12.38 -25.82
N PHE A 109 -15.57 -13.71 -25.70
CA PHE A 109 -15.87 -14.62 -26.82
C PHE A 109 -17.14 -14.23 -27.54
N SER A 110 -17.17 -14.49 -28.85
CA SER A 110 -18.34 -14.26 -29.68
C SER A 110 -19.09 -15.58 -29.75
N ILE A 111 -20.37 -15.55 -30.17
CA ILE A 111 -21.26 -16.73 -30.29
C ILE A 111 -20.55 -17.92 -31.00
N SER A 112 -19.68 -17.64 -31.97
CA SER A 112 -18.92 -18.66 -32.70
C SER A 112 -17.84 -19.29 -31.82
N ASN A 113 -17.10 -18.46 -31.06
CA ASN A 113 -16.02 -18.90 -30.15
C ASN A 113 -16.54 -19.77 -29.01
N VAL A 114 -17.82 -19.59 -28.66
CA VAL A 114 -18.52 -20.35 -27.62
C VAL A 114 -18.99 -21.70 -28.23
N ASN A 115 -19.03 -21.79 -29.57
CA ASN A 115 -19.44 -23.00 -30.28
C ASN A 115 -18.26 -23.79 -30.86
N ARG A 116 -17.03 -23.20 -30.85
CA ARG A 116 -15.80 -23.85 -31.28
C ARG A 116 -15.53 -24.94 -30.24
N PHE A 117 -15.30 -24.51 -28.97
CA PHE A 117 -15.20 -25.40 -27.82
C PHE A 117 -16.67 -25.54 -27.46
N HIS A 118 -17.13 -26.75 -27.14
CA HIS A 118 -18.55 -26.89 -26.79
C HIS A 118 -18.88 -26.24 -25.44
N THR A 119 -20.11 -25.70 -25.31
CA THR A 119 -20.60 -25.02 -24.10
C THR A 119 -20.41 -25.91 -22.84
N SER A 120 -20.49 -27.26 -23.03
CA SER A 120 -20.31 -28.29 -22.01
C SER A 120 -18.84 -28.56 -21.68
N SER A 121 -17.93 -28.21 -22.61
CA SER A 121 -16.48 -28.37 -22.45
C SER A 121 -15.88 -27.18 -21.71
N LEU A 122 -16.32 -25.96 -22.04
CA LEU A 122 -15.88 -24.71 -21.42
C LEU A 122 -16.05 -24.73 -19.91
N ILE A 123 -17.15 -25.34 -19.42
CA ILE A 123 -17.46 -25.51 -18.00
C ILE A 123 -16.39 -26.38 -17.33
N THR A 124 -16.02 -27.51 -17.98
CA THR A 124 -14.99 -28.44 -17.50
C THR A 124 -13.61 -27.77 -17.50
N ARG A 125 -13.33 -26.93 -18.51
CA ARG A 125 -12.07 -26.20 -18.65
C ARG A 125 -11.89 -25.17 -17.53
N LEU A 126 -12.93 -24.37 -17.27
CA LEU A 126 -12.97 -23.31 -16.26
C LEU A 126 -13.05 -23.82 -14.82
N THR A 127 -13.28 -25.14 -14.61
CA THR A 127 -13.37 -25.72 -13.27
C THR A 127 -12.36 -26.85 -13.05
N ASN A 128 -12.59 -28.03 -13.66
CA ASN A 128 -11.75 -29.24 -13.53
C ASN A 128 -10.34 -29.06 -14.02
N ASP A 129 -10.16 -28.52 -15.24
CA ASP A 129 -8.85 -28.30 -15.85
C ASP A 129 -8.02 -27.27 -15.08
N VAL A 130 -8.69 -26.40 -14.29
CA VAL A 130 -8.03 -25.43 -13.42
C VAL A 130 -7.56 -26.19 -12.17
N THR A 131 -8.45 -27.03 -11.60
CA THR A 131 -8.21 -27.86 -10.41
C THR A 131 -7.01 -28.82 -10.60
N GLN A 132 -6.84 -29.40 -11.82
CA GLN A 132 -5.72 -30.29 -12.13
C GLN A 132 -4.38 -29.56 -12.02
N LEU A 133 -4.33 -28.31 -12.54
CA LEU A 133 -3.15 -27.44 -12.49
C LEU A 133 -2.95 -26.89 -11.08
N GLN A 134 -4.07 -26.68 -10.34
CA GLN A 134 -4.11 -26.19 -8.95
C GLN A 134 -3.50 -27.23 -8.01
N ASN A 135 -3.77 -28.52 -8.27
CA ASN A 135 -3.24 -29.63 -7.49
C ASN A 135 -1.76 -29.87 -7.78
N LEU A 136 -1.30 -29.52 -9.00
CA LEU A 136 0.08 -29.65 -9.46
C LEU A 136 1.00 -28.69 -8.69
N VAL A 137 0.55 -27.43 -8.51
CA VAL A 137 1.27 -26.38 -7.77
C VAL A 137 1.39 -26.80 -6.29
N MET A 138 0.32 -27.41 -5.74
CA MET A 138 0.25 -27.92 -4.37
C MET A 138 1.21 -29.10 -4.17
N MET A 139 1.22 -30.06 -5.11
CA MET A 139 2.09 -31.25 -5.09
C MET A 139 3.57 -30.92 -5.27
N LEU A 140 3.88 -29.92 -6.13
CA LEU A 140 5.26 -29.50 -6.39
C LEU A 140 5.87 -28.80 -5.20
N LEU A 141 5.29 -27.66 -4.76
CA LEU A 141 5.76 -26.82 -3.64
C LEU A 141 6.20 -27.57 -2.38
N ARG A 142 5.54 -28.71 -2.07
CA ARG A 142 5.88 -29.55 -0.92
C ARG A 142 7.20 -30.30 -1.12
N ILE A 143 7.38 -30.95 -2.29
CA ILE A 143 8.60 -31.71 -2.60
C ILE A 143 9.38 -31.11 -3.80
N VAL A 144 9.46 -29.76 -3.84
CA VAL A 144 10.21 -29.01 -4.86
C VAL A 144 11.67 -28.84 -4.42
N VAL A 145 11.90 -28.81 -3.09
CA VAL A 145 13.20 -28.69 -2.46
C VAL A 145 13.57 -29.98 -1.70
N ARG A 146 12.54 -30.78 -1.35
CA ARG A 146 12.71 -32.05 -0.63
C ARG A 146 13.29 -33.14 -1.55
N ALA A 147 12.83 -33.19 -2.82
CA ALA A 147 13.29 -34.16 -3.81
C ALA A 147 14.74 -33.96 -4.29
N PRO A 148 15.21 -32.73 -4.70
CA PRO A 148 16.61 -32.63 -5.16
C PRO A 148 17.67 -32.65 -4.07
N LEU A 149 17.39 -32.03 -2.90
CA LEU A 149 18.31 -31.96 -1.77
C LEU A 149 18.60 -33.33 -1.12
N LEU A 150 17.61 -34.25 -1.15
CA LEU A 150 17.76 -35.59 -0.61
C LEU A 150 18.35 -36.58 -1.64
N PHE A 151 18.48 -36.14 -2.91
CA PHE A 151 19.06 -36.93 -3.99
C PHE A 151 20.51 -36.50 -4.24
N VAL A 152 20.75 -35.18 -4.43
CA VAL A 152 22.08 -34.59 -4.65
C VAL A 152 22.91 -34.76 -3.36
N GLY A 153 22.30 -34.48 -2.22
CA GLY A 153 22.90 -34.64 -0.90
C GLY A 153 22.98 -36.09 -0.44
N GLY A 154 22.19 -36.95 -1.09
CA GLY A 154 22.14 -38.38 -0.81
C GLY A 154 23.23 -39.18 -1.48
N ILE A 155 23.57 -38.83 -2.74
CA ILE A 155 24.62 -39.50 -3.52
C ILE A 155 26.03 -39.12 -3.02
N VAL A 156 26.23 -37.82 -2.66
CA VAL A 156 27.50 -37.25 -2.15
C VAL A 156 27.97 -37.99 -0.87
N MET A 157 27.04 -38.31 0.04
CA MET A 157 27.30 -39.04 1.28
C MET A 157 27.71 -40.50 1.01
N ALA A 158 27.24 -41.06 -0.12
CA ALA A 158 27.52 -42.43 -0.55
C ALA A 158 28.79 -42.53 -1.41
N VAL A 159 29.20 -41.42 -2.06
CA VAL A 159 30.40 -41.30 -2.93
C VAL A 159 31.70 -41.72 -2.20
N SER A 160 31.84 -41.31 -0.92
CA SER A 160 33.02 -41.63 -0.09
C SER A 160 33.11 -43.12 0.30
N ILE A 161 31.98 -43.85 0.25
CA ILE A 161 31.89 -45.27 0.60
C ILE A 161 32.24 -46.20 -0.58
N ASN A 162 31.65 -45.96 -1.78
CA ASN A 162 31.88 -46.78 -2.97
C ASN A 162 32.94 -46.22 -3.93
N VAL A 163 33.84 -47.11 -4.41
CA VAL A 163 34.91 -46.79 -5.35
C VAL A 163 34.70 -47.63 -6.62
N LYS A 164 34.74 -46.96 -7.81
CA LYS A 164 34.56 -47.55 -9.15
C LYS A 164 33.12 -48.09 -9.39
N LEU A 165 32.22 -47.86 -8.43
CA LEU A 165 30.80 -48.25 -8.53
C LEU A 165 29.96 -47.07 -9.04
N SER A 166 30.63 -45.96 -9.41
CA SER A 166 30.03 -44.75 -9.95
C SER A 166 29.50 -44.99 -11.36
N SER A 167 30.19 -45.86 -12.14
CA SER A 167 29.83 -46.26 -13.50
C SER A 167 28.49 -47.02 -13.52
N VAL A 168 28.24 -47.83 -12.47
CA VAL A 168 27.00 -48.61 -12.27
C VAL A 168 25.84 -47.63 -12.01
N LEU A 169 26.10 -46.57 -11.20
CA LEU A 169 25.14 -45.53 -10.85
C LEU A 169 24.74 -44.68 -12.07
N ILE A 170 25.71 -44.36 -12.95
CA ILE A 170 25.49 -43.60 -14.19
C ILE A 170 24.66 -44.43 -15.19
N PHE A 171 24.95 -45.76 -15.27
CA PHE A 171 24.23 -46.69 -16.14
C PHE A 171 22.78 -46.95 -15.66
N LEU A 172 22.47 -46.63 -14.38
CA LEU A 172 21.13 -46.78 -13.79
C LEU A 172 20.20 -45.61 -14.13
N ILE A 173 20.76 -44.50 -14.68
CA ILE A 173 20.01 -43.29 -15.07
C ILE A 173 19.14 -43.57 -16.34
N PRO A 174 19.69 -44.06 -17.50
CA PRO A 174 18.81 -44.28 -18.68
C PRO A 174 17.60 -45.23 -18.49
N PRO A 175 17.63 -46.40 -17.78
CA PRO A 175 16.38 -47.21 -17.66
C PRO A 175 15.30 -46.52 -16.83
N ILE A 176 15.70 -45.69 -15.85
CA ILE A 176 14.81 -44.92 -14.98
C ILE A 176 14.19 -43.74 -15.78
N VAL A 177 15.00 -43.09 -16.65
CA VAL A 177 14.57 -41.99 -17.51
C VAL A 177 13.51 -42.48 -18.52
N LEU A 178 13.73 -43.67 -19.10
CA LEU A 178 12.82 -44.32 -20.06
C LEU A 178 11.44 -44.63 -19.46
N LEU A 179 11.40 -44.96 -18.15
CA LEU A 179 10.20 -45.30 -17.39
C LEU A 179 9.17 -44.15 -17.36
N PHE A 180 9.65 -42.89 -17.17
CA PHE A 180 8.75 -41.73 -17.13
C PHE A 180 8.58 -41.06 -18.50
N VAL A 181 9.54 -41.25 -19.44
CA VAL A 181 9.47 -40.68 -20.80
C VAL A 181 8.38 -41.42 -21.60
N TRP A 182 8.24 -42.76 -21.40
CA TRP A 182 7.21 -43.59 -22.02
C TRP A 182 5.83 -43.21 -21.45
N LEU A 183 5.81 -42.85 -20.15
CA LEU A 183 4.62 -42.41 -19.42
C LEU A 183 4.15 -41.02 -19.90
N THR A 184 5.05 -40.23 -20.52
CA THR A 184 4.77 -38.91 -21.07
C THR A 184 4.25 -39.02 -22.51
N LYS A 185 4.83 -39.96 -23.29
CA LYS A 185 4.49 -40.21 -24.69
C LYS A 185 3.08 -40.80 -24.86
N LYS A 186 2.76 -41.89 -24.14
CA LYS A 186 1.46 -42.56 -24.18
C LYS A 186 0.43 -41.95 -23.23
N GLY A 187 0.91 -41.39 -22.12
CA GLY A 187 0.09 -40.78 -21.07
C GLY A 187 -0.71 -39.56 -21.48
N ASN A 188 -0.02 -38.49 -21.95
CA ASN A 188 -0.61 -37.21 -22.37
C ASN A 188 -1.86 -37.35 -23.29
N PRO A 189 -1.87 -38.13 -24.41
CA PRO A 189 -3.12 -38.22 -25.21
C PRO A 189 -4.25 -38.97 -24.51
N LEU A 190 -3.91 -39.98 -23.69
CA LEU A 190 -4.88 -40.78 -22.93
C LEU A 190 -5.48 -40.02 -21.75
N PHE A 191 -4.68 -39.18 -21.06
CA PHE A 191 -5.09 -38.34 -19.94
C PHE A 191 -5.96 -37.18 -20.44
N ARG A 192 -5.81 -36.83 -21.73
CA ARG A 192 -6.58 -35.80 -22.42
C ARG A 192 -7.95 -36.37 -22.77
N LYS A 193 -8.01 -37.69 -23.08
CA LYS A 193 -9.25 -38.42 -23.40
C LYS A 193 -10.20 -38.49 -22.20
N ILE A 194 -9.67 -38.36 -20.97
CA ILE A 194 -10.44 -38.35 -19.71
C ILE A 194 -11.22 -37.02 -19.67
N GLN A 195 -10.50 -35.89 -19.83
CA GLN A 195 -11.04 -34.52 -19.83
C GLN A 195 -11.96 -34.28 -21.04
N GLU A 196 -11.81 -35.08 -22.11
CA GLU A 196 -12.65 -35.02 -23.30
C GLU A 196 -13.93 -35.80 -23.07
N SER A 197 -13.86 -36.92 -22.32
CA SER A 197 -15.02 -37.76 -22.00
C SER A 197 -15.90 -37.13 -20.92
N THR A 198 -15.31 -36.27 -20.05
CA THR A 198 -16.04 -35.53 -19.00
C THR A 198 -16.96 -34.49 -19.67
N ASP A 199 -16.52 -33.95 -20.84
CA ASP A 199 -17.28 -32.99 -21.65
C ASP A 199 -18.54 -33.64 -22.21
N GLU A 200 -18.51 -34.98 -22.41
CA GLU A 200 -19.66 -35.72 -22.90
C GLU A 200 -20.69 -35.95 -21.81
N VAL A 201 -20.26 -36.38 -20.59
CA VAL A 201 -21.19 -36.55 -19.47
C VAL A 201 -21.76 -35.19 -19.01
N ASN A 202 -20.99 -34.11 -19.28
CA ASN A 202 -21.33 -32.71 -19.03
C ASN A 202 -22.43 -32.30 -19.99
N ARG A 203 -22.32 -32.72 -21.26
CA ARG A 203 -23.28 -32.43 -22.31
C ARG A 203 -24.58 -33.21 -22.12
N VAL A 204 -24.48 -34.50 -21.75
CA VAL A 204 -25.62 -35.39 -21.52
C VAL A 204 -26.48 -34.86 -20.36
N VAL A 205 -25.83 -34.40 -19.26
CA VAL A 205 -26.53 -33.85 -18.10
C VAL A 205 -27.19 -32.50 -18.43
N ARG A 206 -26.49 -31.62 -19.20
CA ARG A 206 -26.99 -30.31 -19.63
C ARG A 206 -28.19 -30.41 -20.58
N GLU A 207 -28.23 -31.47 -21.42
CA GLU A 207 -29.30 -31.74 -22.37
C GLU A 207 -30.60 -32.07 -21.64
N ASN A 208 -30.50 -32.90 -20.60
CA ASN A 208 -31.64 -33.27 -19.78
C ASN A 208 -32.05 -32.15 -18.83
N LEU A 209 -31.09 -31.27 -18.45
CA LEU A 209 -31.33 -30.12 -17.58
C LEU A 209 -32.09 -29.02 -18.33
N LEU A 210 -31.57 -28.60 -19.51
CA LEU A 210 -32.20 -27.60 -20.38
C LEU A 210 -33.16 -28.31 -21.32
N GLY A 211 -34.38 -28.46 -20.86
CA GLY A 211 -35.44 -29.14 -21.61
C GLY A 211 -35.75 -30.51 -21.05
N VAL A 212 -36.17 -30.55 -19.77
CA VAL A 212 -36.57 -31.78 -19.10
C VAL A 212 -38.02 -32.09 -19.50
N ARG A 213 -38.81 -31.03 -19.79
CA ARG A 213 -40.20 -31.10 -20.23
C ARG A 213 -40.35 -31.84 -21.56
N VAL A 214 -39.34 -31.73 -22.46
CA VAL A 214 -39.32 -32.40 -23.76
C VAL A 214 -39.07 -33.91 -23.57
N VAL A 215 -38.14 -34.26 -22.66
CA VAL A 215 -37.78 -35.65 -22.34
C VAL A 215 -38.98 -36.41 -21.74
N ARG A 216 -39.66 -35.79 -20.75
CA ARG A 216 -40.81 -36.35 -20.04
C ARG A 216 -42.04 -36.51 -20.94
N ALA A 217 -42.32 -35.51 -21.82
CA ALA A 217 -43.46 -35.48 -22.76
C ALA A 217 -43.46 -36.63 -23.72
N PHE A 218 -42.27 -37.08 -24.17
CA PHE A 218 -42.15 -38.19 -25.10
C PHE A 218 -41.62 -39.46 -24.43
N ARG A 219 -41.60 -39.47 -23.08
CA ARG A 219 -41.21 -40.59 -22.18
C ARG A 219 -39.81 -41.20 -22.46
N ARG A 220 -39.01 -40.56 -23.33
CA ARG A 220 -37.68 -41.03 -23.71
C ARG A 220 -36.63 -40.82 -22.61
N GLU A 221 -37.04 -41.00 -21.34
CA GLU A 221 -36.20 -40.88 -20.15
C GLU A 221 -35.20 -42.02 -20.12
N GLU A 222 -35.66 -43.22 -20.50
CA GLU A 222 -34.85 -44.45 -20.57
C GLU A 222 -33.82 -44.33 -21.68
N TYR A 223 -34.16 -43.63 -22.78
CA TYR A 223 -33.27 -43.39 -23.93
C TYR A 223 -32.11 -42.50 -23.49
N GLU A 224 -32.40 -41.44 -22.70
CA GLU A 224 -31.40 -40.53 -22.16
C GLU A 224 -30.60 -41.23 -21.07
N ASN A 225 -31.24 -42.20 -20.34
CA ASN A 225 -30.59 -43.01 -19.32
C ASN A 225 -29.56 -43.91 -19.98
N GLU A 226 -29.90 -44.43 -21.18
CA GLU A 226 -29.02 -45.27 -22.00
C GLU A 226 -27.94 -44.40 -22.61
N ASN A 227 -28.29 -43.16 -23.01
CA ASN A 227 -27.36 -42.16 -23.56
C ASN A 227 -26.32 -41.75 -22.53
N PHE A 228 -26.72 -41.69 -21.24
CA PHE A 228 -25.83 -41.37 -20.13
C PHE A 228 -24.93 -42.55 -19.81
N ARG A 229 -25.49 -43.78 -19.85
CA ARG A 229 -24.75 -45.03 -19.58
C ARG A 229 -23.67 -45.26 -20.66
N LYS A 230 -23.95 -44.86 -21.91
CA LYS A 230 -23.03 -44.96 -23.05
C LYS A 230 -21.86 -43.97 -22.90
N ALA A 231 -22.09 -42.82 -22.23
CA ALA A 231 -21.08 -41.78 -21.98
C ALA A 231 -20.34 -41.99 -20.66
N ASN A 232 -21.02 -42.61 -19.65
CA ASN A 232 -20.46 -42.91 -18.34
C ASN A 232 -19.46 -44.06 -18.47
N GLU A 233 -19.78 -45.05 -19.34
CA GLU A 233 -18.90 -46.19 -19.65
C GLU A 233 -17.71 -45.68 -20.44
N SER A 234 -17.93 -44.66 -21.31
CA SER A 234 -16.91 -44.02 -22.13
C SER A 234 -15.90 -43.29 -21.25
N LEU A 235 -16.36 -42.70 -20.13
CA LEU A 235 -15.50 -41.98 -19.19
C LEU A 235 -14.67 -42.91 -18.31
N ARG A 236 -15.29 -43.94 -17.70
CA ARG A 236 -14.61 -44.90 -16.82
C ARG A 236 -13.55 -45.73 -17.58
N ARG A 237 -13.80 -46.00 -18.87
CA ARG A 237 -12.87 -46.75 -19.72
C ARG A 237 -11.73 -45.86 -20.21
N SER A 238 -11.96 -44.53 -20.29
CA SER A 238 -10.96 -43.54 -20.67
C SER A 238 -9.98 -43.31 -19.52
N ILE A 239 -10.49 -43.49 -18.27
CA ILE A 239 -9.71 -43.35 -17.03
C ILE A 239 -8.79 -44.55 -16.85
N ILE A 240 -9.34 -45.79 -16.92
CA ILE A 240 -8.58 -47.04 -16.77
C ILE A 240 -7.52 -47.23 -17.88
N SER A 241 -7.70 -46.60 -19.05
CA SER A 241 -6.75 -46.67 -20.18
C SER A 241 -5.48 -45.85 -19.91
N ALA A 242 -5.63 -44.66 -19.29
CA ALA A 242 -4.51 -43.78 -18.96
C ALA A 242 -3.85 -44.20 -17.64
N PHE A 243 -4.67 -44.63 -16.66
CA PHE A 243 -4.21 -45.05 -15.33
C PHE A 243 -3.51 -46.41 -15.35
N SER A 244 -3.72 -47.23 -16.40
CA SER A 244 -3.07 -48.54 -16.58
C SER A 244 -1.55 -48.38 -16.68
N LEU A 245 -1.10 -47.25 -17.28
CA LEU A 245 0.31 -46.86 -17.45
C LEU A 245 0.99 -46.71 -16.09
N ILE A 246 0.26 -46.17 -15.11
CA ILE A 246 0.74 -45.97 -13.73
C ILE A 246 0.83 -47.31 -13.01
N VAL A 247 -0.15 -48.21 -13.25
CA VAL A 247 -0.20 -49.55 -12.65
C VAL A 247 0.94 -50.41 -13.21
N PHE A 248 1.16 -50.38 -14.54
CA PHE A 248 2.21 -51.14 -15.24
C PHE A 248 3.63 -50.65 -14.91
N ALA A 249 3.79 -49.37 -14.55
CA ALA A 249 5.09 -48.79 -14.18
C ALA A 249 5.53 -49.17 -12.77
N LEU A 250 4.58 -49.62 -11.92
CA LEU A 250 4.84 -50.03 -10.53
C LEU A 250 5.71 -51.30 -10.39
N PRO A 251 5.43 -52.48 -11.03
CA PRO A 251 6.34 -53.63 -10.85
C PRO A 251 7.71 -53.45 -11.51
N LEU A 252 7.78 -52.62 -12.59
CA LEU A 252 9.01 -52.31 -13.32
C LEU A 252 9.95 -51.43 -12.51
N PHE A 253 9.43 -50.31 -11.95
CA PHE A 253 10.22 -49.37 -11.14
C PHE A 253 10.73 -50.02 -9.85
N ILE A 254 9.89 -50.86 -9.20
CA ILE A 254 10.24 -51.59 -7.97
C ILE A 254 11.32 -52.64 -8.29
N PHE A 255 11.25 -53.30 -9.46
CA PHE A 255 12.23 -54.30 -9.88
C PHE A 255 13.63 -53.73 -10.18
N ILE A 256 13.72 -52.47 -10.68
CA ILE A 256 15.01 -51.81 -10.97
C ILE A 256 15.73 -51.47 -9.64
N VAL A 257 14.94 -51.19 -8.57
CA VAL A 257 15.44 -50.91 -7.21
C VAL A 257 16.05 -52.21 -6.66
N ASN A 258 15.37 -53.36 -6.89
CA ASN A 258 15.80 -54.70 -6.49
C ASN A 258 17.04 -55.12 -7.29
N MET A 259 17.07 -54.79 -8.61
CA MET A 259 18.19 -55.07 -9.53
C MET A 259 19.41 -54.22 -9.15
N GLY A 260 19.16 -53.01 -8.65
CA GLY A 260 20.19 -52.10 -8.18
C GLY A 260 20.87 -52.62 -6.93
N MET A 261 20.07 -53.24 -6.03
CA MET A 261 20.54 -53.86 -4.79
C MET A 261 21.35 -55.13 -5.08
N ILE A 262 20.98 -55.86 -6.17
CA ILE A 262 21.67 -57.06 -6.65
C ILE A 262 23.08 -56.69 -7.15
N ALA A 263 23.19 -55.53 -7.84
CA ALA A 263 24.45 -54.97 -8.35
C ALA A 263 25.38 -54.54 -7.21
N VAL A 264 24.79 -54.14 -6.05
CA VAL A 264 25.52 -53.72 -4.85
C VAL A 264 26.08 -54.97 -4.14
N LEU A 265 25.24 -56.02 -3.97
CA LEU A 265 25.61 -57.28 -3.31
C LEU A 265 26.67 -58.09 -4.08
N TRP A 266 26.58 -58.12 -5.43
CA TRP A 266 27.52 -58.83 -6.31
C TRP A 266 28.90 -58.20 -6.29
N PHE A 267 28.97 -56.85 -6.42
CA PHE A 267 30.20 -56.07 -6.41
C PHE A 267 30.74 -55.83 -4.99
N GLY A 268 29.87 -56.00 -3.99
CA GLY A 268 30.19 -55.83 -2.58
C GLY A 268 31.10 -56.91 -2.02
N GLY A 269 30.87 -58.14 -2.46
CA GLY A 269 31.65 -59.32 -2.06
C GLY A 269 33.06 -59.32 -2.62
N VAL A 270 33.26 -58.65 -3.78
CA VAL A 270 34.55 -58.50 -4.47
C VAL A 270 35.44 -57.54 -3.67
N LEU A 271 34.83 -56.47 -3.09
CA LEU A 271 35.50 -55.45 -2.27
C LEU A 271 36.09 -56.03 -0.97
N VAL A 272 35.55 -57.17 -0.48
CA VAL A 272 36.01 -57.86 0.72
C VAL A 272 37.35 -58.57 0.40
N ARG A 273 37.45 -59.15 -0.81
CA ARG A 273 38.62 -59.86 -1.33
C ARG A 273 39.79 -58.89 -1.60
N ASN A 274 39.47 -57.65 -2.03
CA ASN A 274 40.44 -56.59 -2.34
C ASN A 274 40.76 -55.68 -1.14
N ASN A 275 39.97 -55.78 -0.05
CA ASN A 275 40.07 -55.00 1.19
C ASN A 275 39.96 -53.48 0.95
N GLN A 276 38.88 -53.07 0.26
CA GLN A 276 38.59 -51.66 -0.08
C GLN A 276 37.51 -51.05 0.82
N MET A 277 36.63 -51.91 1.40
CA MET A 277 35.55 -51.50 2.30
C MET A 277 35.54 -52.38 3.56
N GLU A 278 35.35 -51.75 4.73
CA GLU A 278 35.33 -52.41 6.05
C GLU A 278 34.13 -53.36 6.25
N ILE A 279 34.19 -54.20 7.31
CA ILE A 279 33.15 -55.18 7.68
C ILE A 279 31.81 -54.53 8.07
N GLY A 280 31.86 -53.31 8.60
CA GLY A 280 30.70 -52.53 9.01
C GLY A 280 30.33 -51.39 8.08
N SER A 281 31.04 -51.26 6.94
CA SER A 281 30.81 -50.22 5.94
C SER A 281 29.59 -50.50 5.04
N ILE A 282 29.15 -51.77 4.99
CA ILE A 282 27.97 -52.20 4.21
C ILE A 282 26.66 -51.72 4.85
N MET A 283 26.68 -51.46 6.18
CA MET A 283 25.53 -50.95 6.95
C MET A 283 25.19 -49.51 6.54
N ALA A 284 26.24 -48.67 6.38
CA ALA A 284 26.13 -47.26 6.00
C ALA A 284 25.66 -47.07 4.56
N TYR A 285 26.22 -47.85 3.61
CA TYR A 285 25.88 -47.77 2.17
C TYR A 285 24.45 -48.23 1.86
N THR A 286 23.91 -49.20 2.65
CA THR A 286 22.53 -49.69 2.50
C THR A 286 21.51 -48.63 2.95
N ASN A 287 21.92 -47.76 3.91
CA ASN A 287 21.11 -46.66 4.42
C ASN A 287 21.09 -45.50 3.41
N TYR A 288 22.23 -45.25 2.73
CA TYR A 288 22.35 -44.21 1.70
C TYR A 288 21.61 -44.59 0.43
N LEU A 289 21.61 -45.90 0.08
CA LEU A 289 20.93 -46.46 -1.11
C LEU A 289 19.41 -46.25 -1.03
N MET A 290 18.83 -46.37 0.18
CA MET A 290 17.40 -46.16 0.45
C MET A 290 17.01 -44.69 0.22
N GLN A 291 17.86 -43.75 0.67
CA GLN A 291 17.67 -42.29 0.53
C GLN A 291 17.71 -41.85 -0.94
N ILE A 292 18.53 -42.54 -1.77
CA ILE A 292 18.67 -42.24 -3.21
C ILE A 292 17.41 -42.73 -3.97
N MET A 293 16.95 -43.96 -3.66
CA MET A 293 15.76 -44.59 -4.28
C MET A 293 14.45 -43.90 -3.89
N PHE A 294 14.33 -43.43 -2.63
CA PHE A 294 13.15 -42.73 -2.10
C PHE A 294 13.03 -41.35 -2.76
N SER A 295 14.17 -40.69 -3.02
CA SER A 295 14.25 -39.38 -3.69
C SER A 295 13.96 -39.53 -5.19
N LEU A 296 14.33 -40.70 -5.76
CA LEU A 296 14.10 -41.06 -7.16
C LEU A 296 12.60 -41.31 -7.38
N MET A 297 11.91 -41.84 -6.35
CA MET A 297 10.47 -42.11 -6.33
C MET A 297 9.68 -40.81 -6.22
N MET A 298 10.26 -39.80 -5.52
CA MET A 298 9.67 -38.47 -5.33
C MET A 298 9.54 -37.69 -6.64
N ILE A 299 10.51 -37.87 -7.56
CA ILE A 299 10.52 -37.24 -8.89
C ILE A 299 9.50 -37.95 -9.80
N GLY A 300 9.43 -39.29 -9.69
CA GLY A 300 8.52 -40.13 -10.44
C GLY A 300 7.05 -39.97 -10.11
N ASN A 301 6.75 -39.50 -8.88
CA ASN A 301 5.38 -39.28 -8.42
C ASN A 301 4.79 -37.95 -8.94
N ILE A 302 5.58 -36.86 -8.89
CA ILE A 302 5.16 -35.53 -9.40
C ILE A 302 5.06 -35.53 -10.93
N LEU A 303 5.90 -36.35 -11.61
CA LEU A 303 5.90 -36.50 -13.06
C LEU A 303 4.61 -37.17 -13.56
N ASN A 304 3.97 -37.98 -12.68
CA ASN A 304 2.70 -38.65 -12.98
C ASN A 304 1.56 -37.63 -12.92
N PHE A 305 1.71 -36.60 -12.05
CA PHE A 305 0.74 -35.52 -11.92
C PHE A 305 0.93 -34.58 -13.12
N ILE A 306 2.18 -34.44 -13.61
CA ILE A 306 2.58 -33.60 -14.75
C ILE A 306 1.85 -34.03 -16.04
N VAL A 307 1.76 -35.34 -16.34
CA VAL A 307 1.09 -35.84 -17.55
C VAL A 307 -0.43 -35.58 -17.52
N ARG A 308 -1.03 -35.56 -16.32
CA ARG A 308 -2.45 -35.27 -16.10
C ARG A 308 -2.66 -33.76 -16.21
N ALA A 309 -1.71 -32.97 -15.68
CA ALA A 309 -1.75 -31.51 -15.69
C ALA A 309 -1.43 -30.91 -17.05
N SER A 310 -0.53 -31.53 -17.84
CA SER A 310 -0.13 -31.07 -19.18
C SER A 310 -1.28 -31.17 -20.17
N ALA A 311 -2.09 -32.26 -20.05
CA ALA A 311 -3.27 -32.52 -20.87
C ALA A 311 -4.36 -31.48 -20.57
N SER A 312 -4.42 -31.03 -19.29
CA SER A 312 -5.35 -30.02 -18.79
C SER A 312 -4.83 -28.60 -19.06
N ALA A 313 -3.50 -28.43 -19.21
CA ALA A 313 -2.84 -27.15 -19.48
C ALA A 313 -3.14 -26.70 -20.90
N LYS A 314 -3.12 -27.65 -21.87
CA LYS A 314 -3.41 -27.41 -23.28
C LYS A 314 -4.82 -26.87 -23.43
N ARG A 315 -5.80 -27.48 -22.74
CA ARG A 315 -7.21 -27.10 -22.74
C ARG A 315 -7.46 -25.70 -22.19
N VAL A 316 -6.71 -25.32 -21.13
CA VAL A 316 -6.79 -24.00 -20.49
C VAL A 316 -6.20 -22.92 -21.41
N LEU A 317 -4.95 -23.13 -21.88
CA LEU A 317 -4.21 -22.19 -22.73
C LEU A 317 -4.88 -21.92 -24.07
N GLU A 318 -5.51 -22.95 -24.70
CA GLU A 318 -6.18 -22.79 -26.00
C GLU A 318 -7.42 -21.90 -25.90
N VAL A 319 -8.03 -21.80 -24.70
CA VAL A 319 -9.20 -20.93 -24.44
C VAL A 319 -8.68 -19.48 -24.36
N LEU A 320 -7.56 -19.27 -23.64
CA LEU A 320 -6.92 -17.97 -23.47
C LEU A 320 -6.32 -17.42 -24.77
N ASN A 321 -5.63 -18.28 -25.54
CA ASN A 321 -5.00 -17.89 -26.82
C ASN A 321 -6.00 -17.80 -27.99
N GLU A 322 -7.27 -18.21 -27.78
CA GLU A 322 -8.33 -18.15 -28.80
C GLU A 322 -8.75 -16.70 -29.02
N LYS A 323 -8.48 -16.18 -30.22
CA LYS A 323 -8.84 -14.82 -30.61
C LYS A 323 -10.35 -14.72 -30.85
N PRO A 324 -11.07 -13.77 -30.19
CA PRO A 324 -12.51 -13.67 -30.42
C PRO A 324 -12.84 -13.21 -31.84
N ALA A 325 -13.95 -13.71 -32.42
CA ALA A 325 -14.41 -13.36 -33.77
C ALA A 325 -14.71 -11.88 -33.92
N ILE A 326 -15.09 -11.21 -32.82
CA ILE A 326 -15.38 -9.78 -32.78
C ILE A 326 -14.41 -9.11 -31.80
N GLU A 327 -13.47 -8.32 -32.35
CA GLU A 327 -12.42 -7.62 -31.61
C GLU A 327 -12.46 -6.11 -31.81
N GLU A 328 -12.07 -5.35 -30.77
CA GLU A 328 -12.02 -3.89 -30.77
C GLU A 328 -10.65 -3.44 -31.29
N ALA A 329 -10.63 -2.50 -32.26
CA ALA A 329 -9.41 -1.96 -32.88
C ALA A 329 -8.54 -1.19 -31.88
N ASP A 330 -7.20 -1.27 -32.04
CA ASP A 330 -6.22 -0.62 -31.17
C ASP A 330 -6.30 0.91 -31.25
N ASN A 331 -6.46 1.45 -32.47
CA ASN A 331 -6.56 2.88 -32.74
C ASN A 331 -8.03 3.31 -33.02
N ALA A 332 -9.00 2.59 -32.40
CA ALA A 332 -10.42 2.87 -32.54
C ALA A 332 -10.83 4.15 -31.79
N LEU A 333 -11.70 4.96 -32.42
CA LEU A 333 -12.19 6.21 -31.83
C LEU A 333 -13.53 5.96 -31.14
N ALA A 334 -13.56 6.23 -29.82
CA ALA A 334 -14.75 6.06 -28.98
C ALA A 334 -15.82 7.09 -29.36
N LEU A 335 -17.09 6.66 -29.41
CA LEU A 335 -18.20 7.54 -29.76
C LEU A 335 -19.02 7.95 -28.54
N PRO A 336 -18.87 9.20 -28.05
CA PRO A 336 -19.65 9.63 -26.87
C PRO A 336 -21.12 9.90 -27.18
N ASN A 337 -21.42 10.35 -28.41
CA ASN A 337 -22.76 10.65 -28.88
C ASN A 337 -23.03 10.02 -30.24
N VAL A 338 -24.20 9.35 -30.37
CA VAL A 338 -24.64 8.68 -31.60
C VAL A 338 -25.95 9.34 -32.05
N GLU A 339 -25.99 9.82 -33.30
CA GLU A 339 -27.19 10.48 -33.87
C GLU A 339 -28.26 9.48 -34.31
N GLY A 340 -27.82 8.34 -34.85
CA GLY A 340 -28.69 7.27 -35.32
C GLY A 340 -28.82 7.13 -36.82
N SER A 341 -27.83 7.64 -37.58
CA SER A 341 -27.83 7.56 -39.04
C SER A 341 -27.35 6.18 -39.49
N VAL A 342 -28.30 5.24 -39.57
CA VAL A 342 -28.04 3.86 -39.97
C VAL A 342 -27.96 3.79 -41.49
N SER A 343 -26.88 3.19 -42.03
CA SER A 343 -26.66 3.05 -43.46
C SER A 343 -25.93 1.76 -43.80
N PHE A 344 -26.33 1.10 -44.90
CA PHE A 344 -25.74 -0.16 -45.35
C PHE A 344 -25.18 0.00 -46.77
N GLU A 345 -23.94 -0.46 -46.99
CA GLU A 345 -23.27 -0.36 -48.28
C GLU A 345 -22.88 -1.75 -48.82
N ASN A 346 -23.76 -2.33 -49.68
CA ASN A 346 -23.64 -3.64 -50.34
C ASN A 346 -23.19 -4.75 -49.38
N VAL A 347 -23.86 -4.84 -48.22
CA VAL A 347 -23.57 -5.80 -47.16
C VAL A 347 -23.88 -7.23 -47.60
N GLU A 348 -22.88 -8.10 -47.48
CA GLU A 348 -22.93 -9.52 -47.83
C GLU A 348 -22.29 -10.33 -46.70
N PHE A 349 -23.09 -11.19 -46.05
CA PHE A 349 -22.62 -12.03 -44.94
C PHE A 349 -22.96 -13.50 -45.13
N ARG A 350 -22.02 -14.37 -44.75
CA ARG A 350 -22.12 -15.82 -44.82
C ARG A 350 -21.58 -16.43 -43.52
N TYR A 351 -22.26 -17.47 -42.99
CA TYR A 351 -21.85 -18.15 -41.76
C TYR A 351 -20.80 -19.23 -42.02
N PHE A 352 -21.00 -20.06 -43.07
CA PHE A 352 -20.10 -21.14 -43.46
C PHE A 352 -19.76 -21.06 -44.95
N GLU A 353 -18.48 -21.31 -45.29
CA GLU A 353 -17.93 -21.27 -46.65
C GLU A 353 -18.64 -22.22 -47.64
N ASN A 354 -18.98 -23.45 -47.19
CA ASN A 354 -19.64 -24.46 -48.01
C ASN A 354 -21.11 -24.15 -48.34
N THR A 355 -21.80 -23.42 -47.44
CA THR A 355 -23.22 -23.03 -47.61
C THR A 355 -23.37 -21.76 -48.45
N ASP A 356 -24.59 -21.53 -48.98
CA ASP A 356 -24.94 -20.36 -49.79
C ASP A 356 -25.03 -19.09 -48.92
N PRO A 357 -24.85 -17.86 -49.48
CA PRO A 357 -24.90 -16.65 -48.64
C PRO A 357 -26.25 -16.38 -47.99
N VAL A 358 -26.24 -16.06 -46.69
CA VAL A 358 -27.42 -15.74 -45.87
C VAL A 358 -28.00 -14.39 -46.30
N LEU A 359 -27.14 -13.34 -46.36
CA LEU A 359 -27.50 -12.00 -46.79
C LEU A 359 -26.54 -11.54 -47.88
N SER A 360 -27.05 -10.85 -48.91
CA SER A 360 -26.25 -10.36 -50.05
C SER A 360 -26.88 -9.16 -50.74
N GLY A 361 -26.03 -8.25 -51.21
CA GLY A 361 -26.40 -7.03 -51.94
C GLY A 361 -27.39 -6.13 -51.24
N VAL A 362 -27.26 -6.01 -49.90
CA VAL A 362 -28.14 -5.17 -49.07
C VAL A 362 -27.55 -3.77 -48.97
N ASN A 363 -28.26 -2.79 -49.55
CA ASN A 363 -27.85 -1.38 -49.59
C ASN A 363 -29.05 -0.45 -49.44
N PHE A 364 -29.21 0.17 -48.25
CA PHE A 364 -30.29 1.12 -47.95
C PHE A 364 -29.96 2.03 -46.77
N SER A 365 -30.33 3.32 -46.90
CA SER A 365 -30.12 4.35 -45.89
C SER A 365 -31.35 4.52 -45.01
N VAL A 366 -31.13 4.67 -43.69
CA VAL A 366 -32.18 4.83 -42.68
C VAL A 366 -32.05 6.20 -42.00
N LYS A 367 -33.15 6.96 -41.93
CA LYS A 367 -33.23 8.28 -41.29
C LYS A 367 -33.23 8.13 -39.76
N PRO A 368 -32.54 9.02 -39.00
CA PRO A 368 -32.54 8.89 -37.53
C PRO A 368 -33.85 9.36 -36.88
N GLY A 369 -34.34 8.57 -35.92
CA GLY A 369 -35.57 8.86 -35.20
C GLY A 369 -36.80 8.15 -35.74
N SER A 370 -36.78 7.79 -37.04
CA SER A 370 -37.88 7.13 -37.74
C SER A 370 -38.05 5.65 -37.43
N LEU A 371 -39.31 5.22 -37.28
CA LEU A 371 -39.73 3.84 -37.02
C LEU A 371 -39.74 3.06 -38.35
N VAL A 372 -39.03 1.91 -38.39
CA VAL A 372 -38.92 1.06 -39.59
C VAL A 372 -39.45 -0.34 -39.29
N ALA A 373 -40.39 -0.82 -40.13
CA ALA A 373 -40.97 -2.16 -40.00
C ALA A 373 -40.27 -3.10 -40.97
N VAL A 374 -39.72 -4.20 -40.44
CA VAL A 374 -39.02 -5.21 -41.23
C VAL A 374 -39.84 -6.49 -41.27
N LEU A 375 -40.27 -6.91 -42.47
CA LEU A 375 -41.10 -8.09 -42.69
C LEU A 375 -40.45 -9.05 -43.68
N GLY A 376 -40.90 -10.29 -43.67
CA GLY A 376 -40.41 -11.35 -44.56
C GLY A 376 -40.68 -12.75 -44.05
N GLU A 377 -40.43 -13.75 -44.91
CA GLU A 377 -40.62 -15.16 -44.58
C GLU A 377 -39.57 -15.67 -43.57
N THR A 378 -39.83 -16.84 -42.96
CA THR A 378 -38.94 -17.50 -42.00
C THR A 378 -37.68 -17.97 -42.73
N GLY A 379 -36.53 -17.41 -42.32
CA GLY A 379 -35.23 -17.70 -42.91
C GLY A 379 -34.78 -16.70 -43.95
N SER A 380 -35.27 -15.45 -43.86
CA SER A 380 -34.95 -14.36 -44.79
C SER A 380 -33.62 -13.69 -44.43
N GLY A 381 -33.46 -13.34 -43.16
CA GLY A 381 -32.27 -12.69 -42.63
C GLY A 381 -32.56 -11.41 -41.85
N LYS A 382 -33.76 -11.34 -41.24
CA LYS A 382 -34.21 -10.19 -40.45
C LYS A 382 -33.39 -10.06 -39.17
N SER A 383 -33.27 -11.14 -38.38
CA SER A 383 -32.50 -11.18 -37.13
C SER A 383 -31.00 -11.00 -37.42
N THR A 384 -30.49 -11.65 -38.50
CA THR A 384 -29.09 -11.60 -38.94
C THR A 384 -28.66 -10.18 -39.29
N LEU A 385 -29.47 -9.46 -40.11
CA LEU A 385 -29.19 -8.07 -40.51
C LEU A 385 -29.21 -7.13 -39.32
N MET A 386 -30.12 -7.37 -38.36
CA MET A 386 -30.23 -6.57 -37.15
C MET A 386 -29.10 -6.82 -36.16
N ASN A 387 -28.33 -7.92 -36.35
CA ASN A 387 -27.18 -8.27 -35.52
C ASN A 387 -25.90 -7.56 -36.02
N LEU A 388 -25.94 -6.98 -37.24
CA LEU A 388 -24.80 -6.25 -37.83
C LEU A 388 -24.62 -4.88 -37.17
N ILE A 389 -25.74 -4.23 -36.77
CA ILE A 389 -25.78 -2.91 -36.13
C ILE A 389 -24.97 -2.87 -34.79
N PRO A 390 -25.21 -3.72 -33.75
CA PRO A 390 -24.38 -3.63 -32.54
C PRO A 390 -23.08 -4.44 -32.61
N ARG A 391 -22.64 -4.79 -33.84
CA ARG A 391 -21.43 -5.55 -34.19
C ARG A 391 -21.39 -6.93 -33.52
N LEU A 392 -22.42 -7.74 -33.76
CA LEU A 392 -22.50 -9.11 -33.25
C LEU A 392 -21.93 -10.08 -34.28
N ILE A 393 -21.88 -9.64 -35.56
CA ILE A 393 -21.36 -10.36 -36.73
C ILE A 393 -20.71 -9.39 -37.73
N ASP A 394 -19.52 -9.75 -38.25
CA ASP A 394 -18.78 -8.93 -39.23
C ASP A 394 -19.01 -9.44 -40.67
N PRO A 395 -19.37 -8.57 -41.63
CA PRO A 395 -19.61 -9.05 -43.01
C PRO A 395 -18.34 -9.40 -43.79
N GLU A 396 -18.45 -10.37 -44.72
CA GLU A 396 -17.36 -10.82 -45.58
C GLU A 396 -17.08 -9.82 -46.71
N ARG A 397 -18.17 -9.33 -47.34
CA ARG A 397 -18.14 -8.32 -48.40
C ARG A 397 -19.10 -7.20 -48.01
N GLY A 398 -18.68 -5.95 -48.23
CA GLY A 398 -19.48 -4.78 -47.88
C GLY A 398 -19.28 -4.32 -46.46
N ARG A 399 -19.76 -3.10 -46.14
CA ARG A 399 -19.61 -2.52 -44.81
C ARG A 399 -20.91 -1.92 -44.23
N VAL A 400 -21.00 -1.92 -42.89
CA VAL A 400 -22.12 -1.37 -42.12
C VAL A 400 -21.68 0.01 -41.60
N GLU A 401 -22.56 1.02 -41.75
CA GLU A 401 -22.24 2.39 -41.32
C GLU A 401 -23.25 2.97 -40.34
N VAL A 402 -22.75 3.46 -39.19
CA VAL A 402 -23.51 4.12 -38.13
C VAL A 402 -22.96 5.55 -38.02
N ASP A 403 -23.83 6.56 -38.25
CA ASP A 403 -23.52 8.00 -38.25
C ASP A 403 -22.53 8.35 -39.38
N GLU A 404 -22.70 7.69 -40.55
CA GLU A 404 -21.91 7.79 -41.78
C GLU A 404 -20.41 7.52 -41.53
N LEU A 405 -20.14 6.53 -40.66
CA LEU A 405 -18.81 6.05 -40.27
C LEU A 405 -18.91 4.54 -39.98
N ASP A 406 -17.85 3.77 -40.33
CA ASP A 406 -17.80 2.31 -40.14
C ASP A 406 -17.95 1.90 -38.68
N VAL A 407 -18.59 0.73 -38.46
CA VAL A 407 -18.84 0.13 -37.15
C VAL A 407 -17.52 -0.37 -36.51
N ARG A 408 -16.63 -0.97 -37.33
CA ARG A 408 -15.33 -1.51 -36.92
C ARG A 408 -14.39 -0.45 -36.32
N THR A 409 -14.44 0.78 -36.85
CA THR A 409 -13.62 1.92 -36.40
C THR A 409 -14.08 2.48 -35.04
N VAL A 410 -15.35 2.23 -34.66
CA VAL A 410 -15.95 2.68 -33.40
C VAL A 410 -15.73 1.60 -32.32
N LYS A 411 -15.33 2.03 -31.09
CA LYS A 411 -15.09 1.16 -29.93
C LYS A 411 -16.36 0.38 -29.59
N LEU A 412 -16.21 -0.94 -29.37
CA LEU A 412 -17.30 -1.87 -29.07
C LEU A 412 -18.16 -1.49 -27.87
N LYS A 413 -17.53 -1.22 -26.70
CA LYS A 413 -18.23 -0.85 -25.47
C LYS A 413 -19.02 0.46 -25.58
N ASP A 414 -18.53 1.40 -26.42
CA ASP A 414 -19.17 2.69 -26.67
C ASP A 414 -20.35 2.55 -27.63
N LEU A 415 -20.17 1.76 -28.73
CA LEU A 415 -21.18 1.50 -29.76
C LEU A 415 -22.36 0.70 -29.23
N ARG A 416 -22.09 -0.38 -28.46
CA ARG A 416 -23.11 -1.25 -27.87
C ARG A 416 -23.93 -0.55 -26.78
N GLY A 417 -23.34 0.44 -26.13
CA GLY A 417 -23.97 1.24 -25.09
C GLY A 417 -25.11 2.13 -25.58
N HIS A 418 -25.04 2.54 -26.88
CA HIS A 418 -26.03 3.40 -27.54
C HIS A 418 -27.12 2.64 -28.30
N ILE A 419 -26.92 1.32 -28.54
CA ILE A 419 -27.88 0.47 -29.26
C ILE A 419 -28.49 -0.57 -28.31
N SER A 420 -29.84 -0.58 -28.21
CA SER A 420 -30.60 -1.52 -27.38
C SER A 420 -31.42 -2.45 -28.25
N ALA A 421 -31.55 -3.71 -27.83
CA ALA A 421 -32.29 -4.72 -28.60
C ALA A 421 -33.19 -5.61 -27.75
N VAL A 422 -34.27 -6.13 -28.38
CA VAL A 422 -35.24 -7.06 -27.80
C VAL A 422 -35.11 -8.33 -28.66
N PRO A 423 -34.38 -9.36 -28.18
CA PRO A 423 -34.20 -10.59 -28.99
C PRO A 423 -35.48 -11.36 -29.32
N GLN A 424 -35.41 -12.23 -30.34
CA GLN A 424 -36.54 -13.06 -30.79
C GLN A 424 -36.87 -14.11 -29.73
N GLU A 425 -35.83 -14.67 -29.08
CA GLU A 425 -35.94 -15.65 -28.00
C GLU A 425 -35.46 -14.96 -26.70
N THR A 426 -36.41 -14.40 -25.93
CA THR A 426 -36.17 -13.64 -24.69
C THR A 426 -35.56 -14.51 -23.60
N VAL A 427 -34.37 -14.11 -23.11
CA VAL A 427 -33.66 -14.86 -22.07
C VAL A 427 -33.34 -13.95 -20.85
N LEU A 428 -34.01 -14.22 -19.72
CA LEU A 428 -33.82 -13.50 -18.45
C LEU A 428 -32.85 -14.25 -17.55
N PHE A 429 -32.17 -13.55 -16.65
CA PHE A 429 -31.18 -14.17 -15.76
C PHE A 429 -31.59 -14.14 -14.28
N SER A 430 -30.78 -14.79 -13.41
CA SER A 430 -30.99 -14.88 -11.97
C SER A 430 -31.04 -13.53 -11.24
N GLY A 431 -31.80 -13.51 -10.15
CA GLY A 431 -32.00 -12.33 -9.32
C GLY A 431 -33.46 -11.96 -9.21
N THR A 432 -33.76 -10.67 -9.38
CA THR A 432 -35.14 -10.15 -9.30
C THR A 432 -35.47 -9.34 -10.55
N ILE A 433 -36.74 -8.90 -10.71
CA ILE A 433 -37.19 -8.11 -11.85
C ILE A 433 -36.32 -6.85 -12.01
N LYS A 434 -36.06 -6.15 -10.89
CA LYS A 434 -35.24 -4.94 -10.81
C LYS A 434 -33.78 -5.23 -11.19
N GLU A 435 -33.22 -6.36 -10.69
CA GLU A 435 -31.86 -6.85 -10.93
C GLU A 435 -31.68 -7.21 -12.42
N ASN A 436 -32.76 -7.68 -13.06
CA ASN A 436 -32.79 -8.04 -14.47
C ASN A 436 -32.96 -6.81 -15.34
N LEU A 437 -33.82 -5.85 -14.93
CA LEU A 437 -34.07 -4.63 -15.68
C LEU A 437 -32.88 -3.68 -15.72
N LYS A 438 -32.07 -3.67 -14.64
CA LYS A 438 -30.87 -2.83 -14.51
C LYS A 438 -29.68 -3.32 -15.36
N TRP A 439 -29.95 -4.18 -16.38
CA TRP A 439 -28.94 -4.70 -17.31
C TRP A 439 -28.52 -3.60 -18.29
N GLY A 440 -29.50 -2.85 -18.78
CA GLY A 440 -29.30 -1.74 -19.70
C GLY A 440 -28.55 -0.58 -19.08
N ARG A 441 -28.96 -0.18 -17.86
CA ARG A 441 -28.35 0.90 -17.09
C ARG A 441 -28.49 0.62 -15.59
N GLU A 442 -27.36 0.38 -14.90
CA GLU A 442 -27.32 0.10 -13.46
C GLU A 442 -27.51 1.39 -12.65
N ASP A 443 -27.24 2.54 -13.29
CA ASP A 443 -27.37 3.89 -12.74
C ASP A 443 -28.83 4.40 -12.78
N ALA A 444 -29.72 3.70 -13.52
CA ALA A 444 -31.12 4.03 -13.67
C ALA A 444 -31.87 3.94 -12.34
N THR A 445 -32.43 5.08 -11.90
CA THR A 445 -33.16 5.19 -10.64
C THR A 445 -34.58 4.62 -10.81
N ASP A 446 -35.24 4.25 -9.69
CA ASP A 446 -36.58 3.68 -9.62
C ASP A 446 -37.64 4.40 -10.43
N ASP A 447 -37.54 5.75 -10.52
CA ASP A 447 -38.47 6.59 -11.27
C ASP A 447 -38.37 6.34 -12.78
N GLU A 448 -37.14 6.11 -13.27
CA GLU A 448 -36.82 5.85 -14.68
C GLU A 448 -37.28 4.47 -15.14
N ILE A 449 -36.93 3.41 -14.36
CA ILE A 449 -37.25 2.02 -14.68
C ILE A 449 -38.77 1.73 -14.69
N VAL A 450 -39.54 2.48 -13.87
CA VAL A 450 -41.00 2.35 -13.74
C VAL A 450 -41.73 2.87 -14.99
N GLU A 451 -41.32 4.05 -15.50
CA GLU A 451 -41.93 4.67 -16.68
C GLU A 451 -41.77 3.83 -17.95
N ALA A 452 -40.65 3.08 -18.07
CA ALA A 452 -40.35 2.19 -19.19
C ALA A 452 -41.23 0.93 -19.13
N ALA A 453 -41.54 0.49 -17.89
CA ALA A 453 -42.38 -0.67 -17.63
C ALA A 453 -43.88 -0.32 -17.81
N LYS A 454 -44.21 0.99 -17.75
CA LYS A 454 -45.57 1.50 -17.97
C LYS A 454 -45.87 1.56 -19.47
N ILE A 455 -44.80 1.62 -20.31
CA ILE A 455 -44.85 1.61 -21.77
C ILE A 455 -45.09 0.16 -22.23
N ALA A 456 -44.28 -0.77 -21.69
CA ALA A 456 -44.31 -2.20 -21.98
C ALA A 456 -45.44 -2.98 -21.26
N GLN A 457 -46.41 -2.28 -20.62
CA GLN A 457 -47.59 -2.79 -19.90
C GLN A 457 -47.30 -3.75 -18.73
N ILE A 458 -46.03 -4.16 -18.58
CA ILE A 458 -45.54 -5.10 -17.58
C ILE A 458 -45.67 -4.56 -16.14
N HIS A 459 -45.60 -3.21 -15.93
CA HIS A 459 -45.69 -2.57 -14.61
C HIS A 459 -46.95 -2.91 -13.82
N ASP A 460 -48.06 -3.17 -14.52
CA ASP A 460 -49.36 -3.52 -13.96
C ASP A 460 -49.20 -4.81 -13.11
N PHE A 461 -48.47 -5.81 -13.67
CA PHE A 461 -48.18 -7.12 -13.09
C PHE A 461 -46.98 -7.08 -12.12
N ILE A 462 -45.93 -6.27 -12.41
CA ILE A 462 -44.72 -6.14 -11.56
C ILE A 462 -45.13 -5.88 -10.11
N ILE A 463 -46.02 -4.88 -9.89
CA ILE A 463 -46.53 -4.52 -8.56
C ILE A 463 -47.48 -5.57 -7.97
N SER A 464 -48.14 -6.39 -8.82
CA SER A 464 -49.08 -7.43 -8.37
C SER A 464 -48.36 -8.78 -8.03
N LEU A 465 -47.10 -8.67 -7.53
CA LEU A 465 -46.22 -9.77 -7.12
C LEU A 465 -45.92 -9.72 -5.59
N PRO A 466 -45.28 -10.77 -4.98
CA PRO A 466 -45.01 -10.73 -3.52
C PRO A 466 -44.04 -9.64 -3.04
N GLU A 467 -43.08 -9.22 -3.89
CA GLU A 467 -42.09 -8.21 -3.52
C GLU A 467 -41.86 -7.13 -4.59
N GLY A 468 -42.82 -6.98 -5.50
CA GLY A 468 -42.76 -5.99 -6.58
C GLY A 468 -41.63 -6.23 -7.55
N TYR A 469 -40.73 -5.25 -7.69
CA TYR A 469 -39.55 -5.32 -8.54
C TYR A 469 -38.52 -6.26 -7.94
N ASP A 470 -38.67 -6.57 -6.65
CA ASP A 470 -37.79 -7.45 -5.90
C ASP A 470 -38.34 -8.88 -5.79
N SER A 471 -39.20 -9.27 -6.76
CA SER A 471 -39.75 -10.62 -6.82
C SER A 471 -38.82 -11.48 -7.67
N ARG A 472 -38.37 -12.59 -7.08
CA ARG A 472 -37.41 -13.55 -7.64
C ARG A 472 -37.72 -13.95 -9.07
N VAL A 473 -36.68 -13.90 -9.92
CA VAL A 473 -36.65 -14.28 -11.32
C VAL A 473 -35.61 -15.39 -11.42
N GLU A 474 -36.03 -16.58 -11.86
CA GLU A 474 -35.14 -17.73 -11.99
C GLU A 474 -34.53 -17.84 -13.39
N ARG A 475 -33.35 -18.49 -13.49
CA ARG A 475 -32.60 -18.68 -14.74
C ARG A 475 -33.52 -19.06 -15.89
N GLY A 476 -33.42 -18.28 -16.97
CA GLY A 476 -34.21 -18.45 -18.19
C GLY A 476 -35.53 -17.70 -18.20
N GLY A 477 -35.86 -17.09 -17.06
CA GLY A 477 -37.13 -16.39 -16.87
C GLY A 477 -38.29 -17.34 -16.72
N ARG A 478 -37.98 -18.67 -16.74
CA ARG A 478 -38.89 -19.82 -16.67
C ARG A 478 -39.94 -19.77 -15.55
N ASN A 479 -39.75 -18.89 -14.56
CA ASN A 479 -40.68 -18.72 -13.45
C ASN A 479 -41.83 -17.73 -13.77
N PHE A 480 -42.04 -17.42 -15.07
CA PHE A 480 -43.10 -16.53 -15.54
C PHE A 480 -43.78 -17.07 -16.78
N SER A 481 -44.73 -16.31 -17.34
CA SER A 481 -45.42 -16.68 -18.57
C SER A 481 -44.61 -16.17 -19.77
N GLY A 482 -44.71 -16.86 -20.91
CA GLY A 482 -44.02 -16.52 -22.15
C GLY A 482 -44.05 -15.04 -22.48
N GLY A 483 -45.25 -14.48 -22.53
CA GLY A 483 -45.49 -13.07 -22.80
C GLY A 483 -44.96 -12.12 -21.74
N GLN A 484 -44.90 -12.56 -20.47
CA GLN A 484 -44.37 -11.73 -19.39
C GLN A 484 -42.86 -11.55 -19.52
N LYS A 485 -42.15 -12.60 -19.96
CA LYS A 485 -40.69 -12.59 -20.21
C LYS A 485 -40.42 -11.55 -21.30
N GLN A 486 -41.25 -11.60 -22.36
CA GLN A 486 -41.24 -10.75 -23.53
C GLN A 486 -41.54 -9.31 -23.15
N ARG A 487 -42.56 -9.10 -22.26
CA ARG A 487 -42.99 -7.80 -21.74
C ARG A 487 -41.86 -7.17 -20.91
N LEU A 488 -41.12 -8.00 -20.15
CA LEU A 488 -39.99 -7.52 -19.35
C LEU A 488 -38.85 -7.10 -20.26
N SER A 489 -38.57 -7.91 -21.32
CA SER A 489 -37.50 -7.72 -22.30
C SER A 489 -37.59 -6.39 -23.07
N ILE A 490 -38.82 -5.91 -23.32
CA ILE A 490 -39.11 -4.63 -23.99
C ILE A 490 -38.63 -3.49 -23.08
N ALA A 491 -39.14 -3.44 -21.83
CA ALA A 491 -38.84 -2.44 -20.82
C ALA A 491 -37.35 -2.36 -20.49
N ARG A 492 -36.62 -3.49 -20.52
CA ARG A 492 -35.18 -3.57 -20.26
C ARG A 492 -34.39 -2.79 -21.32
N ALA A 493 -34.80 -2.91 -22.60
CA ALA A 493 -34.17 -2.21 -23.72
C ALA A 493 -34.49 -0.69 -23.69
N LEU A 494 -35.71 -0.32 -23.20
CA LEU A 494 -36.14 1.08 -23.07
C LEU A 494 -35.41 1.79 -21.92
N VAL A 495 -35.04 1.02 -20.87
CA VAL A 495 -34.31 1.48 -19.67
C VAL A 495 -32.93 2.03 -20.05
N LYS A 496 -32.22 1.36 -20.97
CA LYS A 496 -30.89 1.71 -21.48
C LYS A 496 -30.86 3.09 -22.17
N LYS A 497 -32.04 3.61 -22.60
CA LYS A 497 -32.24 4.89 -23.30
C LYS A 497 -31.37 4.96 -24.57
N PRO A 498 -31.82 4.31 -25.68
CA PRO A 498 -30.99 4.29 -26.88
C PRO A 498 -31.28 5.41 -27.88
N LYS A 499 -30.46 5.45 -28.95
CA LYS A 499 -30.59 6.35 -30.08
C LYS A 499 -30.85 5.50 -31.33
N VAL A 500 -30.66 4.16 -31.19
CA VAL A 500 -30.90 3.10 -32.18
C VAL A 500 -31.56 1.93 -31.41
N LEU A 501 -32.80 1.56 -31.78
CA LEU A 501 -33.56 0.47 -31.12
C LEU A 501 -33.91 -0.67 -32.10
N ILE A 502 -33.76 -1.93 -31.64
CA ILE A 502 -34.05 -3.15 -32.39
C ILE A 502 -35.14 -3.97 -31.67
N LEU A 503 -36.23 -4.31 -32.38
CA LEU A 503 -37.36 -5.04 -31.81
C LEU A 503 -37.64 -6.32 -32.63
N ASP A 504 -36.84 -7.38 -32.42
CA ASP A 504 -36.96 -8.68 -33.08
C ASP A 504 -38.18 -9.44 -32.49
N ASP A 505 -39.33 -9.41 -33.22
CA ASP A 505 -40.63 -10.00 -32.85
C ASP A 505 -40.97 -9.64 -31.41
N CYS A 506 -41.29 -8.36 -31.24
CA CYS A 506 -41.56 -7.69 -29.96
C CYS A 506 -42.76 -8.22 -29.19
N THR A 507 -43.88 -8.49 -29.89
CA THR A 507 -45.12 -8.95 -29.26
C THR A 507 -45.64 -10.27 -29.92
N SER A 508 -44.76 -11.27 -30.04
CA SER A 508 -45.08 -12.58 -30.61
C SER A 508 -45.90 -13.44 -29.63
N SER A 509 -45.62 -13.32 -28.32
CA SER A 509 -46.31 -14.07 -27.27
C SER A 509 -47.25 -13.17 -26.43
N VAL A 510 -47.72 -12.05 -27.02
CA VAL A 510 -48.61 -11.08 -26.36
C VAL A 510 -49.95 -10.99 -27.12
N ASP A 511 -51.06 -10.69 -26.39
CA ASP A 511 -52.42 -10.54 -26.94
C ASP A 511 -52.55 -9.31 -27.86
N PRO A 512 -53.52 -9.30 -28.82
CA PRO A 512 -53.65 -8.14 -29.71
C PRO A 512 -54.01 -6.81 -29.05
N ILE A 513 -54.62 -6.82 -27.85
CA ILE A 513 -55.00 -5.59 -27.12
C ILE A 513 -53.78 -4.92 -26.51
N THR A 514 -52.95 -5.70 -25.79
CA THR A 514 -51.71 -5.22 -25.17
C THR A 514 -50.72 -4.81 -26.28
N GLU A 515 -50.71 -5.57 -27.40
CA GLU A 515 -49.88 -5.36 -28.61
C GLU A 515 -50.00 -3.90 -29.08
N LYS A 516 -51.26 -3.38 -29.17
CA LYS A 516 -51.62 -2.02 -29.56
C LYS A 516 -51.04 -1.03 -28.57
N ARG A 517 -51.27 -1.27 -27.27
CA ARG A 517 -50.82 -0.42 -26.18
C ARG A 517 -49.30 -0.27 -26.13
N ILE A 518 -48.54 -1.35 -26.43
CA ILE A 518 -47.07 -1.34 -26.42
C ILE A 518 -46.51 -0.50 -27.60
N LEU A 519 -47.00 -0.76 -28.82
CA LEU A 519 -46.58 -0.08 -30.06
C LEU A 519 -46.78 1.44 -30.01
N ASP A 520 -47.95 1.90 -29.56
CA ASP A 520 -48.27 3.32 -29.44
C ASP A 520 -47.52 3.97 -28.27
N GLY A 521 -47.13 3.15 -27.30
CA GLY A 521 -46.35 3.56 -26.14
C GLY A 521 -44.89 3.77 -26.49
N LEU A 522 -44.43 3.09 -27.57
CA LEU A 522 -43.07 3.16 -28.10
C LEU A 522 -42.86 4.47 -28.87
N LYS A 523 -43.70 4.74 -29.90
CA LYS A 523 -43.68 5.95 -30.75
C LYS A 523 -43.64 7.24 -29.92
N ARG A 524 -44.40 7.26 -28.82
CA ARG A 524 -44.53 8.36 -27.86
C ARG A 524 -43.21 8.61 -27.13
N TYR A 525 -42.41 7.55 -26.88
CA TYR A 525 -41.14 7.66 -26.17
C TYR A 525 -39.90 7.40 -27.05
N THR A 526 -40.06 7.48 -28.39
CA THR A 526 -38.97 7.32 -29.35
C THR A 526 -38.91 8.52 -30.32
N LYS A 527 -39.00 9.75 -29.76
CA LYS A 527 -38.92 11.02 -30.50
C LYS A 527 -37.44 11.45 -30.56
N GLY A 528 -36.69 10.77 -31.42
CA GLY A 528 -35.25 10.97 -31.60
C GLY A 528 -34.47 9.69 -31.32
N CYS A 529 -34.99 8.56 -31.81
CA CYS A 529 -34.41 7.24 -31.66
C CYS A 529 -34.76 6.38 -32.88
N THR A 530 -33.73 5.93 -33.62
CA THR A 530 -33.86 5.10 -34.82
C THR A 530 -34.38 3.71 -34.46
N THR A 531 -35.72 3.57 -34.39
CA THR A 531 -36.42 2.35 -34.00
C THR A 531 -36.67 1.43 -35.21
N PHE A 532 -36.38 0.12 -35.01
CA PHE A 532 -36.57 -0.94 -36.00
C PHE A 532 -37.41 -2.03 -35.35
N ILE A 533 -38.46 -2.49 -36.05
CA ILE A 533 -39.32 -3.54 -35.51
C ILE A 533 -39.50 -4.68 -36.52
N ILE A 534 -39.02 -5.87 -36.14
CA ILE A 534 -39.18 -7.09 -36.94
C ILE A 534 -40.60 -7.54 -36.60
N THR A 535 -41.49 -7.39 -37.59
CA THR A 535 -42.91 -7.69 -37.44
C THR A 535 -43.37 -8.72 -38.46
N GLN A 536 -44.40 -9.51 -38.08
CA GLN A 536 -45.01 -10.52 -38.95
C GLN A 536 -46.40 -10.06 -39.42
N LYS A 537 -47.01 -9.11 -38.66
CA LYS A 537 -48.33 -8.55 -38.92
C LYS A 537 -48.27 -7.29 -39.75
N ILE A 538 -49.20 -7.17 -40.72
CA ILE A 538 -49.39 -6.01 -41.59
C ILE A 538 -49.95 -4.82 -40.76
N PRO A 539 -51.03 -4.96 -39.94
CA PRO A 539 -51.55 -3.80 -39.19
C PRO A 539 -50.60 -3.19 -38.16
N THR A 540 -49.54 -3.93 -37.74
CA THR A 540 -48.53 -3.42 -36.80
C THR A 540 -47.36 -2.79 -37.58
N ALA A 541 -47.26 -3.13 -38.90
CA ALA A 541 -46.22 -2.66 -39.81
C ALA A 541 -46.55 -1.29 -40.41
N LEU A 542 -47.83 -0.90 -40.40
CA LEU A 542 -48.32 0.39 -40.90
C LEU A 542 -47.93 1.55 -39.98
N LEU A 543 -47.69 1.26 -38.68
CA LEU A 543 -47.30 2.23 -37.66
C LEU A 543 -45.93 2.87 -37.95
N ALA A 544 -45.13 2.21 -38.79
CA ALA A 544 -43.79 2.65 -39.21
C ALA A 544 -43.83 3.65 -40.37
N ASP A 545 -42.84 4.57 -40.38
CA ASP A 545 -42.68 5.61 -41.40
C ASP A 545 -42.35 4.99 -42.76
N LYS A 546 -41.22 4.25 -42.83
CA LYS A 546 -40.75 3.57 -44.03
C LYS A 546 -40.68 2.06 -43.76
N ILE A 547 -41.46 1.29 -44.53
CA ILE A 547 -41.56 -0.17 -44.41
C ILE A 547 -40.51 -0.88 -45.29
N LEU A 548 -39.62 -1.66 -44.65
CA LEU A 548 -38.54 -2.42 -45.30
C LEU A 548 -38.96 -3.88 -45.49
N VAL A 549 -38.68 -4.45 -46.68
CA VAL A 549 -39.02 -5.83 -47.04
C VAL A 549 -37.75 -6.63 -47.39
N LEU A 550 -37.65 -7.86 -46.84
CA LEU A 550 -36.55 -8.79 -47.05
C LEU A 550 -37.10 -10.17 -47.44
N HIS A 551 -36.47 -10.81 -48.43
CA HIS A 551 -36.88 -12.12 -48.93
C HIS A 551 -35.68 -12.88 -49.51
N GLU A 552 -35.51 -14.16 -49.09
CA GLU A 552 -34.44 -15.10 -49.50
C GLU A 552 -33.00 -14.67 -49.13
N GLY A 553 -32.82 -13.39 -48.79
CA GLY A 553 -31.52 -12.84 -48.41
C GLY A 553 -31.30 -11.41 -48.87
N LYS A 554 -31.59 -11.15 -50.15
CA LYS A 554 -31.47 -9.82 -50.77
C LYS A 554 -32.57 -8.89 -50.28
N VAL A 555 -32.37 -7.57 -50.40
CA VAL A 555 -33.37 -6.56 -50.02
C VAL A 555 -34.48 -6.51 -51.09
N ALA A 556 -35.74 -6.69 -50.66
CA ALA A 556 -36.90 -6.72 -51.57
C ALA A 556 -37.45 -5.35 -51.96
N GLY A 557 -37.66 -4.47 -50.98
CA GLY A 557 -38.19 -3.14 -51.18
C GLY A 557 -38.19 -2.24 -49.97
N PHE A 558 -37.89 -0.94 -50.18
CA PHE A 558 -37.86 0.10 -49.15
C PHE A 558 -38.68 1.32 -49.58
N GLY A 559 -39.85 1.47 -48.96
CA GLY A 559 -40.78 2.55 -49.23
C GLY A 559 -42.09 2.43 -48.48
N THR A 560 -43.07 3.29 -48.85
CA THR A 560 -44.40 3.35 -48.23
C THR A 560 -45.24 2.10 -48.56
N HIS A 561 -46.33 1.88 -47.79
CA HIS A 561 -47.29 0.78 -47.95
C HIS A 561 -48.00 0.79 -49.31
N LYS A 562 -48.27 2.00 -49.86
CA LYS A 562 -48.92 2.20 -51.16
C LYS A 562 -48.01 1.73 -52.32
N GLU A 563 -46.68 1.90 -52.16
CA GLU A 563 -45.65 1.53 -53.14
C GLU A 563 -45.39 0.01 -53.19
N LEU A 564 -45.19 -0.61 -52.02
CA LEU A 564 -44.86 -2.04 -51.86
C LEU A 564 -45.95 -3.02 -52.34
N LEU A 565 -47.22 -2.59 -52.39
CA LEU A 565 -48.32 -3.45 -52.85
C LEU A 565 -48.32 -3.66 -54.37
N GLU A 566 -47.80 -2.68 -55.12
CA GLU A 566 -47.75 -2.73 -56.59
C GLU A 566 -46.36 -3.09 -57.12
N HIS A 567 -45.30 -2.60 -56.45
CA HIS A 567 -43.90 -2.82 -56.85
C HIS A 567 -43.27 -4.09 -56.26
N CYS A 568 -43.21 -4.21 -54.92
CA CYS A 568 -42.63 -5.34 -54.21
C CYS A 568 -43.50 -6.60 -54.32
N LYS A 569 -42.95 -7.68 -54.91
CA LYS A 569 -43.67 -8.94 -55.10
C LYS A 569 -43.86 -9.76 -53.79
N PRO A 570 -42.83 -10.06 -52.95
CA PRO A 570 -43.10 -10.86 -51.74
C PRO A 570 -44.03 -10.22 -50.72
N TYR A 571 -44.07 -8.87 -50.67
CA TYR A 571 -44.94 -8.10 -49.76
C TYR A 571 -46.41 -8.40 -50.00
N ARG A 572 -46.80 -8.54 -51.28
CA ARG A 572 -48.15 -8.87 -51.74
C ARG A 572 -48.57 -10.27 -51.24
N GLU A 573 -47.60 -11.21 -51.20
CA GLU A 573 -47.80 -12.60 -50.76
C GLU A 573 -48.11 -12.70 -49.28
N ILE A 574 -47.38 -11.93 -48.43
CA ILE A 574 -47.56 -11.90 -46.96
C ILE A 574 -48.89 -11.20 -46.64
N TYR A 575 -49.19 -10.13 -47.38
CA TYR A 575 -50.43 -9.33 -47.25
C TYR A 575 -51.67 -10.17 -47.59
N GLU A 576 -51.57 -11.08 -48.60
CA GLU A 576 -52.65 -11.97 -49.05
C GLU A 576 -53.11 -12.94 -47.97
N SER A 577 -52.16 -13.51 -47.19
CA SER A 577 -52.44 -14.47 -46.11
C SER A 577 -53.19 -13.84 -44.93
N GLN A 578 -53.17 -12.50 -44.83
CA GLN A 578 -53.82 -11.74 -43.77
C GLN A 578 -55.12 -11.06 -44.22
N PHE A 579 -55.28 -10.79 -45.54
CA PHE A 579 -56.48 -10.11 -46.07
C PHE A 579 -56.96 -10.72 -47.38
N GLY A 580 -58.23 -11.10 -47.42
CA GLY A 580 -58.87 -11.71 -48.59
C GLY A 580 -60.33 -12.04 -48.36
N THR B 22 -20.83 -39.33 10.21
CA THR B 22 -21.03 -40.64 10.82
C THR B 22 -21.91 -41.52 9.93
N ALA B 23 -23.16 -41.08 9.66
CA ALA B 23 -24.15 -41.79 8.84
C ALA B 23 -23.77 -41.83 7.36
N THR B 24 -23.20 -40.73 6.83
CA THR B 24 -22.77 -40.60 5.44
C THR B 24 -21.63 -41.56 5.09
N LEU B 25 -20.75 -41.85 6.07
CA LEU B 25 -19.62 -42.77 5.92
C LEU B 25 -20.11 -44.21 5.73
N ARG B 26 -21.11 -44.63 6.54
CA ARG B 26 -21.72 -45.97 6.49
C ARG B 26 -22.43 -46.18 5.14
N ARG B 27 -23.06 -45.11 4.62
CA ARG B 27 -23.77 -45.10 3.35
C ARG B 27 -22.78 -45.12 2.17
N LEU B 28 -21.66 -44.34 2.27
CA LEU B 28 -20.60 -44.26 1.26
C LEU B 28 -19.94 -45.61 1.04
N LEU B 29 -19.60 -46.30 2.14
CA LEU B 29 -19.00 -47.63 2.10
C LEU B 29 -20.06 -48.70 1.82
N GLY B 30 -21.34 -48.30 1.85
CA GLY B 30 -22.48 -49.17 1.58
C GLY B 30 -22.59 -49.60 0.12
N TYR B 31 -21.87 -48.89 -0.78
CA TYR B 31 -21.81 -49.20 -2.21
C TYR B 31 -20.78 -50.28 -2.50
N LEU B 32 -19.91 -50.58 -1.50
CA LEU B 32 -18.87 -51.60 -1.57
C LEU B 32 -19.36 -52.96 -1.05
N ARG B 33 -20.63 -53.03 -0.59
CA ARG B 33 -21.29 -54.23 -0.07
C ARG B 33 -21.33 -55.41 -1.06
N PRO B 34 -21.71 -55.26 -2.37
CA PRO B 34 -21.67 -56.43 -3.28
C PRO B 34 -20.25 -56.75 -3.76
N HIS B 35 -19.30 -55.82 -3.55
CA HIS B 35 -17.88 -55.94 -3.92
C HIS B 35 -17.04 -56.62 -2.83
N THR B 36 -17.66 -56.95 -1.66
CA THR B 36 -17.04 -57.58 -0.49
C THR B 36 -16.22 -58.84 -0.86
N PHE B 37 -16.79 -59.73 -1.71
CA PHE B 37 -16.16 -60.96 -2.19
C PHE B 37 -14.82 -60.69 -2.89
N THR B 38 -14.75 -59.62 -3.71
CA THR B 38 -13.55 -59.20 -4.41
C THR B 38 -12.62 -58.46 -3.42
N LEU B 39 -13.21 -57.71 -2.46
CA LEU B 39 -12.50 -56.95 -1.43
C LEU B 39 -11.74 -57.82 -0.42
N ILE B 40 -12.23 -59.06 -0.18
CA ILE B 40 -11.59 -60.04 0.73
C ILE B 40 -10.22 -60.42 0.15
N MET B 41 -10.16 -60.63 -1.19
CA MET B 41 -8.95 -60.95 -1.94
C MET B 41 -7.93 -59.80 -1.84
N VAL B 42 -8.42 -58.53 -1.88
CA VAL B 42 -7.60 -57.31 -1.76
C VAL B 42 -6.90 -57.32 -0.39
N PHE B 43 -7.64 -57.68 0.68
CA PHE B 43 -7.13 -57.80 2.04
C PHE B 43 -6.07 -58.91 2.14
N VAL B 44 -6.26 -60.00 1.38
CA VAL B 44 -5.33 -61.14 1.32
C VAL B 44 -4.03 -60.75 0.60
N PHE B 45 -4.12 -60.20 -0.62
CA PHE B 45 -2.97 -59.78 -1.41
C PHE B 45 -2.15 -58.66 -0.76
N VAL B 46 -2.81 -57.72 -0.04
CA VAL B 46 -2.13 -56.62 0.64
C VAL B 46 -1.38 -57.10 1.90
N THR B 47 -1.90 -58.13 2.59
CA THR B 47 -1.28 -58.70 3.79
C THR B 47 -0.04 -59.53 3.45
N VAL B 48 -0.09 -60.31 2.35
CA VAL B 48 1.02 -61.14 1.87
C VAL B 48 2.19 -60.24 1.42
N SER B 49 1.89 -59.17 0.67
CA SER B 49 2.88 -58.19 0.19
C SER B 49 3.49 -57.38 1.32
N SER B 50 2.73 -57.11 2.41
CA SER B 50 3.21 -56.36 3.57
C SER B 50 4.16 -57.22 4.43
N ILE B 51 3.85 -58.53 4.60
CA ILE B 51 4.67 -59.50 5.33
C ILE B 51 6.01 -59.70 4.58
N LEU B 52 5.95 -59.75 3.23
CA LEU B 52 7.12 -59.87 2.35
C LEU B 52 7.91 -58.55 2.30
N GLY B 53 7.24 -57.45 2.64
CA GLY B 53 7.82 -56.10 2.67
C GLY B 53 8.51 -55.76 3.97
N VAL B 54 8.35 -56.63 5.00
CA VAL B 54 8.96 -56.50 6.33
C VAL B 54 10.14 -57.51 6.46
N LEU B 55 10.00 -58.68 5.82
CA LEU B 55 11.03 -59.74 5.80
C LEU B 55 12.21 -59.42 4.88
N SER B 56 11.94 -58.89 3.66
CA SER B 56 12.97 -58.54 2.66
C SER B 56 14.02 -57.50 3.15
N PRO B 57 13.69 -56.37 3.85
CA PRO B 57 14.78 -55.47 4.30
C PRO B 57 15.56 -56.02 5.50
N TYR B 58 15.03 -57.05 6.19
CA TYR B 58 15.67 -57.70 7.34
C TYR B 58 16.60 -58.83 6.88
N LEU B 59 16.19 -59.60 5.83
CA LEU B 59 16.95 -60.71 5.27
C LEU B 59 18.26 -60.26 4.61
N ILE B 60 18.27 -59.07 3.99
CA ILE B 60 19.45 -58.49 3.33
C ILE B 60 20.51 -58.04 4.36
N GLY B 61 20.06 -57.73 5.58
CA GLY B 61 20.93 -57.30 6.67
C GLY B 61 21.39 -58.44 7.58
N LYS B 62 20.74 -59.61 7.48
CA LYS B 62 21.06 -60.80 8.27
C LYS B 62 21.99 -61.75 7.51
N THR B 63 21.76 -61.93 6.18
CA THR B 63 22.56 -62.80 5.32
C THR B 63 23.91 -62.18 4.94
N ILE B 64 24.04 -60.83 5.07
CA ILE B 64 25.28 -60.09 4.77
C ILE B 64 26.42 -60.46 5.74
N ALA B 65 26.08 -60.96 6.95
CA ALA B 65 27.02 -61.44 7.96
C ALA B 65 27.62 -62.77 7.52
N VAL B 66 26.86 -63.55 6.72
CA VAL B 66 27.26 -64.85 6.16
C VAL B 66 27.78 -64.65 4.71
N VAL B 67 28.37 -63.46 4.45
CA VAL B 67 28.95 -63.03 3.17
C VAL B 67 30.39 -62.53 3.42
N PHE B 68 30.59 -61.73 4.49
CA PHE B 68 31.89 -61.16 4.89
C PHE B 68 32.80 -62.16 5.61
N VAL B 69 32.21 -63.14 6.33
CA VAL B 69 32.95 -64.17 7.07
C VAL B 69 33.40 -65.33 6.12
N PRO B 70 32.51 -66.05 5.37
CA PRO B 70 33.02 -67.13 4.50
C PRO B 70 33.66 -66.65 3.20
N ARG B 71 33.21 -65.48 2.66
CA ARG B 71 33.69 -64.83 1.43
C ARG B 71 33.51 -65.74 0.18
N ARG B 72 34.22 -65.41 -0.93
CA ARG B 72 34.22 -66.14 -2.21
C ARG B 72 32.81 -66.40 -2.80
N PHE B 73 32.67 -67.42 -3.66
CA PHE B 73 31.42 -67.81 -4.31
C PHE B 73 30.69 -68.94 -3.55
N ASP B 74 30.98 -69.07 -2.23
CA ASP B 74 30.40 -70.08 -1.34
C ASP B 74 28.92 -69.86 -1.06
N LEU B 75 28.54 -68.64 -0.62
CA LEU B 75 27.16 -68.27 -0.30
C LEU B 75 26.70 -66.98 -0.99
N LEU B 76 27.64 -66.28 -1.68
CA LEU B 76 27.38 -65.04 -2.40
C LEU B 76 26.43 -65.20 -3.63
N PRO B 77 26.62 -66.13 -4.60
CA PRO B 77 25.68 -66.20 -5.73
C PRO B 77 24.42 -67.05 -5.48
N ARG B 78 24.44 -67.91 -4.46
CA ARG B 78 23.32 -68.80 -4.10
C ARG B 78 22.11 -68.05 -3.55
N TYR B 79 22.34 -67.03 -2.71
CA TYR B 79 21.29 -66.22 -2.09
C TYR B 79 20.60 -65.23 -3.06
N MET B 80 21.25 -64.93 -4.22
CA MET B 80 20.73 -64.02 -5.24
C MET B 80 19.50 -64.60 -5.96
N LEU B 81 19.50 -65.92 -6.19
CA LEU B 81 18.41 -66.66 -6.83
C LEU B 81 17.18 -66.75 -5.89
N ILE B 82 17.43 -66.84 -4.56
CA ILE B 82 16.39 -66.92 -3.53
C ILE B 82 15.73 -65.54 -3.39
N LEU B 83 16.53 -64.47 -3.23
CA LEU B 83 16.06 -63.08 -3.10
C LEU B 83 15.41 -62.57 -4.39
N GLY B 84 15.92 -63.02 -5.54
CA GLY B 84 15.41 -62.68 -6.86
C GLY B 84 13.98 -63.11 -7.09
N THR B 85 13.60 -64.27 -6.53
CA THR B 85 12.23 -64.82 -6.61
C THR B 85 11.30 -64.15 -5.60
N ILE B 86 11.85 -63.71 -4.44
CA ILE B 86 11.11 -63.02 -3.37
C ILE B 86 10.73 -61.61 -3.82
N TYR B 87 11.70 -60.86 -4.39
CA TYR B 87 11.51 -59.49 -4.90
C TYR B 87 10.60 -59.44 -6.13
N ALA B 88 10.58 -60.52 -6.95
CA ALA B 88 9.72 -60.61 -8.13
C ALA B 88 8.28 -60.89 -7.74
N LEU B 89 8.08 -61.71 -6.68
CA LEU B 89 6.76 -62.08 -6.15
C LEU B 89 6.08 -60.87 -5.49
N THR B 90 6.88 -60.02 -4.80
CA THR B 90 6.39 -58.82 -4.12
C THR B 90 6.03 -57.73 -5.14
N SER B 91 6.85 -57.55 -6.20
CA SER B 91 6.63 -56.57 -7.28
C SER B 91 5.36 -56.91 -8.06
N LEU B 92 5.10 -58.22 -8.27
CA LEU B 92 3.92 -58.74 -8.97
C LEU B 92 2.68 -58.60 -8.08
N LEU B 93 2.85 -58.68 -6.74
CA LEU B 93 1.77 -58.55 -5.76
C LEU B 93 1.18 -57.14 -5.72
N PHE B 94 2.05 -56.11 -5.72
CA PHE B 94 1.64 -54.70 -5.70
C PHE B 94 0.96 -54.27 -7.01
N TRP B 95 1.38 -54.87 -8.15
CA TRP B 95 0.81 -54.62 -9.47
C TRP B 95 -0.60 -55.22 -9.56
N LEU B 96 -0.77 -56.47 -9.07
CA LEU B 96 -2.03 -57.20 -9.05
C LEU B 96 -3.04 -56.51 -8.15
N GLN B 97 -2.56 -55.93 -7.02
CA GLN B 97 -3.37 -55.18 -6.05
C GLN B 97 -3.95 -53.92 -6.69
N GLY B 98 -3.09 -53.19 -7.41
CA GLY B 98 -3.45 -51.95 -8.10
C GLY B 98 -4.35 -52.15 -9.30
N LYS B 99 -4.13 -53.23 -10.06
CA LYS B 99 -4.91 -53.55 -11.27
C LYS B 99 -6.34 -53.97 -10.95
N ILE B 100 -6.55 -54.83 -9.93
CA ILE B 100 -7.90 -55.30 -9.55
C ILE B 100 -8.67 -54.20 -8.82
N MET B 101 -7.97 -53.28 -8.13
CA MET B 101 -8.60 -52.17 -7.42
C MET B 101 -9.05 -51.07 -8.34
N LEU B 102 -8.29 -50.78 -9.42
CA LEU B 102 -8.61 -49.74 -10.42
C LEU B 102 -9.97 -49.99 -11.08
N THR B 103 -10.25 -51.27 -11.40
CA THR B 103 -11.51 -51.71 -12.02
C THR B 103 -12.66 -51.56 -11.02
N LEU B 104 -12.43 -51.95 -9.75
CA LEU B 104 -13.41 -51.86 -8.66
C LEU B 104 -13.72 -50.40 -8.29
N SER B 105 -12.68 -49.54 -8.27
CA SER B 105 -12.78 -48.11 -7.95
C SER B 105 -13.67 -47.38 -8.94
N GLN B 106 -13.39 -47.58 -10.25
CA GLN B 106 -14.14 -46.95 -11.34
C GLN B 106 -15.58 -47.45 -11.44
N ASP B 107 -15.85 -48.71 -11.03
CA ASP B 107 -17.20 -49.29 -11.06
C ASP B 107 -18.09 -48.77 -9.91
N VAL B 108 -17.47 -48.31 -8.80
CA VAL B 108 -18.19 -47.73 -7.66
C VAL B 108 -18.53 -46.26 -8.03
N VAL B 109 -17.60 -45.59 -8.75
CA VAL B 109 -17.74 -44.22 -9.26
C VAL B 109 -18.85 -44.19 -10.33
N PHE B 110 -18.79 -45.12 -11.31
CA PHE B 110 -19.75 -45.28 -12.40
C PHE B 110 -21.18 -45.45 -11.86
N ARG B 111 -21.35 -46.37 -10.89
CA ARG B 111 -22.64 -46.67 -10.23
C ARG B 111 -23.19 -45.43 -9.51
N LEU B 112 -22.30 -44.66 -8.86
CA LEU B 112 -22.67 -43.44 -8.16
C LEU B 112 -23.14 -42.36 -9.13
N ARG B 113 -22.47 -42.23 -10.29
CA ARG B 113 -22.80 -41.29 -11.35
C ARG B 113 -24.14 -41.65 -11.99
N LYS B 114 -24.32 -42.96 -12.30
CA LYS B 114 -25.53 -43.51 -12.90
C LYS B 114 -26.74 -43.29 -11.98
N GLU B 115 -26.57 -43.52 -10.66
CA GLU B 115 -27.62 -43.34 -9.64
C GLU B 115 -28.08 -41.90 -9.50
N LEU B 116 -27.23 -40.92 -9.90
CA LEU B 116 -27.56 -39.50 -9.82
C LEU B 116 -28.40 -39.03 -11.00
N PHE B 117 -27.98 -39.36 -12.24
CA PHE B 117 -28.68 -38.99 -13.49
C PHE B 117 -30.06 -39.64 -13.53
N GLU B 118 -30.15 -40.91 -13.11
CA GLU B 118 -31.39 -41.67 -13.08
C GLU B 118 -32.35 -41.18 -12.00
N LYS B 119 -31.82 -40.51 -10.95
CA LYS B 119 -32.63 -39.90 -9.89
C LYS B 119 -33.27 -38.61 -10.41
N LEU B 120 -32.52 -37.83 -11.24
CA LEU B 120 -32.97 -36.57 -11.87
C LEU B 120 -34.17 -36.80 -12.80
N GLN B 121 -34.17 -37.95 -13.51
CA GLN B 121 -35.23 -38.36 -14.44
C GLN B 121 -36.51 -38.74 -13.69
N ARG B 122 -36.40 -39.04 -12.38
CA ARG B 122 -37.51 -39.40 -11.49
C ARG B 122 -38.00 -38.18 -10.70
N VAL B 123 -37.11 -37.22 -10.44
CA VAL B 123 -37.36 -35.97 -9.70
C VAL B 123 -38.35 -35.04 -10.45
N PRO B 124 -39.29 -34.34 -9.75
CA PRO B 124 -40.23 -33.47 -10.48
C PRO B 124 -39.59 -32.20 -11.06
N VAL B 125 -40.29 -31.59 -12.04
CA VAL B 125 -39.88 -30.36 -12.76
C VAL B 125 -39.70 -29.18 -11.80
N GLY B 126 -40.49 -29.15 -10.73
CA GLY B 126 -40.48 -28.13 -9.69
C GLY B 126 -39.16 -27.93 -8.96
N PHE B 127 -38.12 -28.71 -9.33
CA PHE B 127 -36.77 -28.65 -8.80
C PHE B 127 -35.85 -27.96 -9.81
N PHE B 128 -35.95 -28.35 -11.08
CA PHE B 128 -35.14 -27.88 -12.21
C PHE B 128 -35.19 -26.36 -12.39
N ASP B 129 -36.39 -25.76 -12.31
CA ASP B 129 -36.59 -24.32 -12.47
C ASP B 129 -36.01 -23.51 -11.31
N ARG B 130 -36.19 -23.98 -10.06
CA ARG B 130 -35.70 -23.28 -8.87
C ARG B 130 -34.18 -23.46 -8.59
N THR B 131 -33.63 -24.69 -8.74
CA THR B 131 -32.20 -24.95 -8.46
C THR B 131 -31.32 -24.55 -9.66
N PRO B 132 -30.07 -24.06 -9.44
CA PRO B 132 -29.23 -23.67 -10.60
C PRO B 132 -28.63 -24.90 -11.27
N HIS B 133 -28.66 -24.90 -12.61
CA HIS B 133 -28.19 -26.00 -13.45
C HIS B 133 -26.72 -26.35 -13.23
N GLY B 134 -25.87 -25.33 -13.10
CA GLY B 134 -24.44 -25.49 -12.88
C GLY B 134 -24.07 -26.34 -11.67
N ASP B 135 -24.80 -26.15 -10.55
CA ASP B 135 -24.61 -26.88 -9.29
C ASP B 135 -24.92 -28.37 -9.45
N ILE B 136 -25.89 -28.71 -10.32
CA ILE B 136 -26.28 -30.08 -10.61
C ILE B 136 -25.16 -30.79 -11.40
N ILE B 137 -24.64 -30.13 -12.45
CA ILE B 137 -23.55 -30.63 -13.30
C ILE B 137 -22.30 -30.88 -12.44
N SER B 138 -21.95 -29.91 -11.59
CA SER B 138 -20.79 -29.98 -10.68
C SER B 138 -20.91 -31.18 -9.75
N ARG B 139 -22.13 -31.44 -9.22
CA ARG B 139 -22.43 -32.55 -8.33
C ARG B 139 -22.22 -33.94 -8.96
N VAL B 140 -22.07 -34.01 -10.31
CA VAL B 140 -21.85 -35.26 -11.04
C VAL B 140 -20.44 -35.30 -11.64
N ILE B 141 -20.00 -34.19 -12.25
CA ILE B 141 -18.70 -34.08 -12.92
C ILE B 141 -17.56 -33.88 -11.91
N ASN B 142 -17.70 -32.91 -10.97
CA ASN B 142 -16.67 -32.61 -9.96
C ASN B 142 -16.75 -33.46 -8.69
N ASP B 143 -17.91 -33.45 -8.00
CA ASP B 143 -18.15 -34.16 -6.73
C ASP B 143 -17.96 -35.68 -6.81
N VAL B 144 -18.18 -36.30 -7.98
CA VAL B 144 -17.98 -37.74 -8.15
C VAL B 144 -16.52 -38.01 -8.58
N ASP B 145 -15.85 -36.99 -9.16
CA ASP B 145 -14.43 -37.07 -9.51
C ASP B 145 -13.61 -36.82 -8.22
N ASN B 146 -14.24 -36.18 -7.21
CA ASN B 146 -13.67 -35.87 -5.92
C ASN B 146 -13.61 -37.11 -5.02
N ILE B 147 -14.51 -38.10 -5.24
CA ILE B 147 -14.53 -39.35 -4.45
C ILE B 147 -13.60 -40.43 -5.07
N ASN B 148 -12.57 -39.98 -5.83
CA ASN B 148 -11.56 -40.84 -6.43
C ASN B 148 -10.34 -40.96 -5.51
N ASN B 149 -10.23 -40.05 -4.52
CA ASN B 149 -9.15 -40.05 -3.53
C ASN B 149 -9.39 -41.05 -2.38
N VAL B 150 -10.64 -41.53 -2.21
CA VAL B 150 -11.04 -42.52 -1.20
C VAL B 150 -10.90 -43.96 -1.74
N LEU B 151 -11.21 -44.16 -3.03
CA LEU B 151 -11.15 -45.46 -3.68
C LEU B 151 -9.75 -45.80 -4.18
N GLY B 152 -9.41 -47.08 -4.14
CA GLY B 152 -8.13 -47.61 -4.59
C GLY B 152 -6.99 -47.28 -3.64
N ASN B 153 -6.37 -46.11 -3.85
CA ASN B 153 -5.23 -45.60 -3.08
C ASN B 153 -5.49 -45.56 -1.57
N SER B 154 -6.62 -44.99 -1.13
CA SER B 154 -6.95 -44.93 0.30
C SER B 154 -7.48 -46.25 0.87
N ILE B 155 -7.88 -47.21 0.00
CA ILE B 155 -8.36 -48.51 0.44
C ILE B 155 -7.17 -49.45 0.70
N ILE B 156 -6.25 -49.59 -0.29
CA ILE B 156 -5.04 -50.43 -0.20
C ILE B 156 -4.19 -50.02 1.01
N GLN B 157 -3.95 -48.71 1.18
CA GLN B 157 -3.17 -48.12 2.27
C GLN B 157 -3.81 -48.34 3.65
N PHE B 158 -5.16 -48.38 3.73
CA PHE B 158 -5.88 -48.61 4.98
C PHE B 158 -5.68 -50.04 5.47
N PHE B 159 -5.87 -51.02 4.56
CA PHE B 159 -5.71 -52.45 4.86
C PHE B 159 -4.24 -52.80 5.15
N SER B 160 -3.30 -52.05 4.53
CA SER B 160 -1.87 -52.20 4.76
C SER B 160 -1.52 -51.52 6.10
N GLY B 161 -2.28 -50.47 6.43
CA GLY B 161 -2.12 -49.70 7.65
C GLY B 161 -2.59 -50.42 8.91
N ILE B 162 -3.68 -51.20 8.81
CA ILE B 162 -4.23 -51.93 9.96
C ILE B 162 -3.42 -53.21 10.26
N VAL B 163 -2.80 -53.83 9.24
CA VAL B 163 -1.98 -55.05 9.41
C VAL B 163 -0.61 -54.72 10.06
N THR B 164 0.02 -53.61 9.64
CA THR B 164 1.32 -53.18 10.17
C THR B 164 1.19 -52.67 11.61
N LEU B 165 0.04 -52.08 11.97
CA LEU B 165 -0.26 -51.56 13.31
C LEU B 165 -0.45 -52.73 14.29
N ALA B 166 -1.21 -53.76 13.88
CA ALA B 166 -1.46 -54.98 14.67
C ALA B 166 -0.21 -55.85 14.75
N GLY B 167 0.59 -55.83 13.67
CA GLY B 167 1.82 -56.59 13.55
C GLY B 167 2.95 -56.06 14.42
N ALA B 168 2.91 -54.74 14.77
CA ALA B 168 3.92 -54.08 15.59
C ALA B 168 3.54 -53.99 17.08
N VAL B 169 2.23 -53.92 17.40
CA VAL B 169 1.73 -53.84 18.77
C VAL B 169 2.01 -55.15 19.55
N ILE B 170 2.01 -56.30 18.84
CA ILE B 170 2.31 -57.62 19.41
C ILE B 170 3.81 -57.75 19.71
N MET B 171 4.66 -57.08 18.91
CA MET B 171 6.11 -57.05 19.04
C MET B 171 6.53 -56.23 20.27
N MET B 172 5.82 -55.13 20.54
CA MET B 172 6.06 -54.22 21.67
C MET B 172 5.73 -54.87 23.02
N PHE B 173 4.63 -55.66 23.06
CA PHE B 173 4.20 -56.38 24.28
C PHE B 173 5.12 -57.55 24.61
N ARG B 174 5.81 -58.12 23.58
CA ARG B 174 6.76 -59.22 23.72
C ARG B 174 8.03 -58.73 24.42
N VAL B 175 8.46 -57.48 24.12
CA VAL B 175 9.64 -56.84 24.70
C VAL B 175 9.35 -56.45 26.16
N ASN B 176 8.35 -55.56 26.39
CA ASN B 176 7.96 -55.09 27.72
C ASN B 176 6.49 -54.68 27.74
N VAL B 177 5.72 -55.25 28.69
CA VAL B 177 4.29 -54.98 28.88
C VAL B 177 4.08 -53.61 29.55
N ILE B 178 4.94 -53.27 30.55
CA ILE B 178 4.91 -52.01 31.30
C ILE B 178 5.23 -50.79 30.40
N LEU B 179 6.32 -50.89 29.60
CA LEU B 179 6.76 -49.83 28.68
C LEU B 179 5.79 -49.58 27.52
N SER B 180 5.00 -50.61 27.14
CA SER B 180 3.99 -50.52 26.07
C SER B 180 2.80 -49.67 26.49
N LEU B 181 2.48 -49.64 27.80
CA LEU B 181 1.37 -48.87 28.37
C LEU B 181 1.63 -47.36 28.34
N VAL B 182 2.92 -46.94 28.32
CA VAL B 182 3.33 -45.53 28.25
C VAL B 182 3.04 -45.02 26.82
N THR B 183 3.34 -45.86 25.80
CA THR B 183 3.09 -45.59 24.38
C THR B 183 1.59 -45.73 24.03
N LEU B 184 0.82 -46.43 24.91
CA LEU B 184 -0.63 -46.63 24.75
C LEU B 184 -1.45 -45.56 25.47
N SER B 185 -0.86 -44.88 26.48
CA SER B 185 -1.51 -43.82 27.25
C SER B 185 -1.62 -42.52 26.44
N ILE B 186 -0.79 -42.37 25.39
CA ILE B 186 -0.79 -41.21 24.49
C ILE B 186 -1.75 -41.42 23.31
N VAL B 187 -2.14 -42.69 23.05
CA VAL B 187 -3.07 -43.11 21.98
C VAL B 187 -4.47 -42.44 22.12
N PRO B 188 -5.13 -42.34 23.32
CA PRO B 188 -6.43 -41.64 23.38
C PRO B 188 -6.33 -40.15 23.04
N LEU B 189 -5.17 -39.52 23.32
CA LEU B 189 -4.88 -38.12 23.02
C LEU B 189 -4.60 -37.95 21.52
N THR B 190 -4.10 -39.02 20.86
CA THR B 190 -3.79 -39.08 19.44
C THR B 190 -5.10 -39.10 18.62
N VAL B 191 -6.11 -39.85 19.10
CA VAL B 191 -7.44 -39.96 18.51
C VAL B 191 -8.19 -38.65 18.74
N LEU B 192 -7.97 -38.03 19.92
CA LEU B 192 -8.57 -36.76 20.34
C LEU B 192 -8.24 -35.61 19.38
N ILE B 193 -6.96 -35.43 19.04
CA ILE B 193 -6.50 -34.36 18.12
C ILE B 193 -6.95 -34.60 16.68
N THR B 194 -7.02 -35.88 16.24
CA THR B 194 -7.44 -36.28 14.89
C THR B 194 -8.91 -35.92 14.67
N GLN B 195 -9.79 -36.25 15.64
CA GLN B 195 -11.23 -35.99 15.59
C GLN B 195 -11.60 -34.50 15.57
N ILE B 196 -10.74 -33.64 16.15
CA ILE B 196 -10.96 -32.19 16.16
C ILE B 196 -10.61 -31.62 14.77
N VAL B 197 -9.52 -32.13 14.15
CA VAL B 197 -9.05 -31.71 12.83
C VAL B 197 -9.99 -32.24 11.72
N SER B 198 -10.30 -33.55 11.74
CA SER B 198 -11.18 -34.21 10.76
C SER B 198 -12.59 -33.60 10.67
N SER B 199 -13.11 -33.08 11.80
CA SER B 199 -14.43 -32.44 11.86
C SER B 199 -14.41 -31.10 11.14
N GLN B 200 -13.31 -30.34 11.27
CA GLN B 200 -13.13 -29.05 10.62
C GLN B 200 -12.78 -29.20 9.15
N THR B 201 -11.95 -30.22 8.81
CA THR B 201 -11.53 -30.52 7.44
C THR B 201 -12.76 -30.81 6.54
N ARG B 202 -13.71 -31.61 7.06
CA ARG B 202 -14.95 -31.97 6.36
C ARG B 202 -15.89 -30.77 6.27
N LYS B 203 -15.88 -29.90 7.31
CA LYS B 203 -16.69 -28.68 7.41
C LYS B 203 -16.31 -27.68 6.30
N TYR B 204 -15.00 -27.44 6.11
CA TYR B 204 -14.52 -26.52 5.08
C TYR B 204 -14.58 -27.10 3.68
N PHE B 205 -14.37 -28.43 3.53
CA PHE B 205 -14.41 -29.09 2.23
C PHE B 205 -15.82 -29.19 1.65
N TYR B 206 -16.85 -29.24 2.51
CA TYR B 206 -18.25 -29.26 2.07
C TYR B 206 -18.65 -27.88 1.57
N GLU B 207 -18.22 -26.82 2.29
CA GLU B 207 -18.44 -25.43 1.92
C GLU B 207 -17.74 -25.09 0.62
N ASN B 208 -16.55 -25.71 0.40
CA ASN B 208 -15.75 -25.55 -0.81
C ASN B 208 -16.52 -26.09 -2.03
N GLN B 209 -17.19 -27.26 -1.86
CA GLN B 209 -17.94 -27.90 -2.93
C GLN B 209 -19.26 -27.19 -3.28
N ARG B 210 -19.96 -26.59 -2.28
CA ARG B 210 -21.20 -25.87 -2.55
C ARG B 210 -20.94 -24.55 -3.29
N VAL B 211 -19.83 -23.86 -2.95
CA VAL B 211 -19.40 -22.60 -3.58
C VAL B 211 -18.86 -22.91 -5.00
N LEU B 212 -18.29 -24.12 -5.19
CA LEU B 212 -17.80 -24.59 -6.50
C LEU B 212 -19.01 -24.76 -7.43
N GLY B 213 -20.08 -25.34 -6.88
CA GLY B 213 -21.36 -25.51 -7.57
C GLY B 213 -22.02 -24.18 -7.83
N GLN B 214 -21.81 -23.19 -6.94
CA GLN B 214 -22.32 -21.82 -7.05
C GLN B 214 -21.61 -21.14 -8.23
N LEU B 215 -20.27 -21.27 -8.28
CA LEU B 215 -19.42 -20.72 -9.33
C LEU B 215 -19.75 -21.38 -10.65
N ASN B 216 -20.00 -22.71 -10.61
CA ASN B 216 -20.40 -23.56 -11.73
C ASN B 216 -21.75 -23.07 -12.30
N GLY B 217 -22.58 -22.53 -11.42
CA GLY B 217 -23.89 -21.97 -11.73
C GLY B 217 -23.78 -20.76 -12.62
N ILE B 218 -22.94 -19.77 -12.24
CA ILE B 218 -22.67 -18.54 -12.98
C ILE B 218 -21.99 -18.87 -14.31
N ILE B 219 -21.02 -19.80 -14.30
CA ILE B 219 -20.30 -20.24 -15.50
C ILE B 219 -21.30 -20.73 -16.57
N GLU B 220 -22.13 -21.74 -16.22
CA GLU B 220 -23.15 -22.33 -17.08
C GLU B 220 -24.18 -21.29 -17.53
N GLU B 221 -24.76 -20.55 -16.58
CA GLU B 221 -25.78 -19.52 -16.81
C GLU B 221 -25.27 -18.45 -17.80
N ASP B 222 -24.10 -17.85 -17.52
CA ASP B 222 -23.52 -16.80 -18.36
C ASP B 222 -23.17 -17.28 -19.76
N ILE B 223 -22.50 -18.45 -19.87
CA ILE B 223 -22.14 -19.03 -21.16
C ILE B 223 -23.41 -19.26 -21.99
N SER B 224 -24.43 -19.91 -21.39
CA SER B 224 -25.70 -20.15 -22.07
C SER B 224 -26.58 -18.89 -21.98
N GLY B 225 -26.20 -17.87 -22.74
CA GLY B 225 -26.86 -16.58 -22.77
C GLY B 225 -25.89 -15.43 -22.76
N LEU B 226 -24.72 -15.63 -23.37
CA LEU B 226 -23.65 -14.63 -23.47
C LEU B 226 -24.02 -13.53 -24.45
N THR B 227 -24.78 -13.87 -25.51
CA THR B 227 -25.25 -12.96 -26.56
C THR B 227 -26.05 -11.80 -25.95
N VAL B 228 -26.85 -12.10 -24.90
CA VAL B 228 -27.65 -11.14 -24.14
C VAL B 228 -26.72 -10.23 -23.32
N ILE B 229 -25.67 -10.82 -22.68
CA ILE B 229 -24.68 -10.10 -21.86
C ILE B 229 -23.93 -9.04 -22.68
N LYS B 230 -23.39 -9.44 -23.85
CA LYS B 230 -22.65 -8.55 -24.76
C LYS B 230 -23.54 -7.42 -25.30
N LEU B 231 -24.85 -7.72 -25.49
CA LEU B 231 -25.85 -6.78 -25.99
C LEU B 231 -26.17 -5.65 -25.00
N PHE B 232 -26.16 -5.94 -23.68
CA PHE B 232 -26.43 -4.93 -22.66
C PHE B 232 -25.16 -4.55 -21.87
N THR B 233 -23.98 -4.94 -22.40
CA THR B 233 -22.62 -4.67 -21.89
C THR B 233 -22.48 -4.93 -20.37
N ARG B 234 -22.94 -6.11 -19.92
CA ARG B 234 -22.85 -6.53 -18.52
C ARG B 234 -21.59 -7.37 -18.28
N GLU B 235 -20.50 -7.05 -19.02
CA GLU B 235 -19.21 -7.74 -18.96
C GLU B 235 -18.57 -7.63 -17.59
N GLU B 236 -18.40 -6.39 -17.06
CA GLU B 236 -17.81 -6.11 -15.75
C GLU B 236 -18.75 -6.48 -14.61
N LYS B 237 -20.07 -6.30 -14.80
CA LYS B 237 -21.09 -6.62 -13.81
C LYS B 237 -21.19 -8.13 -13.55
N GLU B 238 -21.07 -8.96 -14.62
CA GLU B 238 -21.08 -10.41 -14.49
C GLU B 238 -19.72 -10.90 -14.00
N MET B 239 -18.64 -10.09 -14.25
CA MET B 239 -17.28 -10.35 -13.78
C MET B 239 -17.24 -10.16 -12.28
N GLU B 240 -17.88 -9.07 -11.77
CA GLU B 240 -17.94 -8.80 -10.34
C GLU B 240 -18.88 -9.78 -9.62
N LYS B 241 -19.90 -10.31 -10.35
CA LYS B 241 -20.84 -11.31 -9.85
C LYS B 241 -20.10 -12.63 -9.67
N PHE B 242 -19.12 -12.90 -10.56
CA PHE B 242 -18.25 -14.08 -10.55
C PHE B 242 -17.20 -13.91 -9.43
N ASP B 243 -16.49 -12.75 -9.42
CA ASP B 243 -15.45 -12.41 -8.45
C ASP B 243 -15.93 -12.39 -6.99
N ARG B 244 -17.25 -12.19 -6.76
CA ARG B 244 -17.84 -12.21 -5.41
C ARG B 244 -17.86 -13.65 -4.88
N VAL B 245 -18.10 -14.62 -5.78
CA VAL B 245 -18.17 -16.07 -5.51
C VAL B 245 -16.76 -16.71 -5.59
N ASN B 246 -15.95 -16.28 -6.58
CA ASN B 246 -14.59 -16.76 -6.81
C ASN B 246 -13.64 -16.42 -5.66
N GLU B 247 -13.73 -15.19 -5.11
CA GLU B 247 -12.91 -14.76 -3.98
C GLU B 247 -13.36 -15.46 -2.70
N SER B 248 -14.65 -15.84 -2.63
CA SER B 248 -15.22 -16.58 -1.51
C SER B 248 -14.76 -18.05 -1.58
N LEU B 249 -14.61 -18.59 -2.81
CA LEU B 249 -14.12 -19.95 -3.08
C LEU B 249 -12.63 -20.03 -2.73
N ARG B 250 -11.89 -18.94 -2.98
CA ARG B 250 -10.47 -18.79 -2.69
C ARG B 250 -10.25 -18.82 -1.17
N LYS B 251 -11.10 -18.08 -0.42
CA LYS B 251 -11.03 -17.98 1.04
C LYS B 251 -11.41 -19.28 1.75
N VAL B 252 -12.26 -20.14 1.15
CA VAL B 252 -12.64 -21.42 1.74
C VAL B 252 -11.68 -22.53 1.27
N GLY B 253 -11.18 -22.39 0.04
CA GLY B 253 -10.26 -23.32 -0.59
C GLY B 253 -8.96 -23.47 0.17
N THR B 254 -8.36 -22.33 0.60
CA THR B 254 -7.12 -22.29 1.38
C THR B 254 -7.32 -22.97 2.75
N LYS B 255 -8.47 -22.72 3.40
CA LYS B 255 -8.85 -23.30 4.69
C LYS B 255 -9.01 -24.81 4.59
N ALA B 256 -9.57 -25.30 3.46
CA ALA B 256 -9.75 -26.73 3.22
C ALA B 256 -8.40 -27.43 3.02
N GLN B 257 -7.52 -26.86 2.15
CA GLN B 257 -6.19 -27.39 1.84
C GLN B 257 -5.24 -27.38 3.04
N ILE B 258 -5.25 -26.30 3.85
CA ILE B 258 -4.42 -26.16 5.05
C ILE B 258 -4.79 -27.23 6.08
N PHE B 259 -6.09 -27.36 6.40
CA PHE B 259 -6.61 -28.34 7.35
C PHE B 259 -6.39 -29.79 6.93
N SER B 260 -6.31 -30.04 5.61
CA SER B 260 -6.04 -31.36 5.03
C SER B 260 -4.59 -31.79 5.30
N GLY B 261 -3.66 -30.85 5.14
CA GLY B 261 -2.23 -31.07 5.34
C GLY B 261 -1.66 -30.52 6.63
N VAL B 262 -2.51 -30.33 7.66
CA VAL B 262 -2.08 -29.83 8.96
C VAL B 262 -1.84 -31.00 9.93
N LEU B 263 -2.56 -32.13 9.73
CA LEU B 263 -2.43 -33.34 10.55
C LEU B 263 -1.03 -34.00 10.44
N PRO B 264 -0.42 -34.22 9.23
CA PRO B 264 0.93 -34.82 9.19
C PRO B 264 2.00 -34.05 9.99
N PRO B 265 2.24 -32.71 9.86
CA PRO B 265 3.26 -32.07 10.71
C PRO B 265 2.88 -31.96 12.18
N LEU B 266 1.57 -31.90 12.50
CA LEU B 266 1.06 -31.83 13.88
C LEU B 266 1.28 -33.15 14.59
N MET B 267 1.20 -34.28 13.84
CA MET B 267 1.43 -35.62 14.36
C MET B 267 2.92 -35.91 14.52
N ASN B 268 3.77 -35.24 13.69
CA ASN B 268 5.23 -35.33 13.76
C ASN B 268 5.72 -34.70 15.05
N MET B 269 4.99 -33.66 15.53
CA MET B 269 5.24 -32.94 16.77
C MET B 269 4.95 -33.86 17.97
N VAL B 270 3.83 -34.64 17.89
CA VAL B 270 3.40 -35.59 18.93
C VAL B 270 4.42 -36.74 19.03
N ASN B 271 5.01 -37.16 17.88
CA ASN B 271 6.03 -38.21 17.83
C ASN B 271 7.33 -37.74 18.51
N ASN B 272 7.82 -36.54 18.14
CA ASN B 272 9.03 -35.92 18.69
C ASN B 272 8.90 -35.61 20.19
N LEU B 273 7.68 -35.26 20.65
CA LEU B 273 7.38 -35.02 22.07
C LEU B 273 7.35 -36.36 22.82
N GLY B 274 6.95 -37.42 22.10
CA GLY B 274 6.88 -38.79 22.62
C GLY B 274 8.25 -39.36 22.89
N PHE B 275 9.21 -39.17 21.94
CA PHE B 275 10.59 -39.62 22.07
C PHE B 275 11.37 -38.81 23.11
N ALA B 276 10.92 -37.55 23.36
CA ALA B 276 11.50 -36.65 24.36
C ALA B 276 11.15 -37.17 25.76
N LEU B 277 9.97 -37.81 25.91
CA LEU B 277 9.50 -38.41 27.15
C LEU B 277 10.14 -39.77 27.38
N ILE B 278 10.54 -40.48 26.29
CA ILE B 278 11.21 -41.79 26.36
C ILE B 278 12.63 -41.59 26.92
N SER B 279 13.33 -40.53 26.45
CA SER B 279 14.66 -40.14 26.91
C SER B 279 14.57 -39.44 28.29
N GLY B 280 13.44 -38.77 28.53
CA GLY B 280 13.14 -38.06 29.77
C GLY B 280 12.92 -39.00 30.94
N PHE B 281 12.04 -40.02 30.75
CA PHE B 281 11.76 -41.05 31.75
C PHE B 281 12.95 -42.01 31.88
N GLY B 282 13.70 -42.15 30.78
CA GLY B 282 14.90 -42.98 30.72
C GLY B 282 16.16 -42.24 31.16
N GLY B 283 15.97 -41.32 32.10
CA GLY B 283 17.01 -40.48 32.70
C GLY B 283 16.89 -40.47 34.21
N TRP B 284 15.64 -40.25 34.70
CA TRP B 284 15.32 -40.24 36.14
C TRP B 284 15.34 -41.68 36.67
N LEU B 285 14.81 -42.64 35.89
CA LEU B 285 14.78 -44.06 36.21
C LEU B 285 16.14 -44.71 35.92
N ALA B 286 16.95 -44.09 35.02
CA ALA B 286 18.29 -44.54 34.65
C ALA B 286 19.30 -44.35 35.79
N LEU B 287 19.01 -43.43 36.74
CA LEU B 287 19.81 -43.14 37.93
C LEU B 287 19.87 -44.35 38.87
N LYS B 288 18.76 -45.09 38.98
CA LYS B 288 18.63 -46.32 39.77
C LYS B 288 19.16 -47.53 38.98
N ASP B 289 19.22 -48.71 39.64
CA ASP B 289 19.69 -49.98 39.05
C ASP B 289 18.91 -50.42 37.81
N ILE B 290 17.59 -50.16 37.80
CA ILE B 290 16.69 -50.51 36.70
C ILE B 290 16.88 -49.54 35.49
N ILE B 291 16.44 -49.97 34.28
CA ILE B 291 16.52 -49.25 33.00
C ILE B 291 17.97 -49.13 32.50
N THR B 292 18.28 -49.86 31.41
CA THR B 292 19.61 -49.89 30.79
C THR B 292 19.63 -49.00 29.54
N VAL B 293 20.83 -48.73 28.99
CA VAL B 293 21.02 -47.91 27.77
C VAL B 293 20.53 -48.69 26.53
N GLY B 294 20.76 -50.01 26.54
CA GLY B 294 20.34 -50.91 25.47
C GLY B 294 18.85 -51.07 25.33
N THR B 295 18.11 -51.07 26.46
CA THR B 295 16.64 -51.21 26.50
C THR B 295 15.90 -49.99 25.93
N ILE B 296 16.47 -48.77 26.08
CA ILE B 296 15.86 -47.53 25.56
C ILE B 296 15.98 -47.50 24.03
N ALA B 297 17.20 -47.74 23.50
CA ALA B 297 17.51 -47.76 22.06
C ALA B 297 16.71 -48.80 21.28
N THR B 298 16.45 -49.98 21.90
CA THR B 298 15.68 -51.07 21.28
C THR B 298 14.18 -50.76 21.24
N PHE B 299 13.61 -50.23 22.35
CA PHE B 299 12.18 -49.89 22.45
C PHE B 299 11.78 -48.73 21.52
N ILE B 300 12.74 -47.86 21.15
CA ILE B 300 12.54 -46.75 20.22
C ILE B 300 12.26 -47.31 18.80
N GLY B 301 13.00 -48.35 18.43
CA GLY B 301 12.85 -49.05 17.15
C GLY B 301 11.51 -49.75 16.98
N TYR B 302 10.96 -50.28 18.09
CA TYR B 302 9.65 -50.97 18.12
C TYR B 302 8.49 -49.98 18.11
N SER B 303 8.65 -48.81 18.77
CA SER B 303 7.65 -47.75 18.84
C SER B 303 7.54 -47.03 17.49
N ARG B 304 8.67 -46.95 16.75
CA ARG B 304 8.75 -46.34 15.41
C ARG B 304 7.91 -47.13 14.40
N GLN B 305 7.95 -48.48 14.48
CA GLN B 305 7.17 -49.38 13.62
C GLN B 305 5.67 -49.36 13.97
N PHE B 306 5.30 -48.73 15.11
CA PHE B 306 3.92 -48.57 15.59
C PHE B 306 3.39 -47.17 15.30
N THR B 307 4.26 -46.14 15.40
CA THR B 307 3.88 -44.75 15.14
C THR B 307 3.61 -44.49 13.65
N ARG B 308 4.48 -45.03 12.75
CA ARG B 308 4.35 -44.89 11.28
C ARG B 308 2.95 -45.28 10.76
N PRO B 309 2.38 -46.50 11.05
CA PRO B 309 1.02 -46.79 10.58
C PRO B 309 -0.06 -45.94 11.26
N LEU B 310 0.17 -45.56 12.54
CA LEU B 310 -0.74 -44.72 13.33
C LEU B 310 -0.84 -43.31 12.74
N ASN B 311 0.28 -42.77 12.21
CA ASN B 311 0.33 -41.45 11.56
C ASN B 311 -0.45 -41.50 10.24
N GLU B 312 -0.26 -42.59 9.47
CA GLU B 312 -0.90 -42.83 8.18
C GLU B 312 -2.40 -43.04 8.28
N LEU B 313 -2.86 -43.86 9.26
CA LEU B 313 -4.28 -44.14 9.50
C LEU B 313 -5.02 -42.88 9.97
N SER B 314 -4.33 -42.04 10.77
CA SER B 314 -4.87 -40.77 11.27
C SER B 314 -4.97 -39.75 10.14
N ASN B 315 -3.99 -39.75 9.21
CA ASN B 315 -3.99 -38.85 8.06
C ASN B 315 -4.99 -39.29 7.00
N GLN B 316 -5.11 -40.62 6.73
CA GLN B 316 -6.04 -41.19 5.76
C GLN B 316 -7.47 -40.89 6.15
N PHE B 317 -7.80 -41.00 7.46
CA PHE B 317 -9.13 -40.69 8.01
C PHE B 317 -9.47 -39.20 7.79
N ASN B 318 -8.44 -38.34 7.77
CA ASN B 318 -8.54 -36.90 7.53
C ASN B 318 -8.59 -36.60 6.02
N MET B 319 -7.92 -37.43 5.19
CA MET B 319 -7.87 -37.28 3.73
C MET B 319 -9.15 -37.78 3.07
N ILE B 320 -9.87 -38.72 3.72
CA ILE B 320 -11.13 -39.26 3.20
C ILE B 320 -12.29 -38.30 3.51
N GLN B 321 -12.07 -37.30 4.40
CA GLN B 321 -13.06 -36.27 4.76
C GLN B 321 -13.38 -35.40 3.53
N MET B 322 -12.40 -35.29 2.60
CA MET B 322 -12.50 -34.57 1.32
C MET B 322 -13.57 -35.24 0.46
N ALA B 323 -13.56 -36.58 0.43
CA ALA B 323 -14.52 -37.40 -0.29
C ALA B 323 -15.86 -37.44 0.45
N LEU B 324 -15.81 -37.46 1.80
CA LEU B 324 -17.00 -37.48 2.66
C LEU B 324 -17.85 -36.23 2.48
N ALA B 325 -17.21 -35.07 2.29
CA ALA B 325 -17.85 -33.78 2.08
C ALA B 325 -18.53 -33.71 0.70
N SER B 326 -17.91 -34.34 -0.32
CA SER B 326 -18.43 -34.41 -1.70
C SER B 326 -19.55 -35.43 -1.79
N ALA B 327 -19.40 -36.59 -1.13
CA ALA B 327 -20.41 -37.65 -1.08
C ALA B 327 -21.66 -37.18 -0.32
N GLU B 328 -21.49 -36.20 0.60
CA GLU B 328 -22.57 -35.58 1.39
C GLU B 328 -23.49 -34.80 0.45
N ARG B 329 -22.91 -34.16 -0.58
CA ARG B 329 -23.64 -33.41 -1.61
C ARG B 329 -24.28 -34.36 -2.62
N ILE B 330 -23.71 -35.57 -2.77
CA ILE B 330 -24.22 -36.62 -3.66
C ILE B 330 -25.51 -37.22 -3.07
N PHE B 331 -25.53 -37.47 -1.75
CA PHE B 331 -26.70 -38.04 -1.04
C PHE B 331 -27.87 -37.07 -0.90
N GLU B 332 -27.62 -35.74 -0.96
CA GLU B 332 -28.65 -34.70 -0.88
C GLU B 332 -29.61 -34.78 -2.08
N ILE B 333 -29.07 -35.15 -3.26
CA ILE B 333 -29.80 -35.35 -4.52
C ILE B 333 -30.55 -36.68 -4.46
N LEU B 334 -29.91 -37.71 -3.87
CA LEU B 334 -30.47 -39.06 -3.70
C LEU B 334 -31.57 -39.10 -2.62
N ASP B 335 -31.67 -38.04 -1.79
CA ASP B 335 -32.67 -37.88 -0.73
C ASP B 335 -33.89 -37.03 -1.17
N LEU B 336 -33.79 -36.40 -2.36
CA LEU B 336 -34.86 -35.56 -2.93
C LEU B 336 -36.10 -36.39 -3.26
N GLU B 337 -37.28 -35.85 -2.92
CA GLU B 337 -38.57 -36.50 -3.16
C GLU B 337 -38.88 -36.51 -4.66
N GLU B 338 -38.97 -37.72 -5.24
CA GLU B 338 -39.23 -37.94 -6.67
C GLU B 338 -40.72 -38.15 -7.00
N GLU B 339 -41.08 -38.06 -8.30
CA GLU B 339 -42.46 -38.24 -8.81
C GLU B 339 -42.93 -39.66 -8.53
N LYS B 340 -44.08 -39.77 -7.84
CA LYS B 340 -44.64 -41.07 -7.47
C LYS B 340 -46.07 -41.26 -7.97
N ASP B 341 -46.29 -42.34 -8.75
CA ASP B 341 -47.58 -42.70 -9.32
C ASP B 341 -48.42 -43.43 -8.26
N ASP B 342 -49.75 -43.50 -8.49
CA ASP B 342 -50.70 -44.18 -7.61
C ASP B 342 -50.45 -45.70 -7.64
N PRO B 343 -50.58 -46.45 -6.51
CA PRO B 343 -50.33 -47.90 -6.54
C PRO B 343 -51.19 -48.67 -7.55
N ASP B 344 -52.45 -48.22 -7.74
CA ASP B 344 -53.39 -48.78 -8.72
C ASP B 344 -53.33 -47.94 -10.02
N ALA B 345 -52.12 -47.90 -10.61
CA ALA B 345 -51.82 -47.18 -11.85
C ALA B 345 -52.46 -47.86 -13.04
N VAL B 346 -53.31 -47.13 -13.77
CA VAL B 346 -54.03 -47.66 -14.94
C VAL B 346 -53.40 -47.16 -16.26
N GLU B 347 -53.14 -48.10 -17.19
CA GLU B 347 -52.60 -47.83 -18.51
C GLU B 347 -53.79 -47.58 -19.44
N LEU B 348 -53.91 -46.36 -20.00
CA LEU B 348 -55.01 -45.99 -20.87
C LEU B 348 -54.94 -46.65 -22.26
N ARG B 349 -55.80 -47.66 -22.47
CA ARG B 349 -55.91 -48.40 -23.72
C ARG B 349 -57.15 -47.90 -24.46
N GLU B 350 -57.13 -47.94 -25.81
CA GLU B 350 -58.18 -47.49 -26.72
C GLU B 350 -58.52 -46.00 -26.47
N VAL B 351 -57.46 -45.16 -26.51
CA VAL B 351 -57.52 -43.71 -26.30
C VAL B 351 -58.39 -43.05 -27.38
N ARG B 352 -59.31 -42.17 -26.96
CA ARG B 352 -60.21 -41.47 -27.87
C ARG B 352 -59.87 -39.99 -27.98
N GLY B 353 -59.78 -39.30 -26.85
CA GLY B 353 -59.47 -37.88 -26.77
C GLY B 353 -60.44 -37.06 -25.93
N GLU B 354 -61.05 -37.68 -24.91
CA GLU B 354 -62.00 -37.00 -24.03
C GLU B 354 -61.23 -36.27 -22.92
N ILE B 355 -61.41 -34.95 -22.84
CA ILE B 355 -60.73 -34.08 -21.87
C ILE B 355 -61.79 -33.36 -21.02
N GLU B 356 -61.69 -33.41 -19.69
CA GLU B 356 -62.65 -32.72 -18.83
C GLU B 356 -62.05 -32.17 -17.53
N PHE B 357 -62.31 -30.88 -17.25
CA PHE B 357 -61.87 -30.19 -16.04
C PHE B 357 -63.07 -29.96 -15.12
N LYS B 358 -62.88 -30.15 -13.81
CA LYS B 358 -63.96 -29.99 -12.83
C LYS B 358 -63.57 -29.08 -11.68
N ASN B 359 -63.88 -27.78 -11.83
CA ASN B 359 -63.65 -26.70 -10.86
C ASN B 359 -62.21 -26.68 -10.33
N VAL B 360 -61.24 -26.72 -11.26
CA VAL B 360 -59.80 -26.76 -11.00
C VAL B 360 -59.29 -25.42 -10.47
N TRP B 361 -58.53 -25.48 -9.35
CA TRP B 361 -57.90 -24.35 -8.67
C TRP B 361 -56.42 -24.66 -8.49
N PHE B 362 -55.54 -23.94 -9.19
CA PHE B 362 -54.09 -24.18 -9.11
C PHE B 362 -53.28 -22.90 -8.93
N SER B 363 -52.20 -22.98 -8.13
CA SER B 363 -51.23 -21.92 -7.87
C SER B 363 -49.83 -22.51 -7.87
N TYR B 364 -48.85 -21.78 -8.43
CA TYR B 364 -47.47 -22.26 -8.48
C TYR B 364 -46.75 -22.08 -7.14
N ASP B 365 -46.84 -20.87 -6.52
CA ASP B 365 -46.26 -20.50 -5.23
C ASP B 365 -47.20 -20.85 -4.05
N LYS B 366 -48.39 -21.40 -4.37
CA LYS B 366 -49.47 -21.82 -3.47
C LYS B 366 -50.06 -20.66 -2.66
N LYS B 367 -49.58 -19.42 -2.90
CA LYS B 367 -50.05 -18.20 -2.22
C LYS B 367 -51.06 -17.45 -3.10
N LYS B 368 -50.65 -17.05 -4.32
CA LYS B 368 -51.50 -16.34 -5.27
C LYS B 368 -52.14 -17.36 -6.23
N PRO B 369 -53.45 -17.66 -6.10
CA PRO B 369 -54.07 -18.62 -7.03
C PRO B 369 -54.02 -18.17 -8.50
N VAL B 370 -53.37 -19.00 -9.34
CA VAL B 370 -53.15 -18.80 -10.79
C VAL B 370 -54.45 -19.12 -11.58
N LEU B 371 -55.05 -20.28 -11.33
CA LEU B 371 -56.30 -20.71 -11.95
C LEU B 371 -57.40 -20.67 -10.91
N LYS B 372 -58.43 -19.86 -11.16
CA LYS B 372 -59.57 -19.73 -10.26
C LYS B 372 -60.78 -20.35 -10.96
N ASP B 373 -61.20 -21.55 -10.51
CA ASP B 373 -62.34 -22.33 -11.01
C ASP B 373 -62.29 -22.58 -12.54
N ILE B 374 -61.54 -23.62 -12.93
CA ILE B 374 -61.44 -24.00 -14.34
C ILE B 374 -62.26 -25.26 -14.57
N THR B 375 -63.31 -25.14 -15.38
CA THR B 375 -64.20 -26.26 -15.71
C THR B 375 -64.71 -26.17 -17.17
N PHE B 376 -64.46 -27.26 -17.93
CA PHE B 376 -64.86 -27.45 -19.32
C PHE B 376 -64.87 -28.92 -19.71
N HIS B 377 -65.63 -29.27 -20.77
CA HIS B 377 -65.75 -30.61 -21.30
C HIS B 377 -65.42 -30.62 -22.79
N ILE B 378 -64.43 -31.43 -23.17
CA ILE B 378 -63.94 -31.59 -24.54
C ILE B 378 -64.21 -33.03 -24.99
N LYS B 379 -65.05 -33.20 -26.02
CA LYS B 379 -65.38 -34.52 -26.58
C LYS B 379 -64.20 -35.01 -27.46
N PRO B 380 -64.03 -36.33 -27.71
CA PRO B 380 -62.90 -36.78 -28.56
C PRO B 380 -63.04 -36.37 -30.02
N GLY B 381 -61.91 -35.97 -30.61
CA GLY B 381 -61.83 -35.49 -31.99
C GLY B 381 -62.34 -34.07 -32.12
N GLN B 382 -61.86 -33.17 -31.23
CA GLN B 382 -62.26 -31.76 -31.19
C GLN B 382 -61.06 -30.82 -31.20
N LYS B 383 -61.18 -29.75 -31.99
CA LYS B 383 -60.16 -28.71 -32.11
C LYS B 383 -60.58 -27.58 -31.17
N VAL B 384 -59.88 -27.47 -30.04
CA VAL B 384 -60.18 -26.47 -29.01
C VAL B 384 -59.15 -25.35 -29.06
N ALA B 385 -59.61 -24.10 -29.19
CA ALA B 385 -58.74 -22.93 -29.25
C ALA B 385 -58.74 -22.14 -27.94
N LEU B 386 -57.72 -22.38 -27.11
CA LEU B 386 -57.56 -21.69 -25.84
C LEU B 386 -56.88 -20.35 -26.17
N VAL B 387 -57.56 -19.24 -25.87
CA VAL B 387 -57.11 -17.89 -26.18
C VAL B 387 -57.19 -16.97 -24.94
N GLY B 388 -56.49 -15.83 -24.99
CA GLY B 388 -56.49 -14.86 -23.91
C GLY B 388 -55.23 -14.02 -23.76
N PRO B 389 -55.27 -12.97 -22.90
CA PRO B 389 -54.09 -12.12 -22.71
C PRO B 389 -52.94 -12.76 -21.94
N THR B 390 -51.75 -12.12 -22.00
CA THR B 390 -50.49 -12.49 -21.35
C THR B 390 -50.69 -12.85 -19.88
N GLY B 391 -50.13 -13.98 -19.48
CA GLY B 391 -50.19 -14.47 -18.10
C GLY B 391 -51.56 -14.85 -17.58
N SER B 392 -52.46 -15.26 -18.49
CA SER B 392 -53.81 -15.69 -18.13
C SER B 392 -53.82 -16.99 -17.36
N GLY B 393 -53.23 -18.04 -17.93
CA GLY B 393 -53.14 -19.37 -17.35
C GLY B 393 -53.35 -20.48 -18.35
N LYS B 394 -53.20 -20.15 -19.65
CA LYS B 394 -53.38 -21.05 -20.79
C LYS B 394 -52.34 -22.18 -20.78
N THR B 395 -51.06 -21.82 -20.58
CA THR B 395 -49.93 -22.73 -20.48
C THR B 395 -50.07 -23.58 -19.21
N THR B 396 -50.62 -22.99 -18.13
CA THR B 396 -50.86 -23.64 -16.83
C THR B 396 -51.87 -24.80 -16.97
N ILE B 397 -52.94 -24.60 -17.77
CA ILE B 397 -53.99 -25.61 -18.07
C ILE B 397 -53.39 -26.77 -18.86
N VAL B 398 -52.44 -26.44 -19.74
CA VAL B 398 -51.68 -27.35 -20.58
C VAL B 398 -50.69 -28.18 -19.74
N ASN B 399 -49.95 -27.51 -18.82
CA ASN B 399 -48.98 -28.14 -17.93
C ASN B 399 -49.64 -29.10 -16.94
N LEU B 400 -50.83 -28.73 -16.42
CA LEU B 400 -51.60 -29.58 -15.51
C LEU B 400 -52.05 -30.85 -16.24
N LEU B 401 -52.44 -30.73 -17.53
CA LEU B 401 -52.88 -31.83 -18.39
C LEU B 401 -51.71 -32.78 -18.68
N MET B 402 -50.49 -32.24 -18.78
CA MET B 402 -49.28 -33.03 -19.00
C MET B 402 -48.77 -33.65 -17.69
N ARG B 403 -49.45 -33.31 -16.57
CA ARG B 403 -49.20 -33.73 -15.18
C ARG B 403 -47.78 -33.33 -14.70
N PHE B 404 -47.33 -32.12 -15.08
CA PHE B 404 -46.07 -31.53 -14.62
C PHE B 404 -46.33 -30.96 -13.22
N TYR B 405 -47.57 -30.51 -13.00
CA TYR B 405 -48.09 -29.93 -11.77
C TYR B 405 -49.47 -30.53 -11.51
N ASP B 406 -49.86 -30.63 -10.23
CA ASP B 406 -51.16 -31.20 -9.85
C ASP B 406 -52.06 -30.19 -9.16
N VAL B 407 -53.38 -30.35 -9.36
CA VAL B 407 -54.43 -29.47 -8.82
C VAL B 407 -54.55 -29.56 -7.30
N ASP B 408 -54.70 -28.39 -6.66
CA ASP B 408 -54.87 -28.25 -5.21
C ASP B 408 -56.30 -28.70 -4.83
N ARG B 409 -57.30 -28.23 -5.59
CA ARG B 409 -58.72 -28.59 -5.42
C ARG B 409 -59.45 -28.56 -6.78
N GLY B 410 -59.61 -29.73 -7.37
CA GLY B 410 -60.26 -29.92 -8.67
C GLY B 410 -59.98 -31.28 -9.28
N GLN B 411 -60.59 -31.56 -10.44
CA GLN B 411 -60.43 -32.84 -11.13
C GLN B 411 -60.17 -32.69 -12.62
N ILE B 412 -59.21 -33.47 -13.15
CA ILE B 412 -58.90 -33.54 -14.58
C ILE B 412 -59.18 -34.98 -15.00
N LEU B 413 -60.20 -35.20 -15.83
CA LEU B 413 -60.60 -36.53 -16.26
C LEU B 413 -60.31 -36.79 -17.73
N VAL B 414 -59.19 -37.50 -18.01
CA VAL B 414 -58.75 -37.87 -19.35
C VAL B 414 -59.38 -39.22 -19.73
N ASP B 415 -60.30 -39.19 -20.71
CA ASP B 415 -61.07 -40.31 -21.26
C ASP B 415 -61.98 -41.02 -20.21
N GLY B 416 -62.40 -40.26 -19.19
CA GLY B 416 -63.28 -40.75 -18.13
C GLY B 416 -62.61 -40.99 -16.79
N ILE B 417 -61.32 -41.39 -16.81
CA ILE B 417 -60.53 -41.68 -15.60
C ILE B 417 -59.75 -40.43 -15.19
N ASP B 418 -59.64 -40.20 -13.86
CA ASP B 418 -58.94 -39.05 -13.25
C ASP B 418 -57.42 -39.09 -13.56
N ILE B 419 -56.81 -37.89 -13.64
CA ILE B 419 -55.39 -37.66 -13.93
C ILE B 419 -54.46 -38.26 -12.86
N ARG B 420 -54.91 -38.30 -11.59
CA ARG B 420 -54.15 -38.84 -10.47
C ARG B 420 -54.05 -40.36 -10.50
N LYS B 421 -55.17 -41.05 -10.85
CA LYS B 421 -55.24 -42.52 -10.92
C LYS B 421 -54.43 -43.10 -12.09
N ILE B 422 -54.45 -42.42 -13.27
CA ILE B 422 -53.68 -42.83 -14.45
C ILE B 422 -52.19 -42.50 -14.21
N LYS B 423 -51.29 -43.47 -14.49
CA LYS B 423 -49.84 -43.29 -14.34
C LYS B 423 -49.32 -42.27 -15.36
N ARG B 424 -48.29 -41.48 -14.96
CA ARG B 424 -47.66 -40.45 -15.80
C ARG B 424 -47.09 -41.04 -17.10
N SER B 425 -46.67 -42.31 -17.05
CA SER B 425 -46.09 -43.06 -18.16
C SER B 425 -47.08 -43.30 -19.29
N SER B 426 -48.38 -43.59 -18.97
CA SER B 426 -49.46 -43.83 -19.94
C SER B 426 -50.19 -42.55 -20.35
N LEU B 427 -50.20 -41.55 -19.46
CA LEU B 427 -50.83 -40.24 -19.66
C LEU B 427 -50.07 -39.46 -20.73
N ARG B 428 -48.72 -39.46 -20.67
CA ARG B 428 -47.85 -38.77 -21.62
C ARG B 428 -47.70 -39.55 -22.93
N SER B 429 -48.11 -40.83 -22.93
CA SER B 429 -48.08 -41.70 -24.11
C SER B 429 -49.20 -41.33 -25.07
N SER B 430 -50.29 -40.78 -24.52
CA SER B 430 -51.50 -40.36 -25.26
C SER B 430 -51.47 -38.89 -25.71
N ILE B 431 -50.56 -38.07 -25.12
CA ILE B 431 -50.45 -36.63 -25.44
C ILE B 431 -49.04 -36.24 -25.96
N GLY B 432 -49.02 -35.55 -27.09
CA GLY B 432 -47.84 -34.99 -27.74
C GLY B 432 -47.88 -33.47 -27.64
N ILE B 433 -46.72 -32.83 -27.44
CA ILE B 433 -46.68 -31.38 -27.24
C ILE B 433 -45.71 -30.64 -28.18
N VAL B 434 -45.98 -29.34 -28.37
CA VAL B 434 -45.20 -28.34 -29.10
C VAL B 434 -45.19 -27.16 -28.10
N LEU B 435 -44.09 -27.05 -27.34
CA LEU B 435 -43.89 -26.06 -26.28
C LEU B 435 -43.85 -24.61 -26.78
N GLN B 436 -44.14 -23.66 -25.86
CA GLN B 436 -44.14 -22.21 -26.10
C GLN B 436 -42.71 -21.77 -26.46
N ASP B 437 -41.72 -22.20 -25.63
CA ASP B 437 -40.28 -21.92 -25.79
C ASP B 437 -39.66 -23.19 -26.39
N THR B 438 -39.34 -23.16 -27.70
CA THR B 438 -38.81 -24.31 -28.46
C THR B 438 -37.43 -24.75 -27.95
N ILE B 439 -37.31 -26.05 -27.66
CA ILE B 439 -36.09 -26.71 -27.16
C ILE B 439 -35.75 -27.85 -28.11
N LEU B 440 -34.47 -27.92 -28.55
CA LEU B 440 -33.99 -28.96 -29.47
C LEU B 440 -32.69 -29.59 -28.98
N PHE B 441 -32.53 -30.90 -29.23
CA PHE B 441 -31.34 -31.66 -28.86
C PHE B 441 -30.17 -31.41 -29.82
N SER B 442 -28.94 -31.67 -29.36
CA SER B 442 -27.73 -31.43 -30.13
C SER B 442 -27.27 -32.64 -30.95
N THR B 443 -28.22 -33.33 -31.63
CA THR B 443 -27.94 -34.48 -32.51
C THR B 443 -28.24 -34.10 -33.97
N THR B 444 -28.41 -35.09 -34.87
CA THR B 444 -28.77 -34.81 -36.27
C THR B 444 -30.22 -34.32 -36.34
N VAL B 445 -30.58 -33.59 -37.42
CA VAL B 445 -31.95 -33.10 -37.62
C VAL B 445 -32.91 -34.31 -37.64
N LYS B 446 -32.53 -35.40 -38.34
CA LYS B 446 -33.27 -36.67 -38.47
C LYS B 446 -33.56 -37.29 -37.09
N GLU B 447 -32.54 -37.37 -36.21
CA GLU B 447 -32.65 -37.93 -34.85
C GLU B 447 -33.46 -37.04 -33.90
N ASN B 448 -33.54 -35.73 -34.20
CA ASN B 448 -34.30 -34.76 -33.41
C ASN B 448 -35.79 -34.86 -33.70
N LEU B 449 -36.17 -35.05 -34.99
CA LEU B 449 -37.56 -35.21 -35.44
C LEU B 449 -38.09 -36.60 -35.06
N LYS B 450 -37.17 -37.61 -34.99
CA LYS B 450 -37.42 -39.00 -34.64
C LYS B 450 -37.79 -39.19 -33.15
N TYR B 451 -37.68 -38.11 -32.33
CA TYR B 451 -38.05 -38.09 -30.91
C TYR B 451 -39.59 -38.10 -30.86
N GLY B 452 -40.14 -38.95 -29.99
CA GLY B 452 -41.59 -39.10 -29.86
C GLY B 452 -42.13 -40.33 -30.57
N ASN B 453 -41.39 -40.79 -31.62
CA ASN B 453 -41.69 -41.96 -32.43
C ASN B 453 -40.38 -42.56 -33.00
N PRO B 454 -39.68 -43.45 -32.27
CA PRO B 454 -38.43 -44.01 -32.78
C PRO B 454 -38.60 -45.03 -33.91
N GLY B 455 -39.81 -45.53 -34.09
CA GLY B 455 -40.14 -46.50 -35.14
C GLY B 455 -40.38 -45.85 -36.49
N ALA B 456 -40.26 -44.51 -36.57
CA ALA B 456 -40.49 -43.73 -37.78
C ALA B 456 -39.36 -43.90 -38.80
N THR B 457 -39.72 -44.37 -40.01
CA THR B 457 -38.80 -44.56 -41.12
C THR B 457 -38.55 -43.22 -41.83
N ASP B 458 -37.53 -43.14 -42.70
CA ASP B 458 -37.21 -41.92 -43.46
C ASP B 458 -38.36 -41.50 -44.39
N GLU B 459 -39.14 -42.50 -44.88
CA GLU B 459 -40.31 -42.30 -45.75
C GLU B 459 -41.42 -41.55 -44.99
N GLU B 460 -41.51 -41.79 -43.67
CA GLU B 460 -42.47 -41.14 -42.78
C GLU B 460 -41.97 -39.73 -42.44
N ILE B 461 -40.69 -39.63 -42.03
CA ILE B 461 -40.00 -38.40 -41.62
C ILE B 461 -39.98 -37.34 -42.73
N LYS B 462 -39.50 -37.70 -43.93
CA LYS B 462 -39.37 -36.77 -45.06
C LYS B 462 -40.72 -36.31 -45.62
N GLU B 463 -41.75 -37.19 -45.66
CA GLU B 463 -43.08 -36.83 -46.16
C GLU B 463 -43.79 -35.85 -45.21
N ALA B 464 -43.62 -36.05 -43.89
CA ALA B 464 -44.19 -35.18 -42.85
C ALA B 464 -43.55 -33.81 -42.90
N ALA B 465 -42.20 -33.75 -42.96
CA ALA B 465 -41.42 -32.51 -43.03
C ALA B 465 -41.70 -31.71 -44.30
N LYS B 466 -42.04 -32.39 -45.41
CA LYS B 466 -42.39 -31.76 -46.68
C LYS B 466 -43.75 -31.06 -46.57
N LEU B 467 -44.64 -31.58 -45.71
CA LEU B 467 -45.99 -31.04 -45.49
C LEU B 467 -46.01 -29.82 -44.56
N THR B 468 -45.09 -29.76 -43.60
CA THR B 468 -44.99 -28.65 -42.64
C THR B 468 -43.97 -27.58 -43.08
N HIS B 469 -43.48 -27.67 -44.33
CA HIS B 469 -42.49 -26.76 -44.94
C HIS B 469 -41.12 -26.76 -44.21
N SER B 470 -40.83 -27.83 -43.46
CA SER B 470 -39.57 -28.01 -42.73
C SER B 470 -38.45 -28.48 -43.67
N ASP B 471 -38.75 -29.46 -44.55
CA ASP B 471 -37.86 -30.06 -45.55
C ASP B 471 -37.25 -29.03 -46.53
N HIS B 472 -37.87 -27.85 -46.66
CA HIS B 472 -37.43 -26.74 -47.52
C HIS B 472 -36.04 -26.20 -47.15
N PHE B 473 -35.70 -26.18 -45.83
CA PHE B 473 -34.43 -25.67 -45.31
C PHE B 473 -33.46 -26.76 -44.81
N ILE B 474 -33.94 -28.02 -44.70
CA ILE B 474 -33.09 -29.15 -44.26
C ILE B 474 -32.17 -29.62 -45.41
N LYS B 475 -32.69 -29.62 -46.65
CA LYS B 475 -31.94 -30.01 -47.86
C LYS B 475 -30.90 -28.97 -48.32
N HIS B 476 -30.79 -27.84 -47.59
CA HIS B 476 -29.85 -26.75 -47.85
C HIS B 476 -28.69 -26.73 -46.82
N LEU B 477 -28.81 -27.55 -45.76
CA LEU B 477 -27.82 -27.68 -44.69
C LEU B 477 -26.55 -28.43 -45.16
N PRO B 478 -25.39 -28.31 -44.46
CA PRO B 478 -24.16 -29.00 -44.93
C PRO B 478 -24.24 -30.53 -45.05
N GLU B 479 -24.80 -31.22 -44.04
CA GLU B 479 -24.95 -32.68 -44.03
C GLU B 479 -26.39 -33.15 -44.22
N GLY B 480 -27.27 -32.20 -44.59
CA GLY B 480 -28.69 -32.42 -44.82
C GLY B 480 -29.47 -32.79 -43.58
N TYR B 481 -30.12 -33.97 -43.61
CA TYR B 481 -30.89 -34.51 -42.48
C TYR B 481 -29.98 -35.01 -41.39
N GLU B 482 -28.69 -35.22 -41.74
CA GLU B 482 -27.66 -35.68 -40.83
C GLU B 482 -26.77 -34.52 -40.29
N THR B 483 -27.25 -33.26 -40.41
CA THR B 483 -26.55 -32.07 -39.90
C THR B 483 -26.72 -32.04 -38.39
N VAL B 484 -25.61 -32.22 -37.67
CA VAL B 484 -25.61 -32.22 -36.20
C VAL B 484 -25.83 -30.78 -35.70
N LEU B 485 -27.00 -30.57 -35.07
CA LEU B 485 -27.46 -29.29 -34.55
C LEU B 485 -26.63 -28.79 -33.36
N THR B 486 -26.53 -27.45 -33.24
CA THR B 486 -25.85 -26.80 -32.12
C THR B 486 -26.78 -26.87 -30.91
N ASP B 487 -26.27 -26.60 -29.69
CA ASP B 487 -27.07 -26.61 -28.46
C ASP B 487 -28.29 -25.69 -28.65
N ASN B 488 -29.50 -26.26 -28.49
CA ASN B 488 -30.82 -25.63 -28.67
C ASN B 488 -31.16 -25.29 -30.14
N GLY B 489 -30.28 -25.69 -31.06
CA GLY B 489 -30.42 -25.46 -32.49
C GLY B 489 -30.53 -23.99 -32.85
N GLU B 490 -29.69 -23.16 -32.21
CA GLU B 490 -29.67 -21.71 -32.41
C GLU B 490 -28.94 -21.30 -33.70
N ASP B 491 -28.42 -22.30 -34.45
CA ASP B 491 -27.74 -22.12 -35.74
C ASP B 491 -28.78 -21.98 -36.87
N LEU B 492 -30.06 -21.99 -36.51
CA LEU B 492 -31.20 -21.84 -37.41
C LEU B 492 -31.98 -20.58 -37.03
N SER B 493 -32.99 -20.22 -37.83
CA SER B 493 -33.86 -19.09 -37.54
C SER B 493 -34.85 -19.54 -36.45
N GLN B 494 -35.36 -18.58 -35.63
CA GLN B 494 -36.27 -18.89 -34.52
C GLN B 494 -37.58 -19.55 -34.95
N GLY B 495 -38.10 -19.16 -36.12
CA GLY B 495 -39.30 -19.75 -36.70
C GLY B 495 -38.99 -21.14 -37.22
N GLN B 496 -37.81 -21.31 -37.85
CA GLN B 496 -37.32 -22.58 -38.41
C GLN B 496 -37.31 -23.67 -37.36
N ARG B 497 -36.96 -23.31 -36.13
CA ARG B 497 -36.92 -24.23 -35.00
C ARG B 497 -38.32 -24.71 -34.66
N GLN B 498 -39.33 -23.80 -34.72
CA GLN B 498 -40.72 -24.12 -34.41
C GLN B 498 -41.29 -25.20 -35.32
N LEU B 499 -41.08 -25.03 -36.64
CA LEU B 499 -41.52 -25.97 -37.69
C LEU B 499 -40.96 -27.37 -37.46
N LEU B 500 -39.77 -27.47 -36.84
CA LEU B 500 -39.10 -28.73 -36.48
C LEU B 500 -39.86 -29.41 -35.34
N ALA B 501 -40.24 -28.62 -34.31
CA ALA B 501 -40.98 -29.10 -33.14
C ALA B 501 -42.40 -29.53 -33.51
N ILE B 502 -43.03 -28.83 -34.49
CA ILE B 502 -44.38 -29.15 -34.98
C ILE B 502 -44.37 -30.57 -35.59
N THR B 503 -43.36 -30.87 -36.45
CA THR B 503 -43.21 -32.18 -37.09
C THR B 503 -42.99 -33.28 -36.06
N ARG B 504 -42.03 -33.07 -35.14
CA ARG B 504 -41.67 -33.99 -34.06
C ARG B 504 -42.91 -34.60 -33.39
N ALA B 505 -43.87 -33.74 -32.98
CA ALA B 505 -45.12 -34.15 -32.32
C ALA B 505 -46.09 -34.79 -33.29
N PHE B 506 -46.14 -34.30 -34.55
CA PHE B 506 -47.02 -34.84 -35.60
C PHE B 506 -46.54 -36.21 -36.09
N LEU B 507 -45.27 -36.55 -35.81
CA LEU B 507 -44.63 -37.82 -36.14
C LEU B 507 -44.91 -38.81 -35.00
N ALA B 508 -44.92 -38.31 -33.73
CA ALA B 508 -45.21 -39.07 -32.51
C ALA B 508 -46.64 -39.64 -32.52
N ASN B 509 -47.50 -39.07 -33.40
CA ASN B 509 -48.90 -39.40 -33.68
C ASN B 509 -49.73 -39.69 -32.41
N PRO B 510 -50.05 -38.67 -31.58
CA PRO B 510 -50.83 -38.91 -30.36
C PRO B 510 -52.33 -38.72 -30.57
N LYS B 511 -53.17 -39.27 -29.67
CA LYS B 511 -54.61 -39.06 -29.82
C LYS B 511 -55.02 -37.67 -29.32
N ILE B 512 -54.23 -37.09 -28.39
CA ILE B 512 -54.41 -35.75 -27.84
C ILE B 512 -53.14 -34.93 -28.16
N LEU B 513 -53.30 -33.72 -28.73
CA LEU B 513 -52.16 -32.87 -29.11
C LEU B 513 -52.28 -31.46 -28.55
N ILE B 514 -51.16 -30.92 -28.06
CA ILE B 514 -51.09 -29.55 -27.53
C ILE B 514 -50.20 -28.69 -28.42
N LEU B 515 -50.78 -27.64 -29.04
CA LEU B 515 -50.07 -26.71 -29.91
C LEU B 515 -49.92 -25.33 -29.24
N ASP B 516 -49.36 -25.33 -28.01
CA ASP B 516 -49.12 -24.15 -27.18
C ASP B 516 -48.08 -23.25 -27.85
N ALA B 517 -48.54 -22.09 -28.35
CA ALA B 517 -47.76 -21.08 -29.09
C ALA B 517 -46.96 -21.75 -30.22
N ALA B 518 -47.70 -22.50 -31.06
CA ALA B 518 -47.16 -23.30 -32.15
C ALA B 518 -46.50 -22.51 -33.27
N THR B 519 -47.14 -21.41 -33.73
CA THR B 519 -46.59 -20.60 -34.82
C THR B 519 -46.49 -19.14 -34.41
N SER B 520 -45.67 -18.86 -33.41
CA SER B 520 -45.47 -17.50 -32.93
C SER B 520 -44.38 -16.82 -33.76
N ASN B 521 -43.19 -17.45 -33.83
CA ASN B 521 -42.03 -16.96 -34.58
C ASN B 521 -42.12 -17.27 -36.09
N VAL B 522 -43.11 -18.11 -36.50
CA VAL B 522 -43.38 -18.49 -37.89
C VAL B 522 -44.21 -17.36 -38.55
N ASP B 523 -43.89 -17.01 -39.80
CA ASP B 523 -44.58 -15.95 -40.56
C ASP B 523 -46.00 -16.33 -40.97
N THR B 524 -46.90 -15.32 -41.02
CA THR B 524 -48.33 -15.42 -41.38
C THR B 524 -48.60 -16.13 -42.70
N LYS B 525 -47.70 -15.97 -43.69
CA LYS B 525 -47.78 -16.57 -45.02
C LYS B 525 -47.50 -18.09 -44.99
N THR B 526 -46.38 -18.51 -44.35
CA THR B 526 -45.97 -19.91 -44.25
C THR B 526 -46.89 -20.68 -43.29
N GLU B 527 -47.44 -20.02 -42.25
CA GLU B 527 -48.37 -20.59 -41.28
C GLU B 527 -49.64 -21.12 -41.96
N LYS B 528 -50.16 -20.37 -42.96
CA LYS B 528 -51.36 -20.71 -43.75
C LYS B 528 -51.06 -21.87 -44.70
N SER B 529 -49.82 -21.93 -45.23
CA SER B 529 -49.36 -22.97 -46.15
C SER B 529 -49.34 -24.37 -45.52
N ILE B 530 -49.24 -24.44 -44.17
CA ILE B 530 -49.25 -25.69 -43.42
C ILE B 530 -50.71 -26.05 -43.05
N GLN B 531 -51.45 -25.08 -42.47
CA GLN B 531 -52.84 -25.15 -41.97
C GLN B 531 -53.72 -26.24 -42.60
N ALA B 532 -53.80 -26.28 -43.94
CA ALA B 532 -54.61 -27.26 -44.68
C ALA B 532 -54.11 -28.70 -44.48
N ALA B 533 -52.79 -28.94 -44.68
CA ALA B 533 -52.13 -30.24 -44.52
C ALA B 533 -52.02 -30.60 -43.04
N MET B 534 -51.90 -29.58 -42.16
CA MET B 534 -51.79 -29.70 -40.72
C MET B 534 -53.09 -30.25 -40.11
N TRP B 535 -54.25 -29.71 -40.56
CA TRP B 535 -55.59 -30.12 -40.11
C TRP B 535 -55.95 -31.53 -40.54
N LYS B 536 -55.39 -31.98 -41.69
CA LYS B 536 -55.59 -33.33 -42.24
C LYS B 536 -54.94 -34.36 -41.30
N LEU B 537 -53.82 -33.98 -40.67
CA LEU B 537 -53.13 -34.81 -39.69
C LEU B 537 -53.77 -34.60 -38.31
N MET B 538 -54.47 -33.45 -38.13
CA MET B 538 -55.14 -33.07 -36.88
C MET B 538 -56.56 -33.67 -36.75
N GLU B 539 -57.14 -34.17 -37.85
CA GLU B 539 -58.47 -34.77 -37.80
C GLU B 539 -58.42 -36.17 -37.16
N GLY B 540 -59.49 -36.51 -36.44
CA GLY B 540 -59.61 -37.77 -35.72
C GLY B 540 -58.79 -37.80 -34.44
N LYS B 541 -58.44 -36.60 -33.93
CA LYS B 541 -57.65 -36.37 -32.70
C LYS B 541 -58.13 -35.10 -31.99
N THR B 542 -57.98 -35.06 -30.67
CA THR B 542 -58.32 -33.90 -29.84
C THR B 542 -57.09 -32.99 -29.74
N SER B 543 -57.23 -31.72 -30.12
CA SER B 543 -56.11 -30.78 -30.08
C SER B 543 -56.47 -29.44 -29.44
N ILE B 544 -55.64 -29.02 -28.46
CA ILE B 544 -55.80 -27.74 -27.79
C ILE B 544 -54.72 -26.80 -28.34
N ILE B 545 -55.14 -25.78 -29.10
CA ILE B 545 -54.23 -24.85 -29.74
C ILE B 545 -54.27 -23.48 -29.07
N ILE B 546 -53.10 -22.97 -28.65
CA ILE B 546 -52.94 -21.66 -28.04
C ILE B 546 -52.23 -20.74 -29.04
N ALA B 547 -52.84 -19.54 -29.30
CA ALA B 547 -52.33 -18.53 -30.23
C ALA B 547 -52.99 -17.17 -30.00
N HIS B 548 -52.30 -16.10 -30.39
CA HIS B 548 -52.81 -14.73 -30.33
C HIS B 548 -53.18 -14.29 -31.74
N ARG B 549 -53.04 -15.22 -32.71
CA ARG B 549 -53.39 -15.05 -34.12
C ARG B 549 -54.83 -15.55 -34.30
N LEU B 550 -55.75 -14.94 -33.53
CA LEU B 550 -57.17 -15.23 -33.41
C LEU B 550 -57.88 -15.64 -34.71
N ASN B 551 -57.50 -15.04 -35.87
CA ASN B 551 -58.10 -15.31 -37.18
C ASN B 551 -57.66 -16.65 -37.82
N THR B 552 -56.77 -17.41 -37.14
CA THR B 552 -56.29 -18.71 -37.60
C THR B 552 -56.93 -19.84 -36.79
N ILE B 553 -57.18 -19.57 -35.50
CA ILE B 553 -57.79 -20.49 -34.53
C ILE B 553 -59.32 -20.35 -34.47
N LYS B 554 -59.90 -19.49 -35.33
CA LYS B 554 -61.34 -19.20 -35.41
C LYS B 554 -62.20 -20.36 -35.89
N ASN B 555 -61.60 -21.29 -36.66
CA ASN B 555 -62.31 -22.45 -37.21
C ASN B 555 -62.29 -23.68 -36.30
N ALA B 556 -61.87 -23.49 -35.03
CA ALA B 556 -61.83 -24.53 -34.01
C ALA B 556 -63.25 -24.84 -33.51
N ASP B 557 -63.53 -26.14 -33.24
CA ASP B 557 -64.83 -26.66 -32.77
C ASP B 557 -65.34 -26.02 -31.47
N LEU B 558 -64.41 -25.53 -30.62
CA LEU B 558 -64.71 -24.87 -29.35
C LEU B 558 -63.63 -23.83 -29.07
N ILE B 559 -64.06 -22.61 -28.68
CA ILE B 559 -63.14 -21.53 -28.35
C ILE B 559 -63.32 -21.14 -26.87
N ILE B 560 -62.27 -21.38 -26.05
CA ILE B 560 -62.26 -21.06 -24.62
C ILE B 560 -61.44 -19.80 -24.39
N VAL B 561 -62.13 -18.67 -24.10
CA VAL B 561 -61.51 -17.37 -23.82
C VAL B 561 -61.19 -17.30 -22.34
N LEU B 562 -59.89 -17.11 -22.02
CA LEU B 562 -59.39 -17.05 -20.66
C LEU B 562 -59.00 -15.64 -20.23
N ARG B 563 -59.23 -15.31 -18.95
CA ARG B 563 -58.91 -14.02 -18.35
C ARG B 563 -58.61 -14.20 -16.86
N ASP B 564 -57.39 -13.78 -16.41
CA ASP B 564 -56.87 -13.88 -15.03
C ASP B 564 -56.70 -15.30 -14.50
N GLY B 565 -57.35 -16.27 -15.15
CA GLY B 565 -57.34 -17.67 -14.77
C GLY B 565 -58.76 -18.17 -14.55
N GLU B 566 -59.72 -17.53 -15.23
CA GLU B 566 -61.15 -17.84 -15.20
C GLU B 566 -61.64 -17.89 -16.63
N ILE B 567 -62.62 -18.75 -16.92
CA ILE B 567 -63.19 -18.84 -18.26
C ILE B 567 -64.28 -17.77 -18.39
N VAL B 568 -64.05 -16.78 -19.25
CA VAL B 568 -64.97 -15.65 -19.44
C VAL B 568 -66.02 -15.91 -20.52
N GLU B 569 -65.59 -16.21 -21.76
CA GLU B 569 -66.47 -16.50 -22.90
C GLU B 569 -66.18 -17.88 -23.49
N MET B 570 -67.24 -18.60 -23.89
CA MET B 570 -67.13 -19.92 -24.48
C MET B 570 -68.12 -20.16 -25.61
N GLY B 571 -67.70 -20.99 -26.57
CA GLY B 571 -68.48 -21.36 -27.74
C GLY B 571 -67.72 -21.17 -29.02
N LYS B 572 -68.45 -21.13 -30.15
CA LYS B 572 -67.89 -20.95 -31.48
C LYS B 572 -67.74 -19.48 -31.85
N HIS B 573 -66.73 -19.17 -32.69
CA HIS B 573 -66.33 -17.84 -33.17
C HIS B 573 -67.49 -16.87 -33.47
N ASP B 574 -68.33 -17.20 -34.46
CA ASP B 574 -69.47 -16.39 -34.91
C ASP B 574 -70.44 -16.00 -33.80
N GLU B 575 -70.73 -16.94 -32.87
CA GLU B 575 -71.60 -16.76 -31.71
C GLU B 575 -70.98 -15.72 -30.75
N LEU B 576 -69.64 -15.78 -30.56
CA LEU B 576 -68.87 -14.90 -29.67
C LEU B 576 -68.61 -13.50 -30.24
N ILE B 577 -68.65 -13.34 -31.59
CA ILE B 577 -68.43 -12.04 -32.25
C ILE B 577 -69.64 -11.14 -32.05
N GLN B 578 -70.86 -11.64 -32.36
CA GLN B 578 -72.13 -10.92 -32.20
C GLN B 578 -72.46 -10.65 -30.72
N LYS B 579 -71.84 -11.42 -29.80
CA LYS B 579 -71.98 -11.28 -28.35
C LYS B 579 -71.35 -9.96 -27.85
N ARG B 580 -70.43 -9.37 -28.66
CA ARG B 580 -69.73 -8.09 -28.43
C ARG B 580 -69.00 -8.04 -27.07
N GLY B 581 -68.55 -9.21 -26.60
CA GLY B 581 -67.86 -9.36 -25.32
C GLY B 581 -66.38 -9.09 -25.38
N PHE B 582 -65.61 -9.97 -24.71
CA PHE B 582 -64.15 -9.89 -24.63
C PHE B 582 -63.46 -10.45 -25.88
N TYR B 583 -64.03 -11.52 -26.47
CA TYR B 583 -63.50 -12.14 -27.69
C TYR B 583 -63.57 -11.16 -28.85
N TYR B 584 -64.66 -10.37 -28.92
CA TYR B 584 -64.87 -9.33 -29.93
C TYR B 584 -63.81 -8.24 -29.74
N GLU B 585 -63.55 -7.83 -28.47
CA GLU B 585 -62.56 -6.82 -28.10
C GLU B 585 -61.16 -7.31 -28.46
N LEU B 586 -60.89 -8.62 -28.27
CA LEU B 586 -59.61 -9.28 -28.59
C LEU B 586 -59.38 -9.36 -30.11
N PHE B 587 -60.41 -9.81 -30.84
CA PHE B 587 -60.38 -9.98 -32.29
C PHE B 587 -60.18 -8.68 -33.05
N THR B 588 -60.98 -7.65 -32.74
CA THR B 588 -60.92 -6.33 -33.41
C THR B 588 -59.60 -5.60 -33.12
N SER B 589 -58.91 -5.96 -32.00
CA SER B 589 -57.64 -5.37 -31.60
C SER B 589 -56.48 -5.73 -32.54
N GLN B 590 -56.63 -6.85 -33.32
CA GLN B 590 -55.66 -7.33 -34.29
C GLN B 590 -55.43 -6.26 -35.36
N TYR B 591 -56.54 -5.69 -35.87
CA TYR B 591 -56.57 -4.66 -36.91
C TYR B 591 -56.81 -3.29 -36.29
N GLY B 592 -55.78 -2.44 -36.31
CA GLY B 592 -55.84 -1.08 -35.78
C GLY B 592 -56.41 -0.09 -36.79
N LEU B 593 -57.65 -0.36 -37.27
CA LEU B 593 -58.36 0.45 -38.24
C LEU B 593 -59.79 0.83 -37.78
N VAL B 594 -59.88 1.93 -37.00
CA VAL B 594 -61.11 2.47 -36.42
C VAL B 594 -61.31 3.95 -36.79
N LYS C 12 -0.89 15.70 9.35
CA LYS C 12 -2.10 15.18 9.97
C LYS C 12 -1.92 14.96 11.48
N THR C 13 -0.74 14.45 11.89
CA THR C 13 -0.39 14.16 13.28
C THR C 13 -0.23 15.44 14.13
N LEU C 14 -0.02 16.60 13.48
CA LEU C 14 0.16 17.92 14.11
C LEU C 14 -1.06 18.39 14.91
N ALA C 15 -2.27 17.96 14.51
CA ALA C 15 -3.55 18.32 15.14
C ALA C 15 -3.67 17.81 16.58
N ARG C 16 -2.93 16.73 16.94
CA ARG C 16 -2.91 16.10 18.26
C ARG C 16 -2.47 17.05 19.39
N TYR C 17 -1.72 18.12 19.05
CA TYR C 17 -1.25 19.13 19.99
C TYR C 17 -2.27 20.25 20.20
N LEU C 18 -3.19 20.41 19.23
CA LEU C 18 -4.28 21.39 19.26
C LEU C 18 -5.52 20.78 19.94
N LYS C 19 -5.55 19.43 20.02
CA LYS C 19 -6.59 18.61 20.63
C LYS C 19 -6.89 18.96 22.11
N PRO C 20 -5.89 19.11 23.04
CA PRO C 20 -6.25 19.44 24.44
C PRO C 20 -6.80 20.87 24.64
N TYR C 21 -6.42 21.79 23.73
CA TYR C 21 -6.85 23.19 23.77
C TYR C 21 -8.01 23.45 22.78
N TRP C 22 -8.90 22.45 22.61
CA TRP C 22 -10.05 22.54 21.70
C TRP C 22 -11.15 23.49 22.20
N ILE C 23 -11.20 23.77 23.53
CA ILE C 23 -12.16 24.67 24.17
C ILE C 23 -11.94 26.11 23.66
N PHE C 24 -10.66 26.56 23.61
CA PHE C 24 -10.26 27.88 23.11
C PHE C 24 -10.30 27.92 21.59
N ALA C 25 -10.06 26.77 20.93
CA ALA C 25 -10.05 26.60 19.48
C ALA C 25 -11.46 26.68 18.88
N VAL C 26 -12.50 26.29 19.66
CA VAL C 26 -13.90 26.31 19.22
C VAL C 26 -14.57 27.68 19.52
N LEU C 27 -14.06 28.42 20.53
CA LEU C 27 -14.58 29.73 20.92
C LEU C 27 -13.99 30.89 20.11
N ALA C 28 -12.80 30.69 19.51
CA ALA C 28 -12.12 31.70 18.67
C ALA C 28 -12.92 32.08 17.41
N PRO C 29 -13.46 31.13 16.58
CA PRO C 29 -14.26 31.57 15.43
C PRO C 29 -15.68 32.03 15.83
N LEU C 30 -16.16 31.60 17.01
CA LEU C 30 -17.49 31.96 17.56
C LEU C 30 -17.60 33.48 17.78
N PHE C 31 -16.51 34.11 18.28
CA PHE C 31 -16.43 35.55 18.52
C PHE C 31 -16.29 36.34 17.22
N MET C 32 -15.76 35.70 16.15
CA MET C 32 -15.60 36.30 14.82
C MET C 32 -16.98 36.45 14.15
N VAL C 33 -17.90 35.50 14.41
CA VAL C 33 -19.29 35.52 13.90
C VAL C 33 -20.02 36.72 14.55
N VAL C 34 -19.78 36.94 15.86
CA VAL C 34 -20.34 38.06 16.65
C VAL C 34 -19.79 39.38 16.09
N GLU C 35 -18.48 39.39 15.71
CA GLU C 35 -17.78 40.54 15.16
C GLU C 35 -18.26 40.93 13.76
N VAL C 36 -18.42 39.95 12.83
CA VAL C 36 -18.85 40.20 11.46
C VAL C 36 -20.32 40.67 11.40
N ILE C 37 -21.16 40.25 12.35
CA ILE C 37 -22.56 40.66 12.45
C ILE C 37 -22.65 42.10 12.96
N CYS C 38 -21.93 42.42 14.06
CA CYS C 38 -21.88 43.74 14.68
C CYS C 38 -21.16 44.82 13.83
N ASP C 39 -20.51 44.43 12.72
CA ASP C 39 -19.80 45.34 11.82
C ASP C 39 -20.54 45.58 10.49
N LEU C 40 -21.28 44.56 9.99
CA LEU C 40 -22.04 44.63 8.74
C LEU C 40 -23.47 45.13 8.93
N SER C 41 -24.14 44.70 10.03
CA SER C 41 -25.53 45.10 10.31
C SER C 41 -25.66 46.45 11.00
N GLN C 42 -24.62 46.90 11.75
CA GLN C 42 -24.61 48.18 12.47
C GLN C 42 -24.78 49.42 11.56
N PRO C 43 -24.09 49.58 10.39
CA PRO C 43 -24.31 50.79 9.57
C PRO C 43 -25.74 50.92 9.03
N THR C 44 -26.41 49.78 8.77
CA THR C 44 -27.80 49.74 8.30
C THR C 44 -28.75 50.01 9.48
N LEU C 45 -28.41 49.50 10.69
CA LEU C 45 -29.18 49.72 11.92
C LEU C 45 -29.10 51.17 12.39
N LEU C 46 -27.93 51.82 12.19
CA LEU C 46 -27.70 53.23 12.53
C LEU C 46 -28.51 54.13 11.60
N ALA C 47 -28.69 53.70 10.33
CA ALA C 47 -29.47 54.41 9.30
C ALA C 47 -30.97 54.36 9.61
N ARG C 48 -31.43 53.26 10.26
CA ARG C 48 -32.83 53.06 10.67
C ARG C 48 -33.21 54.05 11.77
N ILE C 49 -32.24 54.42 12.63
CA ILE C 49 -32.36 55.40 13.71
C ILE C 49 -32.49 56.79 13.06
N VAL C 50 -31.64 57.06 12.04
CA VAL C 50 -31.61 58.31 11.26
C VAL C 50 -32.95 58.48 10.54
N ALA C 51 -33.44 57.42 9.84
CA ALA C 51 -34.71 57.41 9.11
C ALA C 51 -35.91 57.77 10.00
N GLU C 52 -35.95 57.22 11.23
CA GLU C 52 -37.00 57.49 12.21
C GLU C 52 -36.80 58.86 12.88
N GLY C 53 -35.56 59.37 12.83
CA GLY C 53 -35.16 60.66 13.39
C GLY C 53 -35.66 61.85 12.59
N ILE C 54 -36.02 61.64 11.31
CA ILE C 54 -36.57 62.67 10.41
C ILE C 54 -38.09 62.54 10.40
N ALA C 55 -38.60 61.29 10.39
CA ALA C 55 -40.02 60.95 10.37
C ALA C 55 -40.78 61.41 11.61
N ARG C 56 -40.16 61.26 12.80
CA ARG C 56 -40.77 61.65 14.08
C ARG C 56 -39.94 62.70 14.82
N GLY C 57 -38.66 62.41 15.05
CA GLY C 57 -37.73 63.28 15.75
C GLY C 57 -37.90 63.27 17.25
N ASP C 58 -37.92 64.48 17.87
CA ASP C 58 -38.09 64.74 19.31
C ASP C 58 -36.99 64.15 20.21
N PHE C 59 -37.03 64.49 21.51
CA PHE C 59 -36.08 64.04 22.53
C PHE C 59 -36.31 62.57 22.91
N SER C 60 -37.57 62.11 22.86
CA SER C 60 -37.99 60.75 23.23
C SER C 60 -37.53 59.64 22.26
N LEU C 61 -37.29 59.97 20.97
CA LEU C 61 -36.89 58.98 19.97
C LEU C 61 -35.40 59.03 19.59
N VAL C 62 -34.81 60.24 19.50
CA VAL C 62 -33.41 60.43 19.12
C VAL C 62 -32.45 60.04 20.28
N LEU C 63 -32.70 60.54 21.51
CA LEU C 63 -31.88 60.27 22.69
C LEU C 63 -31.95 58.82 23.19
N LYS C 64 -33.14 58.17 23.09
CA LYS C 64 -33.36 56.78 23.52
C LYS C 64 -32.57 55.79 22.65
N THR C 65 -32.49 56.05 21.33
CA THR C 65 -31.77 55.23 20.36
C THR C 65 -30.26 55.54 20.39
N GLY C 66 -29.90 56.71 20.94
CA GLY C 66 -28.54 57.18 21.10
C GLY C 66 -27.76 56.40 22.13
N ILE C 67 -28.47 55.75 23.07
CA ILE C 67 -27.90 54.90 24.13
C ILE C 67 -27.75 53.48 23.56
N LEU C 68 -28.74 53.03 22.76
CA LEU C 68 -28.79 51.71 22.12
C LEU C 68 -27.65 51.47 21.13
N MET C 69 -27.26 52.52 20.37
CA MET C 69 -26.17 52.45 19.37
C MET C 69 -24.78 52.28 20.03
N LEU C 70 -24.61 52.79 21.27
CA LEU C 70 -23.36 52.68 22.03
C LEU C 70 -23.14 51.25 22.51
N ILE C 71 -24.24 50.54 22.85
CA ILE C 71 -24.24 49.16 23.35
C ILE C 71 -23.77 48.20 22.24
N VAL C 72 -24.32 48.33 21.01
CA VAL C 72 -23.98 47.52 19.83
C VAL C 72 -22.48 47.67 19.47
N ALA C 73 -21.95 48.91 19.60
CA ALA C 73 -20.54 49.25 19.33
C ALA C 73 -19.60 48.58 20.35
N LEU C 74 -20.07 48.35 21.59
CA LEU C 74 -19.31 47.69 22.66
C LEU C 74 -19.28 46.18 22.48
N ILE C 75 -20.37 45.58 21.97
CA ILE C 75 -20.50 44.13 21.72
C ILE C 75 -19.45 43.67 20.68
N GLY C 76 -19.33 44.42 19.58
CA GLY C 76 -18.37 44.16 18.51
C GLY C 76 -16.94 44.40 18.93
N ALA C 77 -16.73 45.35 19.87
CA ALA C 77 -15.43 45.70 20.43
C ALA C 77 -14.90 44.56 21.30
N VAL C 78 -15.77 44.01 22.19
CA VAL C 78 -15.45 42.88 23.07
C VAL C 78 -15.36 41.60 22.22
N GLY C 79 -16.20 41.52 21.18
CA GLY C 79 -16.23 40.40 20.25
C GLY C 79 -14.99 40.35 19.36
N GLY C 80 -14.43 41.51 19.05
CA GLY C 80 -13.23 41.67 18.25
C GLY C 80 -11.97 41.33 19.02
N ILE C 81 -11.82 41.93 20.23
CA ILE C 81 -10.68 41.68 21.13
C ILE C 81 -10.73 40.25 21.68
N GLY C 82 -11.95 39.71 21.79
CA GLY C 82 -12.20 38.35 22.25
C GLY C 82 -11.74 37.32 21.24
N CYS C 83 -11.81 37.66 19.94
CA CYS C 83 -11.36 36.79 18.85
C CYS C 83 -9.83 36.66 18.85
N THR C 84 -9.13 37.77 19.17
CA THR C 84 -7.67 37.84 19.23
C THR C 84 -7.12 37.02 20.40
N VAL C 85 -7.68 37.21 21.62
CA VAL C 85 -7.30 36.52 22.86
C VAL C 85 -7.48 35.00 22.73
N PHE C 86 -8.66 34.55 22.25
CA PHE C 86 -8.98 33.13 22.05
C PHE C 86 -8.13 32.46 20.96
N ALA C 87 -7.59 33.24 20.01
CA ALA C 87 -6.75 32.73 18.91
C ALA C 87 -5.26 32.74 19.25
N SER C 88 -4.76 33.82 19.90
CA SER C 88 -3.36 33.96 20.29
C SER C 88 -2.98 32.92 21.33
N TYR C 89 -3.89 32.64 22.27
CA TYR C 89 -3.71 31.63 23.32
C TYR C 89 -3.61 30.24 22.68
N ALA C 90 -4.42 29.99 21.64
CA ALA C 90 -4.46 28.72 20.91
C ALA C 90 -3.27 28.52 19.98
N SER C 91 -2.79 29.60 19.32
CA SER C 91 -1.65 29.54 18.40
C SER C 91 -0.34 29.36 19.17
N GLN C 92 -0.14 30.14 20.27
CA GLN C 92 1.05 30.07 21.10
C GLN C 92 1.16 28.76 21.88
N ASN C 93 0.03 28.26 22.43
CA ASN C 93 0.00 27.00 23.17
C ASN C 93 0.23 25.79 22.26
N PHE C 94 -0.08 25.94 20.95
CA PHE C 94 0.17 24.91 19.95
C PHE C 94 1.69 24.78 19.78
N GLY C 95 2.34 25.93 19.56
CA GLY C 95 3.79 26.05 19.37
C GLY C 95 4.59 25.66 20.60
N ALA C 96 4.19 26.16 21.79
CA ALA C 96 4.85 25.89 23.07
C ALA C 96 4.82 24.39 23.44
N ASP C 97 3.70 23.70 23.17
CA ASP C 97 3.56 22.27 23.45
C ASP C 97 4.23 21.42 22.37
N LEU C 98 4.40 21.98 21.16
CA LEU C 98 5.07 21.33 20.03
C LEU C 98 6.58 21.29 20.28
N ARG C 99 7.13 22.40 20.83
CA ARG C 99 8.55 22.56 21.17
C ARG C 99 8.97 21.60 22.27
N ARG C 100 8.17 21.49 23.34
CA ARG C 100 8.45 20.61 24.48
C ARG C 100 8.37 19.12 24.11
N ASP C 101 7.61 18.78 23.06
CA ASP C 101 7.46 17.41 22.56
C ASP C 101 8.61 17.09 21.59
N LEU C 102 9.16 18.11 20.91
CA LEU C 102 10.28 17.96 19.99
C LEU C 102 11.59 17.85 20.77
N PHE C 103 11.77 18.72 21.80
CA PHE C 103 12.94 18.77 22.69
C PHE C 103 13.10 17.47 23.47
N ARG C 104 11.96 16.85 23.86
CA ARG C 104 11.90 15.57 24.57
C ARG C 104 12.37 14.46 23.62
N LYS C 105 11.99 14.55 22.32
CA LYS C 105 12.39 13.59 21.28
C LYS C 105 13.87 13.75 20.94
N VAL C 106 14.37 15.00 20.91
CA VAL C 106 15.79 15.28 20.63
C VAL C 106 16.63 14.80 21.83
N LEU C 107 16.07 14.88 23.06
CA LEU C 107 16.74 14.41 24.27
C LEU C 107 16.85 12.87 24.28
N SER C 108 15.89 12.19 23.63
CA SER C 108 15.87 10.72 23.53
C SER C 108 16.78 10.21 22.41
N PHE C 109 17.19 11.10 21.48
CA PHE C 109 18.06 10.79 20.34
C PHE C 109 19.42 10.30 20.77
N SER C 110 20.00 9.40 19.97
CA SER C 110 21.34 8.89 20.18
C SER C 110 22.29 9.73 19.34
N ILE C 111 23.60 9.69 19.64
CA ILE C 111 24.65 10.46 18.95
C ILE C 111 24.50 10.40 17.41
N SER C 112 24.04 9.26 16.86
CA SER C 112 23.83 9.06 15.44
C SER C 112 22.62 9.86 14.93
N ASN C 113 21.50 9.84 15.70
CA ASN C 113 20.26 10.55 15.38
C ASN C 113 20.43 12.07 15.38
N VAL C 114 21.42 12.55 16.15
CA VAL C 114 21.79 13.96 16.26
C VAL C 114 22.69 14.34 15.06
N ASN C 115 23.26 13.33 14.37
CA ASN C 115 24.12 13.53 13.21
C ASN C 115 23.42 13.24 11.87
N ARG C 116 22.21 12.63 11.93
CA ARG C 116 21.37 12.36 10.75
C ARG C 116 20.92 13.74 10.26
N PHE C 117 20.14 14.45 11.11
CA PHE C 117 19.76 15.84 10.88
C PHE C 117 20.96 16.56 11.45
N HIS C 118 21.49 17.60 10.79
CA HIS C 118 22.65 18.29 11.34
C HIS C 118 22.31 19.08 12.61
N THR C 119 23.26 19.16 13.56
CA THR C 119 23.06 19.85 14.85
C THR C 119 22.52 21.27 14.66
N SER C 120 22.96 21.97 13.60
CA SER C 120 22.51 23.32 13.25
C SER C 120 21.09 23.31 12.68
N SER C 121 20.70 22.22 11.98
CA SER C 121 19.36 22.09 11.40
C SER C 121 18.31 21.88 12.49
N LEU C 122 18.64 21.04 13.51
CA LEU C 122 17.77 20.74 14.66
C LEU C 122 17.33 22.02 15.37
N ILE C 123 18.26 23.00 15.51
CA ILE C 123 18.04 24.31 16.13
C ILE C 123 16.94 25.06 15.35
N THR C 124 17.04 25.05 14.01
CA THR C 124 16.09 25.71 13.10
C THR C 124 14.72 25.02 13.15
N ARG C 125 14.71 23.67 13.26
CA ARG C 125 13.50 22.86 13.35
C ARG C 125 12.72 23.14 14.63
N LEU C 126 13.42 23.13 15.78
CA LEU C 126 12.87 23.35 17.11
C LEU C 126 12.47 24.81 17.40
N THR C 127 12.82 25.76 16.51
CA THR C 127 12.48 27.18 16.69
C THR C 127 11.68 27.75 15.51
N ASN C 128 12.34 27.97 14.35
CA ASN C 128 11.75 28.55 13.14
C ASN C 128 10.62 27.73 12.55
N ASP C 129 10.85 26.41 12.36
CA ASP C 129 9.86 25.51 11.79
C ASP C 129 8.62 25.35 12.69
N VAL C 130 8.77 25.64 13.99
CA VAL C 130 7.66 25.64 14.95
C VAL C 130 6.88 26.95 14.74
N THR C 131 7.61 28.08 14.63
CA THR C 131 7.08 29.43 14.43
C THR C 131 6.24 29.53 13.14
N GLN C 132 6.66 28.86 12.04
CA GLN C 132 5.93 28.84 10.77
C GLN C 132 4.55 28.20 10.94
N LEU C 133 4.48 27.08 11.68
CA LEU C 133 3.25 26.36 11.99
C LEU C 133 2.42 27.14 13.02
N GLN C 134 3.09 27.86 13.93
CA GLN C 134 2.50 28.69 14.99
C GLN C 134 1.77 29.89 14.37
N ASN C 135 2.34 30.46 13.29
CA ASN C 135 1.75 31.59 12.56
C ASN C 135 0.57 31.15 11.71
N LEU C 136 0.58 29.87 11.25
CA LEU C 136 -0.47 29.26 10.44
C LEU C 136 -1.76 29.12 11.25
N VAL C 137 -1.67 28.66 12.51
CA VAL C 137 -2.79 28.49 13.44
C VAL C 137 -3.39 29.87 13.76
N MET C 138 -2.53 30.89 13.90
CA MET C 138 -2.91 32.29 14.15
C MET C 138 -3.66 32.88 12.94
N MET C 139 -3.13 32.67 11.71
CA MET C 139 -3.71 33.16 10.46
C MET C 139 -5.04 32.48 10.12
N LEU C 140 -5.16 31.17 10.40
CA LEU C 140 -6.37 30.40 10.13
C LEU C 140 -7.52 30.83 11.04
N LEU C 141 -7.37 30.66 12.38
CA LEU C 141 -8.37 30.98 13.42
C LEU C 141 -9.13 32.30 13.23
N ARG C 142 -8.45 33.34 12.69
CA ARG C 142 -9.07 34.64 12.43
C ARG C 142 -10.05 34.59 11.25
N ILE C 143 -9.63 33.99 10.11
CA ILE C 143 -10.48 33.89 8.92
C ILE C 143 -10.83 32.41 8.57
N VAL C 144 -11.13 31.61 9.61
CA VAL C 144 -11.53 30.20 9.47
C VAL C 144 -13.06 30.12 9.30
N VAL C 145 -13.78 31.12 9.86
CA VAL C 145 -15.23 31.24 9.79
C VAL C 145 -15.62 32.49 8.96
N ARG C 146 -14.70 33.46 8.84
CA ARG C 146 -14.91 34.70 8.08
C ARG C 146 -14.87 34.44 6.57
N ALA C 147 -13.96 33.56 6.11
CA ALA C 147 -13.81 33.21 4.69
C ALA C 147 -14.99 32.37 4.12
N PRO C 148 -15.46 31.25 4.74
CA PRO C 148 -16.57 30.50 4.13
C PRO C 148 -17.95 31.15 4.24
N LEU C 149 -18.26 31.80 5.38
CA LEU C 149 -19.55 32.45 5.63
C LEU C 149 -19.81 33.66 4.73
N LEU C 150 -18.74 34.37 4.31
CA LEU C 150 -18.85 35.53 3.42
C LEU C 150 -18.82 35.11 1.93
N PHE C 151 -18.52 33.83 1.66
CA PHE C 151 -18.49 33.26 0.31
C PHE C 151 -19.78 32.50 0.02
N VAL C 152 -20.16 31.55 0.92
CA VAL C 152 -21.39 30.75 0.83
C VAL C 152 -22.61 31.69 0.99
N GLY C 153 -22.54 32.57 1.98
CA GLY C 153 -23.56 33.57 2.24
C GLY C 153 -23.56 34.73 1.25
N GLY C 154 -22.45 34.88 0.53
CA GLY C 154 -22.24 35.91 -0.48
C GLY C 154 -22.84 35.57 -1.82
N ILE C 155 -22.72 34.30 -2.25
CA ILE C 155 -23.25 33.81 -3.53
C ILE C 155 -24.78 33.67 -3.49
N VAL C 156 -25.34 33.19 -2.35
CA VAL C 156 -26.78 32.98 -2.10
C VAL C 156 -27.57 34.30 -2.28
N MET C 157 -27.02 35.42 -1.77
CA MET C 157 -27.61 36.76 -1.88
C MET C 157 -27.60 37.27 -3.33
N ALA C 158 -26.63 36.79 -4.15
CA ALA C 158 -26.47 37.15 -5.55
C ALA C 158 -27.27 36.24 -6.49
N VAL C 159 -27.60 35.00 -6.05
CA VAL C 159 -28.36 33.97 -6.78
C VAL C 159 -29.74 34.49 -7.26
N SER C 160 -30.44 35.25 -6.39
CA SER C 160 -31.75 35.82 -6.69
C SER C 160 -31.71 36.94 -7.75
N ILE C 161 -30.54 37.57 -7.96
CA ILE C 161 -30.33 38.66 -8.92
C ILE C 161 -30.02 38.15 -10.34
N ASN C 162 -29.07 37.18 -10.48
CA ASN C 162 -28.65 36.65 -11.78
C ASN C 162 -29.34 35.33 -12.15
N VAL C 163 -29.81 35.23 -13.41
CA VAL C 163 -30.48 34.04 -13.96
C VAL C 163 -29.63 33.55 -15.15
N LYS C 164 -29.30 32.23 -15.17
CA LYS C 164 -28.50 31.52 -16.17
C LYS C 164 -27.03 32.00 -16.24
N LEU C 165 -26.63 32.92 -15.33
CA LEU C 165 -25.28 33.48 -15.24
C LEU C 165 -24.40 32.73 -14.22
N SER C 166 -24.97 31.69 -13.57
CA SER C 166 -24.28 30.83 -12.61
C SER C 166 -23.26 29.94 -13.34
N SER C 167 -23.57 29.57 -14.60
CA SER C 167 -22.71 28.76 -15.48
C SER C 167 -21.39 29.48 -15.79
N VAL C 168 -21.43 30.83 -15.85
CA VAL C 168 -20.27 31.69 -16.09
C VAL C 168 -19.37 31.67 -14.83
N LEU C 169 -19.99 31.71 -13.64
CA LEU C 169 -19.33 31.68 -12.34
C LEU C 169 -18.70 30.31 -12.05
N ILE C 170 -19.37 29.21 -12.49
CA ILE C 170 -18.89 27.83 -12.35
C ILE C 170 -17.65 27.64 -13.25
N PHE C 171 -17.65 28.29 -14.43
CA PHE C 171 -16.55 28.30 -15.41
C PHE C 171 -15.31 29.04 -14.86
N LEU C 172 -15.52 30.03 -13.97
CA LEU C 172 -14.45 30.83 -13.34
C LEU C 172 -13.77 30.15 -12.14
N ILE C 173 -14.33 29.01 -11.67
CA ILE C 173 -13.77 28.24 -10.54
C ILE C 173 -12.46 27.49 -10.95
N PRO C 174 -12.39 26.67 -12.05
CA PRO C 174 -11.11 26.01 -12.39
C PRO C 174 -9.88 26.93 -12.60
N PRO C 175 -9.92 28.13 -13.26
CA PRO C 175 -8.67 28.92 -13.39
C PRO C 175 -8.11 29.42 -12.05
N ILE C 176 -9.00 29.68 -11.07
CA ILE C 176 -8.62 30.11 -9.71
C ILE C 176 -8.08 28.89 -8.94
N VAL C 177 -8.69 27.70 -9.14
CA VAL C 177 -8.28 26.42 -8.53
C VAL C 177 -6.85 26.07 -8.97
N LEU C 178 -6.56 26.22 -10.27
CA LEU C 178 -5.26 25.99 -10.89
C LEU C 178 -4.19 26.99 -10.37
N LEU C 179 -4.60 28.22 -10.02
CA LEU C 179 -3.71 29.27 -9.51
C LEU C 179 -3.03 28.92 -8.18
N PHE C 180 -3.76 28.25 -7.26
CA PHE C 180 -3.19 27.85 -5.97
C PHE C 180 -2.62 26.42 -5.99
N VAL C 181 -3.09 25.56 -6.93
CA VAL C 181 -2.59 24.19 -7.07
C VAL C 181 -1.16 24.21 -7.65
N TRP C 182 -0.88 25.13 -8.59
CA TRP C 182 0.44 25.36 -9.20
C TRP C 182 1.40 25.92 -8.13
N LEU C 183 0.85 26.77 -7.23
CA LEU C 183 1.56 27.38 -6.11
C LEU C 183 1.94 26.34 -5.04
N THR C 184 1.22 25.19 -5.01
CA THR C 184 1.46 24.08 -4.08
C THR C 184 2.51 23.11 -4.66
N LYS C 185 2.46 22.88 -5.99
CA LYS C 185 3.36 21.99 -6.72
C LYS C 185 4.80 22.51 -6.77
N LYS C 186 4.99 23.77 -7.22
CA LYS C 186 6.30 24.41 -7.33
C LYS C 186 6.76 25.07 -6.02
N GLY C 187 5.80 25.53 -5.21
CA GLY C 187 6.03 26.22 -3.95
C GLY C 187 6.68 25.39 -2.86
N ASN C 188 6.06 24.27 -2.46
CA ASN C 188 6.53 23.36 -1.40
C ASN C 188 8.04 22.99 -1.49
N PRO C 189 8.63 22.53 -2.64
CA PRO C 189 10.07 22.24 -2.63
C PRO C 189 10.96 23.48 -2.51
N LEU C 190 10.52 24.63 -3.08
CA LEU C 190 11.24 25.90 -3.03
C LEU C 190 11.20 26.56 -1.65
N PHE C 191 10.04 26.44 -0.94
CA PHE C 191 9.84 26.96 0.41
C PHE C 191 10.61 26.13 1.42
N ARG C 192 10.92 24.87 1.06
CA ARG C 192 11.69 23.92 1.85
C ARG C 192 13.17 24.29 1.72
N LYS C 193 13.59 24.80 0.53
CA LYS C 193 14.95 25.24 0.23
C LYS C 193 15.36 26.46 1.08
N ILE C 194 14.38 27.24 1.56
CA ILE C 194 14.59 28.41 2.42
C ILE C 194 15.03 27.89 3.80
N GLN C 195 14.24 26.96 4.38
CA GLN C 195 14.50 26.32 5.68
C GLN C 195 15.76 25.45 5.66
N GLU C 196 16.17 25.01 4.46
CA GLU C 196 17.39 24.22 4.25
C GLU C 196 18.61 25.15 4.19
N SER C 197 18.44 26.35 3.60
CA SER C 197 19.50 27.35 3.48
C SER C 197 19.77 28.06 4.80
N THR C 198 18.74 28.13 5.69
CA THR C 198 18.87 28.72 7.03
C THR C 198 19.77 27.83 7.89
N ASP C 199 19.75 26.50 7.65
CA ASP C 199 20.58 25.50 8.32
C ASP C 199 22.05 25.72 7.99
N GLU C 200 22.33 26.30 6.80
CA GLU C 200 23.69 26.58 6.39
C GLU C 200 24.23 27.83 7.07
N VAL C 201 23.45 28.94 7.12
CA VAL C 201 23.88 30.16 7.83
C VAL C 201 23.97 29.89 9.35
N ASN C 202 23.19 28.89 9.83
CA ASN C 202 23.14 28.41 11.21
C ASN C 202 24.45 27.67 11.50
N ARG C 203 24.93 26.86 10.54
CA ARG C 203 26.17 26.08 10.68
C ARG C 203 27.40 26.97 10.55
N VAL C 204 27.37 27.96 9.63
CA VAL C 204 28.47 28.90 9.41
C VAL C 204 28.72 29.72 10.67
N VAL C 205 27.65 30.25 11.29
CA VAL C 205 27.74 31.04 12.51
C VAL C 205 28.13 30.15 13.71
N ARG C 206 27.72 28.85 13.69
CA ARG C 206 28.05 27.87 14.74
C ARG C 206 29.54 27.50 14.69
N GLU C 207 30.07 27.23 13.48
CA GLU C 207 31.47 26.88 13.28
C GLU C 207 32.40 28.01 13.71
N ASN C 208 31.92 29.26 13.63
CA ASN C 208 32.67 30.43 14.05
C ASN C 208 32.55 30.70 15.55
N LEU C 209 31.45 30.20 16.18
CA LEU C 209 31.24 30.35 17.62
C LEU C 209 32.08 29.31 18.35
N LEU C 210 31.84 28.01 18.06
CA LEU C 210 32.56 26.87 18.62
C LEU C 210 33.95 26.81 17.99
N GLY C 211 34.85 27.63 18.52
CA GLY C 211 36.21 27.70 18.04
C GLY C 211 36.50 28.90 17.16
N VAL C 212 36.41 30.11 17.75
CA VAL C 212 36.76 31.35 17.07
C VAL C 212 38.29 31.50 17.13
N ARG C 213 38.90 30.94 18.20
CA ARG C 213 40.35 30.94 18.47
C ARG C 213 41.15 30.31 17.33
N VAL C 214 40.57 29.31 16.63
CA VAL C 214 41.20 28.63 15.49
C VAL C 214 41.22 29.57 14.28
N VAL C 215 40.13 30.35 14.12
CA VAL C 215 39.91 31.33 13.05
C VAL C 215 40.87 32.52 13.21
N ARG C 216 41.05 33.02 14.46
CA ARG C 216 41.92 34.14 14.80
C ARG C 216 43.41 33.80 14.65
N ALA C 217 43.79 32.56 15.05
CA ALA C 217 45.16 32.05 15.03
C ALA C 217 45.75 31.96 13.64
N PHE C 218 44.93 31.58 12.65
CA PHE C 218 45.38 31.44 11.27
C PHE C 218 44.86 32.56 10.36
N ARG C 219 44.31 33.64 10.99
CA ARG C 219 43.80 34.88 10.37
C ARG C 219 42.75 34.67 9.25
N ARG C 220 42.24 33.43 9.10
CA ARG C 220 41.24 33.08 8.08
C ARG C 220 39.82 33.58 8.41
N GLU C 221 39.73 34.80 8.99
CA GLU C 221 38.46 35.46 9.34
C GLU C 221 37.77 35.92 8.08
N GLU C 222 38.54 36.39 7.08
CA GLU C 222 38.06 36.83 5.79
C GLU C 222 37.53 35.64 4.98
N TYR C 223 38.16 34.45 5.16
CA TYR C 223 37.74 33.21 4.51
C TYR C 223 36.36 32.79 5.02
N GLU C 224 36.15 32.89 6.34
CA GLU C 224 34.87 32.57 6.98
C GLU C 224 33.84 33.65 6.64
N ASN C 225 34.31 34.91 6.42
CA ASN C 225 33.47 36.04 6.00
C ASN C 225 32.95 35.77 4.60
N GLU C 226 33.82 35.19 3.74
CA GLU C 226 33.48 34.80 2.37
C GLU C 226 32.58 33.58 2.40
N ASN C 227 32.84 32.65 3.35
CA ASN C 227 32.04 31.43 3.57
C ASN C 227 30.62 31.79 4.02
N PHE C 228 30.48 32.88 4.80
CA PHE C 228 29.19 33.38 5.26
C PHE C 228 28.46 34.08 4.13
N ARG C 229 29.18 34.87 3.30
CA ARG C 229 28.64 35.59 2.16
C ARG C 229 28.12 34.63 1.10
N LYS C 230 28.78 33.47 0.94
CA LYS C 230 28.41 32.40 0.00
C LYS C 230 27.11 31.69 0.45
N ALA C 231 26.86 31.64 1.77
CA ALA C 231 25.67 31.02 2.38
C ALA C 231 24.53 32.02 2.56
N ASN C 232 24.86 33.31 2.77
CA ASN C 232 23.90 34.41 2.92
C ASN C 232 23.25 34.71 1.57
N GLU C 233 24.05 34.64 0.48
CA GLU C 233 23.57 34.82 -0.89
C GLU C 233 22.71 33.63 -1.28
N SER C 234 23.07 32.42 -0.78
CA SER C 234 22.35 31.18 -1.00
C SER C 234 20.97 31.22 -0.36
N LEU C 235 20.85 31.90 0.80
CA LEU C 235 19.58 32.04 1.52
C LEU C 235 18.65 33.06 0.87
N ARG C 236 19.16 34.28 0.55
CA ARG C 236 18.36 35.35 -0.07
C ARG C 236 17.85 34.96 -1.48
N ARG C 237 18.62 34.14 -2.20
CA ARG C 237 18.25 33.66 -3.53
C ARG C 237 17.26 32.51 -3.45
N SER C 238 17.27 31.76 -2.33
CA SER C 238 16.33 30.66 -2.07
C SER C 238 14.96 31.23 -1.69
N ILE C 239 14.95 32.44 -1.08
CA ILE C 239 13.75 33.15 -0.67
C ILE C 239 13.05 33.75 -1.89
N ILE C 240 13.80 34.52 -2.73
CA ILE C 240 13.28 35.16 -3.94
C ILE C 240 12.78 34.13 -4.99
N SER C 241 13.29 32.89 -4.95
CA SER C 241 12.89 31.82 -5.86
C SER C 241 11.49 31.27 -5.53
N ALA C 242 11.17 31.14 -4.23
CA ALA C 242 9.87 30.64 -3.76
C ALA C 242 8.84 31.77 -3.73
N PHE C 243 9.27 32.99 -3.32
CA PHE C 243 8.42 34.17 -3.22
C PHE C 243 8.03 34.76 -4.58
N SER C 244 8.77 34.42 -5.66
CA SER C 244 8.48 34.85 -7.03
C SER C 244 7.12 34.33 -7.49
N LEU C 245 6.75 33.12 -7.01
CA LEU C 245 5.48 32.45 -7.28
C LEU C 245 4.30 33.28 -6.78
N ILE C 246 4.48 33.94 -5.62
CA ILE C 246 3.48 34.80 -4.99
C ILE C 246 3.36 36.11 -5.78
N VAL C 247 4.51 36.65 -6.27
CA VAL C 247 4.56 37.89 -7.06
C VAL C 247 3.89 37.65 -8.44
N PHE C 248 4.21 36.52 -9.10
CA PHE C 248 3.65 36.15 -10.41
C PHE C 248 2.16 35.81 -10.38
N ALA C 249 1.64 35.35 -9.21
CA ALA C 249 0.22 35.02 -9.05
C ALA C 249 -0.65 36.26 -8.85
N LEU C 250 -0.04 37.41 -8.49
CA LEU C 250 -0.73 38.68 -8.27
C LEU C 250 -1.35 39.30 -9.55
N PRO C 251 -0.63 39.53 -10.70
CA PRO C 251 -1.31 40.10 -11.87
C PRO C 251 -2.33 39.16 -12.51
N LEU C 252 -2.13 37.83 -12.37
CA LEU C 252 -3.01 36.79 -12.91
C LEU C 252 -4.34 36.73 -12.15
N PHE C 253 -4.30 36.67 -10.80
CA PHE C 253 -5.49 36.62 -9.94
C PHE C 253 -6.32 37.89 -10.07
N ILE C 254 -5.66 39.07 -10.14
CA ILE C 254 -6.32 40.37 -10.29
C ILE C 254 -6.99 40.47 -11.68
N PHE C 255 -6.35 39.90 -12.72
CA PHE C 255 -6.89 39.92 -14.08
C PHE C 255 -8.14 39.04 -14.26
N ILE C 256 -8.26 37.91 -13.52
CA ILE C 256 -9.43 37.02 -13.57
C ILE C 256 -10.65 37.73 -12.93
N VAL C 257 -10.41 38.60 -11.93
CA VAL C 257 -11.44 39.42 -11.26
C VAL C 257 -11.97 40.45 -12.28
N ASN C 258 -11.05 41.06 -13.06
CA ASN C 258 -11.37 42.02 -14.12
C ASN C 258 -12.09 41.33 -15.28
N MET C 259 -11.67 40.10 -15.64
CA MET C 259 -12.28 39.26 -16.68
C MET C 259 -13.68 38.80 -16.28
N GLY C 260 -13.87 38.58 -14.97
CA GLY C 260 -15.14 38.21 -14.37
C GLY C 260 -16.15 39.34 -14.46
N MET C 261 -15.67 40.59 -14.27
CA MET C 261 -16.46 41.82 -14.37
C MET C 261 -16.85 42.09 -15.82
N ILE C 262 -15.96 41.72 -16.78
CA ILE C 262 -16.18 41.85 -18.22
C ILE C 262 -17.32 40.91 -18.66
N ALA C 263 -17.36 39.69 -18.08
CA ALA C 263 -18.40 38.68 -18.32
C ALA C 263 -19.77 39.13 -17.77
N VAL C 264 -19.75 39.96 -16.70
CA VAL C 264 -20.95 40.52 -16.07
C VAL C 264 -21.52 41.65 -16.95
N LEU C 265 -20.64 42.57 -17.43
CA LEU C 265 -21.00 43.71 -18.27
C LEU C 265 -21.52 43.30 -19.67
N TRP C 266 -20.91 42.26 -20.28
CA TRP C 266 -21.29 41.74 -21.60
C TRP C 266 -22.67 41.07 -21.58
N PHE C 267 -22.91 40.21 -20.57
CA PHE C 267 -24.16 39.49 -20.37
C PHE C 267 -25.24 40.35 -19.71
N GLY C 268 -24.81 41.45 -19.07
CA GLY C 268 -25.69 42.40 -18.38
C GLY C 268 -26.54 43.23 -19.33
N GLY C 269 -25.94 43.62 -20.46
CA GLY C 269 -26.60 44.41 -21.50
C GLY C 269 -27.66 43.64 -22.27
N VAL C 270 -27.51 42.30 -22.32
CA VAL C 270 -28.43 41.36 -22.97
C VAL C 270 -29.72 41.25 -22.12
N LEU C 271 -29.58 41.27 -20.78
CA LEU C 271 -30.68 41.19 -19.81
C LEU C 271 -31.61 42.41 -19.87
N VAL C 272 -31.12 43.56 -20.38
CA VAL C 272 -31.89 44.80 -20.56
C VAL C 272 -32.84 44.62 -21.75
N ARG C 273 -32.37 43.95 -22.81
CA ARG C 273 -33.12 43.66 -24.04
C ARG C 273 -34.23 42.63 -23.80
N ASN C 274 -33.99 41.68 -22.87
CA ASN C 274 -34.93 40.61 -22.50
C ASN C 274 -35.84 40.98 -21.32
N ASN C 275 -35.51 42.09 -20.60
CA ASN C 275 -36.22 42.62 -19.42
C ASN C 275 -36.29 41.60 -18.27
N GLN C 276 -35.12 41.08 -17.87
CA GLN C 276 -34.96 40.09 -16.80
C GLN C 276 -34.43 40.73 -15.49
N MET C 277 -33.72 41.87 -15.62
CA MET C 277 -33.16 42.62 -14.49
C MET C 277 -33.48 44.10 -14.61
N GLU C 278 -33.87 44.74 -13.48
CA GLU C 278 -34.24 46.16 -13.40
C GLU C 278 -33.07 47.13 -13.66
N ILE C 279 -33.39 48.43 -13.86
CA ILE C 279 -32.43 49.52 -14.13
C ILE C 279 -31.46 49.77 -12.95
N GLY C 280 -31.92 49.49 -11.72
CA GLY C 280 -31.13 49.66 -10.50
C GLY C 280 -30.64 48.37 -9.88
N SER C 281 -30.88 47.23 -10.56
CA SER C 281 -30.46 45.89 -10.09
C SER C 281 -28.97 45.62 -10.32
N ILE C 282 -28.34 46.36 -11.25
CA ILE C 282 -26.91 46.28 -11.60
C ILE C 282 -26.01 46.86 -10.50
N MET C 283 -26.44 47.98 -9.88
CA MET C 283 -25.73 48.66 -8.79
C MET C 283 -25.70 47.81 -7.50
N ALA C 284 -26.62 46.84 -7.39
CA ALA C 284 -26.72 45.91 -6.27
C ALA C 284 -25.88 44.65 -6.52
N TYR C 285 -25.91 44.11 -7.75
CA TYR C 285 -25.16 42.90 -8.14
C TYR C 285 -23.65 43.13 -8.21
N THR C 286 -23.20 44.31 -8.69
CA THR C 286 -21.77 44.66 -8.76
C THR C 286 -21.18 44.84 -7.35
N ASN C 287 -22.04 45.21 -6.37
CA ASN C 287 -21.70 45.38 -4.95
C ASN C 287 -21.56 44.01 -4.25
N TYR C 288 -22.44 43.04 -4.61
CA TYR C 288 -22.41 41.68 -4.04
C TYR C 288 -21.31 40.80 -4.63
N LEU C 289 -20.89 41.07 -5.90
CA LEU C 289 -19.82 40.33 -6.57
C LEU C 289 -18.47 40.63 -5.91
N MET C 290 -18.28 41.88 -5.44
CA MET C 290 -17.08 42.35 -4.73
C MET C 290 -16.93 41.63 -3.39
N GLN C 291 -18.06 41.31 -2.72
CA GLN C 291 -18.12 40.58 -1.45
C GLN C 291 -17.69 39.11 -1.64
N ILE C 292 -17.97 38.55 -2.84
CA ILE C 292 -17.61 37.18 -3.23
C ILE C 292 -16.11 37.14 -3.60
N MET C 293 -15.63 38.16 -4.35
CA MET C 293 -14.24 38.30 -4.80
C MET C 293 -13.24 38.47 -3.64
N PHE C 294 -13.64 39.21 -2.58
CA PHE C 294 -12.82 39.44 -1.38
C PHE C 294 -12.70 38.14 -0.57
N SER C 295 -13.79 37.33 -0.55
CA SER C 295 -13.88 36.05 0.13
C SER C 295 -12.98 35.01 -0.56
N LEU C 296 -12.85 35.12 -1.90
CA LEU C 296 -12.03 34.26 -2.75
C LEU C 296 -10.53 34.55 -2.50
N MET C 297 -10.20 35.83 -2.22
CA MET C 297 -8.85 36.31 -1.91
C MET C 297 -8.42 35.84 -0.52
N MET C 298 -9.39 35.71 0.42
CA MET C 298 -9.19 35.25 1.79
C MET C 298 -8.69 33.80 1.85
N ILE C 299 -9.18 32.94 0.94
CA ILE C 299 -8.79 31.52 0.83
C ILE C 299 -7.38 31.43 0.20
N GLY C 300 -7.13 32.29 -0.80
CA GLY C 300 -5.86 32.36 -1.52
C GLY C 300 -4.69 32.88 -0.70
N ASN C 301 -4.97 33.66 0.36
CA ASN C 301 -3.95 34.23 1.24
C ASN C 301 -3.46 33.21 2.28
N ILE C 302 -4.39 32.45 2.91
CA ILE C 302 -4.05 31.40 3.90
C ILE C 302 -3.36 30.21 3.23
N LEU C 303 -3.71 29.93 1.95
CA LEU C 303 -3.11 28.85 1.16
C LEU C 303 -1.64 29.14 0.84
N ASN C 304 -1.25 30.43 0.82
CA ASN C 304 0.12 30.86 0.60
C ASN C 304 0.96 30.60 1.85
N PHE C 305 0.31 30.69 3.03
CA PHE C 305 0.93 30.41 4.32
C PHE C 305 1.07 28.89 4.46
N ILE C 306 0.10 28.14 3.90
CA ILE C 306 0.03 26.67 3.91
C ILE C 306 1.26 26.05 3.23
N VAL C 307 1.70 26.57 2.06
CA VAL C 307 2.87 26.04 1.33
C VAL C 307 4.19 26.27 2.11
N ARG C 308 4.26 27.35 2.89
CA ARG C 308 5.41 27.70 3.73
C ARG C 308 5.37 26.81 4.97
N ALA C 309 4.16 26.58 5.52
CA ALA C 309 3.95 25.76 6.72
C ALA C 309 4.09 24.26 6.46
N SER C 310 3.69 23.78 5.27
CA SER C 310 3.77 22.36 4.88
C SER C 310 5.22 21.91 4.74
N ALA C 311 6.09 22.78 4.21
CA ALA C 311 7.53 22.55 4.05
C ALA C 311 8.20 22.47 5.42
N SER C 312 7.69 23.26 6.39
CA SER C 312 8.15 23.29 7.78
C SER C 312 7.54 22.17 8.62
N ALA C 313 6.37 21.65 8.21
CA ALA C 313 5.65 20.56 8.88
C ALA C 313 6.39 19.24 8.69
N LYS C 314 6.92 19.02 7.47
CA LYS C 314 7.70 17.83 7.10
C LYS C 314 8.93 17.72 7.99
N ARG C 315 9.66 18.86 8.17
CA ARG C 315 10.87 18.97 8.98
C ARG C 315 10.62 18.68 10.46
N VAL C 316 9.46 19.13 10.98
CA VAL C 316 9.07 18.92 12.38
C VAL C 316 8.69 17.46 12.62
N LEU C 317 7.78 16.91 11.79
CA LEU C 317 7.28 15.54 11.88
C LEU C 317 8.36 14.47 11.73
N GLU C 318 9.34 14.69 10.84
CA GLU C 318 10.43 13.72 10.61
C GLU C 318 11.36 13.60 11.81
N VAL C 319 11.44 14.64 12.67
CA VAL C 319 12.22 14.63 13.91
C VAL C 319 11.48 13.78 14.94
N LEU C 320 10.14 13.95 15.03
CA LEU C 320 9.26 13.22 15.95
C LEU C 320 9.14 11.74 15.57
N ASN C 321 8.96 11.43 14.27
CA ASN C 321 8.83 10.06 13.77
C ASN C 321 10.17 9.31 13.66
N GLU C 322 11.30 10.01 13.88
CA GLU C 322 12.64 9.41 13.83
C GLU C 322 12.85 8.53 15.06
N LYS C 323 12.98 7.21 14.83
CA LYS C 323 13.21 6.23 15.88
C LYS C 323 14.66 6.35 16.39
N PRO C 324 14.87 6.51 17.73
CA PRO C 324 16.26 6.62 18.23
C PRO C 324 17.01 5.30 18.07
N ALA C 325 18.33 5.37 17.80
CA ALA C 325 19.21 4.21 17.62
C ALA C 325 19.27 3.33 18.87
N ILE C 326 19.07 3.92 20.05
CA ILE C 326 19.04 3.23 21.34
C ILE C 326 17.66 3.41 21.98
N GLU C 327 16.88 2.30 22.02
CA GLU C 327 15.51 2.25 22.55
C GLU C 327 15.36 1.24 23.69
N GLU C 328 14.46 1.55 24.64
CA GLU C 328 14.14 0.71 25.78
C GLU C 328 13.02 -0.28 25.39
N ALA C 329 13.23 -1.58 25.69
CA ALA C 329 12.27 -2.65 25.39
C ALA C 329 10.95 -2.51 26.16
N ASP C 330 9.83 -2.91 25.52
CA ASP C 330 8.47 -2.83 26.09
C ASP C 330 8.31 -3.73 27.31
N ASN C 331 8.84 -4.96 27.24
CA ASN C 331 8.78 -5.96 28.30
C ASN C 331 10.12 -6.07 29.06
N ALA C 332 10.88 -4.96 29.13
CA ALA C 332 12.17 -4.89 29.82
C ALA C 332 12.01 -4.93 31.34
N LEU C 333 12.89 -5.68 32.02
CA LEU C 333 12.86 -5.81 33.48
C LEU C 333 13.85 -4.81 34.09
N ALA C 334 13.32 -3.91 34.94
CA ALA C 334 14.09 -2.88 35.63
C ALA C 334 15.00 -3.51 36.68
N LEU C 335 16.25 -3.02 36.76
CA LEU C 335 17.23 -3.54 37.71
C LEU C 335 17.41 -2.60 38.92
N PRO C 336 16.86 -2.96 40.12
CA PRO C 336 17.02 -2.08 41.29
C PRO C 336 18.42 -2.14 41.89
N ASN C 337 19.09 -3.30 41.79
CA ASN C 337 20.44 -3.52 42.31
C ASN C 337 21.33 -4.18 41.26
N VAL C 338 22.55 -3.64 41.08
CA VAL C 338 23.55 -4.12 40.12
C VAL C 338 24.79 -4.54 40.93
N GLU C 339 25.25 -5.80 40.75
CA GLU C 339 26.41 -6.35 41.45
C GLU C 339 27.74 -5.87 40.83
N GLY C 340 27.76 -5.77 39.50
CA GLY C 340 28.92 -5.33 38.74
C GLY C 340 29.65 -6.40 37.97
N SER C 341 28.97 -7.53 37.68
CA SER C 341 29.55 -8.65 36.92
C SER C 341 29.55 -8.33 35.42
N VAL C 342 30.61 -7.64 34.98
CA VAL C 342 30.79 -7.23 33.58
C VAL C 342 31.32 -8.43 32.79
N SER C 343 30.67 -8.76 31.66
CA SER C 343 31.05 -9.88 30.80
C SER C 343 30.76 -9.58 29.33
N PHE C 344 31.68 -9.98 28.45
CA PHE C 344 31.56 -9.78 27.00
C PHE C 344 31.57 -11.11 26.27
N GLU C 345 30.63 -11.32 25.34
CA GLU C 345 30.52 -12.55 24.56
C GLU C 345 30.63 -12.29 23.06
N ASN C 346 31.86 -12.45 22.52
CA ASN C 346 32.25 -12.25 21.10
C ASN C 346 31.67 -10.97 20.49
N VAL C 347 31.84 -9.84 21.20
CA VAL C 347 31.34 -8.53 20.83
C VAL C 347 32.05 -8.00 19.58
N GLU C 348 31.25 -7.64 18.56
CA GLU C 348 31.70 -7.10 17.27
C GLU C 348 30.82 -5.90 16.91
N PHE C 349 31.44 -4.71 16.82
CA PHE C 349 30.75 -3.47 16.49
C PHE C 349 31.40 -2.70 15.34
N ARG C 350 30.55 -2.12 14.47
CA ARG C 350 30.94 -1.34 13.31
C ARG C 350 30.05 -0.09 13.23
N TYR C 351 30.65 1.07 12.88
CA TYR C 351 29.93 2.33 12.76
C TYR C 351 29.28 2.49 11.38
N PHE C 352 30.02 2.17 10.30
CA PHE C 352 29.56 2.26 8.92
C PHE C 352 29.82 0.97 8.16
N GLU C 353 28.85 0.54 7.34
CA GLU C 353 28.88 -0.69 6.53
C GLU C 353 30.08 -0.77 5.56
N ASN C 354 30.43 0.35 4.92
CA ASN C 354 31.54 0.44 3.96
C ASN C 354 32.93 0.33 4.59
N THR C 355 33.08 0.79 5.85
CA THR C 355 34.34 0.76 6.61
C THR C 355 34.57 -0.59 7.30
N ASP C 356 35.84 -0.86 7.68
CA ASP C 356 36.26 -2.07 8.37
C ASP C 356 35.76 -2.08 9.83
N PRO C 357 35.60 -3.26 10.50
CA PRO C 357 35.09 -3.25 11.89
C PRO C 357 36.02 -2.59 12.90
N VAL C 358 35.43 -1.74 13.76
CA VAL C 358 36.11 -1.00 14.82
C VAL C 358 36.56 -1.97 15.93
N LEU C 359 35.62 -2.80 16.42
CA LEU C 359 35.86 -3.83 17.45
C LEU C 359 35.33 -5.17 16.94
N SER C 360 36.08 -6.26 17.21
CA SER C 360 35.71 -7.61 16.78
C SER C 360 36.34 -8.70 17.66
N GLY C 361 35.58 -9.79 17.86
CA GLY C 361 35.99 -10.97 18.63
C GLY C 361 36.44 -10.69 20.06
N VAL C 362 35.78 -9.73 20.73
CA VAL C 362 36.09 -9.33 22.09
C VAL C 362 35.27 -10.18 23.08
N ASN C 363 35.95 -11.03 23.85
CA ASN C 363 35.33 -11.95 24.81
C ASN C 363 36.19 -12.09 26.07
N PHE C 364 35.76 -11.45 27.18
CA PHE C 364 36.43 -11.49 28.48
C PHE C 364 35.52 -11.16 29.65
N SER C 365 35.67 -11.90 30.76
CA SER C 365 34.89 -11.73 31.98
C SER C 365 35.63 -10.84 32.98
N VAL C 366 34.88 -9.93 33.64
CA VAL C 366 35.41 -8.98 34.63
C VAL C 366 34.76 -9.24 35.99
N LYS C 367 35.60 -9.37 37.05
CA LYS C 367 35.17 -9.58 38.43
C LYS C 367 34.60 -8.28 39.03
N PRO C 368 33.52 -8.34 39.85
CA PRO C 368 32.97 -7.10 40.42
C PRO C 368 33.80 -6.56 41.58
N GLY C 369 34.02 -5.24 41.58
CA GLY C 369 34.80 -4.55 42.60
C GLY C 369 36.25 -4.28 42.24
N SER C 370 36.80 -5.11 41.34
CA SER C 370 38.19 -5.05 40.88
C SER C 370 38.49 -3.92 39.89
N LEU C 371 39.65 -3.26 40.08
CA LEU C 371 40.17 -2.19 39.23
C LEU C 371 40.84 -2.80 37.99
N VAL C 372 40.43 -2.34 36.79
CA VAL C 372 40.95 -2.84 35.51
C VAL C 372 41.57 -1.69 34.70
N ALA C 373 42.84 -1.86 34.27
CA ALA C 373 43.55 -0.87 33.47
C ALA C 373 43.47 -1.26 32.01
N VAL C 374 42.98 -0.35 31.16
CA VAL C 374 42.82 -0.58 29.72
C VAL C 374 43.83 0.31 28.98
N LEU C 375 44.76 -0.32 28.24
CA LEU C 375 45.81 0.37 27.49
C LEU C 375 45.78 -0.03 26.01
N GLY C 376 46.42 0.79 25.18
CA GLY C 376 46.51 0.56 23.74
C GLY C 376 46.81 1.81 22.95
N GLU C 377 47.10 1.64 21.65
CA GLU C 377 47.40 2.75 20.74
C GLU C 377 46.15 3.59 20.40
N THR C 378 46.36 4.79 19.84
CA THR C 378 45.31 5.72 19.43
C THR C 378 44.52 5.10 18.25
N GLY C 379 43.24 4.85 18.48
CA GLY C 379 42.34 4.25 17.50
C GLY C 379 42.17 2.76 17.64
N SER C 380 42.35 2.24 18.88
CA SER C 380 42.23 0.81 19.21
C SER C 380 40.76 0.42 19.42
N GLY C 381 40.05 1.18 20.25
CA GLY C 381 38.65 0.95 20.59
C GLY C 381 38.39 0.93 22.07
N LYS C 382 39.21 1.66 22.85
CA LYS C 382 39.10 1.74 24.32
C LYS C 382 37.82 2.48 24.73
N SER C 383 37.61 3.69 24.15
CA SER C 383 36.45 4.55 24.37
C SER C 383 35.16 3.90 23.87
N THR C 384 35.24 3.24 22.68
CA THR C 384 34.14 2.54 22.01
C THR C 384 33.64 1.35 22.84
N LEU C 385 34.55 0.49 23.34
CA LEU C 385 34.20 -0.68 24.16
C LEU C 385 33.58 -0.25 25.48
N MET C 386 34.07 0.85 26.06
CA MET C 386 33.56 1.39 27.33
C MET C 386 32.18 2.05 27.16
N ASN C 387 31.78 2.34 25.91
CA ASN C 387 30.48 2.92 25.59
C ASN C 387 29.39 1.83 25.47
N LEU C 388 29.79 0.55 25.37
CA LEU C 388 28.88 -0.59 25.28
C LEU C 388 28.19 -0.89 26.61
N ILE C 389 28.93 -0.68 27.74
CA ILE C 389 28.47 -0.91 29.11
C ILE C 389 27.21 -0.06 29.47
N PRO C 390 27.17 1.30 29.36
CA PRO C 390 25.93 2.01 29.70
C PRO C 390 24.93 2.12 28.53
N ARG C 391 25.09 1.24 27.52
CA ARG C 391 24.27 1.11 26.30
C ARG C 391 24.21 2.42 25.48
N LEU C 392 25.40 2.93 25.10
CA LEU C 392 25.51 4.12 24.26
C LEU C 392 25.58 3.71 22.79
N ILE C 393 25.97 2.44 22.53
CA ILE C 393 26.08 1.81 21.21
C ILE C 393 25.70 0.31 21.29
N ASP C 394 24.92 -0.18 20.32
CA ASP C 394 24.48 -1.57 20.25
C ASP C 394 25.33 -2.38 19.25
N PRO C 395 25.88 -3.56 19.63
CA PRO C 395 26.73 -4.32 18.69
C PRO C 395 25.95 -5.03 17.58
N GLU C 396 26.60 -5.19 16.40
CA GLU C 396 26.02 -5.86 15.23
C GLU C 396 26.05 -7.39 15.41
N ARG C 397 27.17 -7.92 15.91
CA ARG C 397 27.39 -9.34 16.22
C ARG C 397 27.89 -9.45 17.66
N GLY C 398 27.37 -10.41 18.40
CA GLY C 398 27.74 -10.62 19.80
C GLY C 398 26.92 -9.79 20.77
N ARG C 399 27.00 -10.12 22.07
CA ARG C 399 26.24 -9.43 23.12
C ARG C 399 27.08 -9.01 24.33
N VAL C 400 26.63 -7.93 24.99
CA VAL C 400 27.24 -7.37 26.21
C VAL C 400 26.40 -7.85 27.39
N GLU C 401 27.05 -8.32 28.46
CA GLU C 401 26.35 -8.83 29.65
C GLU C 401 26.77 -8.14 30.95
N VAL C 402 25.77 -7.63 31.69
CA VAL C 402 25.94 -6.99 32.99
C VAL C 402 25.14 -7.83 34.00
N ASP C 403 25.83 -8.38 35.02
CA ASP C 403 25.29 -9.26 36.07
C ASP C 403 24.77 -10.60 35.47
N GLU C 404 25.51 -11.11 34.45
CA GLU C 404 25.26 -12.32 33.66
C GLU C 404 23.86 -12.32 33.02
N LEU C 405 23.45 -11.14 32.51
CA LEU C 405 22.18 -10.86 31.83
C LEU C 405 22.43 -9.76 30.79
N ASP C 406 21.76 -9.85 29.62
CA ASP C 406 21.91 -8.88 28.52
C ASP C 406 21.53 -7.46 28.92
N VAL C 407 22.23 -6.48 28.32
CA VAL C 407 22.06 -5.04 28.54
C VAL C 407 20.71 -4.56 27.95
N ARG C 408 20.33 -5.08 26.76
CA ARG C 408 19.10 -4.75 26.04
C ARG C 408 17.83 -5.08 26.82
N THR C 409 17.85 -6.20 27.60
CA THR C 409 16.74 -6.67 28.42
C THR C 409 16.52 -5.80 29.67
N VAL C 410 17.56 -5.07 30.12
CA VAL C 410 17.51 -4.19 31.29
C VAL C 410 17.08 -2.77 30.85
N LYS C 411 16.17 -2.14 31.61
CA LYS C 411 15.65 -0.78 31.36
C LYS C 411 16.81 0.22 31.36
N LEU C 412 16.82 1.11 30.34
CA LEU C 412 17.87 2.12 30.13
C LEU C 412 18.09 3.07 31.32
N LYS C 413 17.02 3.69 31.86
CA LYS C 413 17.09 4.62 32.99
C LYS C 413 17.61 3.97 34.28
N ASP C 414 17.33 2.66 34.46
CA ASP C 414 17.78 1.88 35.61
C ASP C 414 19.25 1.48 35.48
N LEU C 415 19.65 1.01 34.28
CA LEU C 415 21.01 0.57 33.95
C LEU C 415 22.02 1.73 33.99
N ARG C 416 21.66 2.88 33.38
CA ARG C 416 22.52 4.07 33.33
C ARG C 416 22.69 4.73 34.70
N GLY C 417 21.72 4.55 35.58
CA GLY C 417 21.74 5.08 36.95
C GLY C 417 22.79 4.44 37.83
N HIS C 418 23.17 3.18 37.55
CA HIS C 418 24.17 2.40 38.30
C HIS C 418 25.59 2.48 37.72
N ILE C 419 25.74 2.98 36.47
CA ILE C 419 27.05 3.11 35.80
C ILE C 419 27.42 4.60 35.63
N SER C 420 28.59 5.00 36.17
CA SER C 420 29.11 6.36 36.08
C SER C 420 30.37 6.39 35.22
N ALA C 421 30.56 7.46 34.44
CA ALA C 421 31.71 7.59 33.56
C ALA C 421 32.35 8.98 33.55
N VAL C 422 33.66 9.02 33.24
CA VAL C 422 34.47 10.23 33.10
C VAL C 422 34.94 10.23 31.63
N PRO C 423 34.28 11.00 30.72
CA PRO C 423 34.67 10.94 29.30
C PRO C 423 36.08 11.45 28.98
N GLN C 424 36.59 11.06 27.80
CA GLN C 424 37.91 11.45 27.29
C GLN C 424 37.94 12.96 27.04
N GLU C 425 36.82 13.50 26.50
CA GLU C 425 36.60 14.91 26.20
C GLU C 425 35.61 15.43 27.25
N THR C 426 36.06 16.32 28.15
CA THR C 426 35.26 16.86 29.25
C THR C 426 34.61 18.21 28.91
N VAL C 427 33.29 18.19 28.68
CA VAL C 427 32.51 19.38 28.35
C VAL C 427 31.57 19.65 29.52
N LEU C 428 31.68 20.84 30.13
CA LEU C 428 30.90 21.27 31.30
C LEU C 428 29.84 22.30 30.93
N PHE C 429 28.61 22.07 31.41
CA PHE C 429 27.46 22.92 31.11
C PHE C 429 27.35 24.16 32.00
N SER C 430 26.56 25.16 31.54
CA SER C 430 26.37 26.44 32.24
C SER C 430 25.68 26.30 33.60
N GLY C 431 25.99 27.24 34.49
CA GLY C 431 25.48 27.30 35.86
C GLY C 431 26.60 27.48 36.87
N THR C 432 26.58 26.66 37.93
CA THR C 432 27.61 26.68 38.98
C THR C 432 28.24 25.29 39.15
N ILE C 433 29.37 25.21 39.91
CA ILE C 433 30.11 23.95 40.15
C ILE C 433 29.20 22.91 40.83
N LYS C 434 28.38 23.36 41.80
CA LYS C 434 27.43 22.54 42.54
C LYS C 434 26.30 22.04 41.62
N GLU C 435 25.80 22.92 40.73
CA GLU C 435 24.73 22.62 39.76
C GLU C 435 25.22 21.60 38.73
N ASN C 436 26.51 21.67 38.38
CA ASN C 436 27.18 20.77 37.45
C ASN C 436 27.46 19.42 38.11
N LEU C 437 27.88 19.43 39.39
CA LEU C 437 28.19 18.20 40.14
C LEU C 437 26.97 17.36 40.48
N LYS C 438 25.82 18.02 40.70
CA LYS C 438 24.55 17.37 41.03
C LYS C 438 23.88 16.69 39.81
N TRP C 439 24.66 16.42 38.75
CA TRP C 439 24.20 15.74 37.53
C TRP C 439 24.02 14.24 37.81
N GLY C 440 24.96 13.66 38.56
CA GLY C 440 24.95 12.26 38.96
C GLY C 440 23.82 11.93 39.91
N ARG C 441 23.64 12.77 40.95
CA ARG C 441 22.59 12.65 41.95
C ARG C 441 22.20 14.04 42.48
N GLU C 442 20.94 14.45 42.20
CA GLU C 442 20.41 15.74 42.62
C GLU C 442 20.03 15.72 44.12
N ASP C 443 19.82 14.51 44.65
CA ASP C 443 19.48 14.23 46.05
C ASP C 443 20.72 14.24 46.97
N ALA C 444 21.94 14.24 46.37
CA ALA C 444 23.22 14.27 47.08
C ALA C 444 23.39 15.55 47.90
N THR C 445 23.52 15.39 49.22
CA THR C 445 23.68 16.50 50.15
C THR C 445 25.13 17.00 50.12
N ASP C 446 25.37 18.26 50.58
CA ASP C 446 26.65 18.95 50.63
C ASP C 446 27.79 18.13 51.21
N ASP C 447 27.50 17.29 52.23
CA ASP C 447 28.49 16.42 52.89
C ASP C 447 29.02 15.34 51.94
N GLU C 448 28.13 14.80 51.09
CA GLU C 448 28.43 13.75 50.11
C GLU C 448 29.29 14.26 48.94
N ILE C 449 28.91 15.44 48.39
CA ILE C 449 29.60 16.09 47.25
C ILE C 449 30.99 16.65 47.67
N VAL C 450 31.14 17.08 48.94
CA VAL C 450 32.39 17.64 49.48
C VAL C 450 33.47 16.54 49.56
N GLU C 451 33.10 15.33 50.05
CA GLU C 451 34.00 14.18 50.18
C GLU C 451 34.31 13.49 48.84
N ALA C 452 33.45 13.69 47.81
CA ALA C 452 33.63 13.15 46.46
C ALA C 452 34.63 14.00 45.65
N ALA C 453 34.60 15.34 45.85
CA ALA C 453 35.51 16.30 45.22
C ALA C 453 36.85 16.31 45.95
N LYS C 454 36.85 15.82 47.23
CA LYS C 454 38.03 15.68 48.09
C LYS C 454 38.97 14.62 47.51
N ILE C 455 38.39 13.57 46.87
CA ILE C 455 39.10 12.47 46.21
C ILE C 455 39.86 13.03 44.99
N ALA C 456 39.15 13.85 44.18
CA ALA C 456 39.65 14.46 42.93
C ALA C 456 40.56 15.69 43.12
N GLN C 457 40.92 16.06 44.38
CA GLN C 457 41.79 17.19 44.73
C GLN C 457 41.24 18.58 44.32
N ILE C 458 40.14 18.60 43.56
CA ILE C 458 39.52 19.84 43.08
C ILE C 458 38.81 20.63 44.19
N HIS C 459 38.42 19.94 45.29
CA HIS C 459 37.73 20.57 46.44
C HIS C 459 38.50 21.76 47.06
N ASP C 460 39.85 21.80 46.86
CA ASP C 460 40.71 22.88 47.35
C ASP C 460 40.74 24.10 46.39
N PHE C 461 40.43 23.87 45.10
CA PHE C 461 40.33 24.95 44.11
C PHE C 461 38.92 25.54 44.12
N ILE C 462 37.88 24.68 44.33
CA ILE C 462 36.46 25.04 44.43
C ILE C 462 36.29 26.15 45.48
N ILE C 463 36.95 25.97 46.65
CA ILE C 463 36.95 26.90 47.78
C ILE C 463 37.86 28.14 47.54
N SER C 464 38.85 28.04 46.62
CA SER C 464 39.76 29.15 46.28
C SER C 464 39.13 30.16 45.29
N LEU C 465 37.81 29.99 45.01
CA LEU C 465 36.98 30.80 44.12
C LEU C 465 36.09 31.83 44.90
N PRO C 466 35.43 32.82 44.23
CA PRO C 466 34.64 33.81 44.98
C PRO C 466 33.42 33.28 45.72
N GLU C 467 32.77 32.20 45.21
CA GLU C 467 31.58 31.65 45.86
C GLU C 467 31.60 30.11 46.07
N GLY C 468 32.80 29.53 46.03
CA GLY C 468 33.00 28.10 46.25
C GLY C 468 32.35 27.22 45.20
N TYR C 469 31.39 26.36 45.64
CA TYR C 469 30.60 25.47 44.78
C TYR C 469 29.58 26.28 43.98
N ASP C 470 29.30 27.51 44.44
CA ASP C 470 28.37 28.44 43.83
C ASP C 470 29.05 29.47 42.92
N SER C 471 30.20 29.09 42.34
CA SER C 471 30.96 29.89 41.39
C SER C 471 30.63 29.46 39.95
N ARG C 472 30.42 30.45 39.06
CA ARG C 472 30.00 30.32 37.66
C ARG C 472 30.88 29.41 36.78
N VAL C 473 30.20 28.50 36.05
CA VAL C 473 30.76 27.56 35.08
C VAL C 473 30.09 27.94 33.75
N GLU C 474 30.87 28.56 32.83
CA GLU C 474 30.37 29.00 31.53
C GLU C 474 30.16 27.84 30.57
N ARG C 475 29.35 28.05 29.49
CA ARG C 475 29.06 27.05 28.46
C ARG C 475 30.36 26.47 27.94
N GLY C 476 30.44 25.15 27.95
CA GLY C 476 31.59 24.38 27.50
C GLY C 476 32.66 24.19 28.55
N GLY C 477 32.50 24.85 29.69
CA GLY C 477 33.46 24.80 30.79
C GLY C 477 34.71 25.60 30.48
N ARG C 478 34.73 26.26 29.29
CA ARG C 478 35.80 27.07 28.71
C ARG C 478 36.46 28.08 29.65
N ASN C 479 35.72 28.57 30.68
CA ASN C 479 36.13 29.56 31.67
C ASN C 479 37.07 29.02 32.78
N PHE C 480 37.42 27.73 32.71
CA PHE C 480 38.34 27.10 33.66
C PHE C 480 39.55 26.51 32.92
N SER C 481 40.65 26.29 33.66
CA SER C 481 41.89 25.70 33.13
C SER C 481 41.64 24.30 32.61
N GLY C 482 42.34 23.92 31.55
CA GLY C 482 42.22 22.60 30.91
C GLY C 482 42.04 21.45 31.88
N GLY C 483 42.97 21.31 32.81
CA GLY C 483 42.96 20.27 33.83
C GLY C 483 41.93 20.41 34.93
N GLN C 484 41.35 21.62 35.10
CA GLN C 484 40.35 21.85 36.14
C GLN C 484 39.03 21.19 35.80
N LYS C 485 38.53 21.41 34.58
CA LYS C 485 37.28 20.79 34.11
C LYS C 485 37.38 19.26 34.13
N GLN C 486 38.62 18.75 34.04
CA GLN C 486 38.94 17.33 34.12
C GLN C 486 38.74 16.86 35.57
N ARG C 487 39.41 17.54 36.54
CA ARG C 487 39.34 17.25 37.97
C ARG C 487 37.89 17.28 38.49
N LEU C 488 37.05 18.18 37.92
CA LEU C 488 35.64 18.34 38.26
C LEU C 488 34.80 17.17 37.77
N SER C 489 34.99 16.77 36.49
CA SER C 489 34.29 15.67 35.83
C SER C 489 34.46 14.32 36.53
N ILE C 490 35.60 14.13 37.22
CA ILE C 490 35.91 12.93 37.99
C ILE C 490 34.98 12.90 39.23
N ALA C 491 34.91 14.04 39.95
CA ALA C 491 34.09 14.22 41.15
C ALA C 491 32.61 13.97 40.88
N ARG C 492 32.11 14.37 39.69
CA ARG C 492 30.72 14.21 39.23
C ARG C 492 30.29 12.73 39.18
N ALA C 493 31.19 11.83 38.71
CA ALA C 493 30.96 10.39 38.61
C ALA C 493 31.00 9.71 39.98
N LEU C 494 31.86 10.20 40.90
CA LEU C 494 32.00 9.71 42.28
C LEU C 494 30.75 10.02 43.11
N VAL C 495 30.09 11.16 42.78
CA VAL C 495 28.87 11.68 43.41
C VAL C 495 27.68 10.74 43.17
N LYS C 496 27.52 10.22 41.94
CA LYS C 496 26.47 9.30 41.51
C LYS C 496 26.45 7.97 42.30
N LYS C 497 27.60 7.61 42.94
CA LYS C 497 27.83 6.38 43.72
C LYS C 497 27.53 5.13 42.87
N PRO C 498 28.48 4.71 42.01
CA PRO C 498 28.22 3.57 41.13
C PRO C 498 28.67 2.22 41.67
N LYS C 499 28.34 1.17 40.91
CA LYS C 499 28.74 -0.22 41.15
C LYS C 499 29.62 -0.67 39.98
N VAL C 500 29.65 0.16 38.90
CA VAL C 500 30.44 0.03 37.67
C VAL C 500 30.95 1.45 37.33
N LEU C 501 32.28 1.66 37.31
CA LEU C 501 32.89 2.95 37.02
C LEU C 501 33.80 2.91 35.78
N ILE C 502 33.72 3.96 34.93
CA ILE C 502 34.50 4.11 33.69
C ILE C 502 35.34 5.39 33.76
N LEU C 503 36.66 5.28 33.57
CA LEU C 503 37.60 6.42 33.64
C LEU C 503 38.43 6.57 32.36
N ASP C 504 37.84 7.25 31.34
CA ASP C 504 38.46 7.50 30.04
C ASP C 504 39.49 8.64 30.10
N ASP C 505 40.80 8.27 30.14
CA ASP C 505 41.96 9.18 30.19
C ASP C 505 41.79 10.27 31.24
N CYS C 506 41.56 9.85 32.50
CA CYS C 506 41.30 10.65 33.69
C CYS C 506 42.26 11.82 33.91
N THR C 507 43.57 11.55 33.88
CA THR C 507 44.61 12.54 34.14
C THR C 507 45.50 12.79 32.90
N SER C 508 44.85 13.07 31.74
CA SER C 508 45.56 13.34 30.49
C SER C 508 46.23 14.72 30.50
N SER C 509 45.53 15.73 31.07
CA SER C 509 45.99 17.10 31.20
C SER C 509 46.13 17.48 32.70
N VAL C 510 46.76 16.58 33.49
CA VAL C 510 47.01 16.73 34.94
C VAL C 510 48.47 16.33 35.25
N ASP C 511 49.10 17.02 36.22
CA ASP C 511 50.48 16.78 36.67
C ASP C 511 50.67 15.39 37.31
N PRO C 512 51.90 14.79 37.25
CA PRO C 512 52.11 13.46 37.84
C PRO C 512 51.87 13.33 39.35
N ILE C 513 51.94 14.45 40.12
CA ILE C 513 51.74 14.45 41.57
C ILE C 513 50.27 14.28 41.91
N THR C 514 49.38 15.05 41.26
CA THR C 514 47.92 14.99 41.45
C THR C 514 47.39 13.66 40.90
N GLU C 515 48.05 13.12 39.84
CA GLU C 515 47.72 11.85 39.19
C GLU C 515 47.74 10.73 40.25
N LYS C 516 48.81 10.69 41.08
CA LYS C 516 49.02 9.73 42.18
C LYS C 516 47.93 9.86 43.27
N ARG C 517 47.67 11.10 43.70
CA ARG C 517 46.69 11.45 44.73
C ARG C 517 45.27 10.99 44.40
N ILE C 518 44.82 11.15 43.13
CA ILE C 518 43.48 10.75 42.70
C ILE C 518 43.36 9.22 42.62
N LEU C 519 44.32 8.54 41.98
CA LEU C 519 44.32 7.08 41.82
C LEU C 519 44.21 6.33 43.15
N ASP C 520 45.02 6.72 44.15
CA ASP C 520 45.00 6.09 45.47
C ASP C 520 43.75 6.46 46.27
N GLY C 521 43.15 7.60 45.96
CA GLY C 521 41.92 8.07 46.57
C GLY C 521 40.72 7.31 46.03
N LEU C 522 40.84 6.80 44.78
CA LEU C 522 39.81 6.02 44.10
C LEU C 522 39.68 4.62 44.71
N LYS C 523 40.80 3.84 44.74
CA LYS C 523 40.89 2.49 45.30
C LYS C 523 40.30 2.40 46.72
N ARG C 524 40.56 3.44 47.53
CA ARG C 524 40.11 3.61 48.91
C ARG C 524 38.58 3.73 48.99
N TYR C 525 37.95 4.34 47.96
CA TYR C 525 36.51 4.56 47.93
C TYR C 525 35.78 3.73 46.84
N THR C 526 36.43 2.66 46.34
CA THR C 526 35.83 1.74 45.35
C THR C 526 35.94 0.28 45.84
N LYS C 527 35.58 0.05 47.13
CA LYS C 527 35.57 -1.28 47.76
C LYS C 527 34.18 -1.90 47.54
N GLY C 528 33.96 -2.37 46.31
CA GLY C 528 32.71 -2.96 45.87
C GLY C 528 32.12 -2.21 44.69
N CYS C 529 32.99 -1.82 43.74
CA CYS C 529 32.64 -1.09 42.52
C CYS C 529 33.59 -1.49 41.39
N THR C 530 33.04 -2.05 40.30
CA THR C 530 33.78 -2.51 39.12
C THR C 530 34.36 -1.31 38.37
N THR C 531 35.57 -0.87 38.80
CA THR C 531 36.27 0.29 38.24
C THR C 531 37.13 -0.08 37.02
N PHE C 532 37.04 0.73 35.96
CA PHE C 532 37.79 0.59 34.71
C PHE C 532 38.49 1.92 34.44
N ILE C 533 39.79 1.87 34.13
CA ILE C 533 40.55 3.09 33.85
C ILE C 533 41.31 2.97 32.53
N ILE C 534 40.96 3.83 31.57
CA ILE C 534 41.64 3.93 30.29
C ILE C 534 42.86 4.79 30.58
N THR C 535 44.05 4.18 30.55
CA THR C 535 45.31 4.86 30.86
C THR C 535 46.35 4.67 29.75
N GLN C 536 47.28 5.63 29.62
CA GLN C 536 48.35 5.61 28.62
C GLN C 536 49.71 5.33 29.28
N LYS C 537 49.78 5.49 30.62
CA LYS C 537 51.01 5.30 31.41
C LYS C 537 51.04 3.94 32.13
N ILE C 538 52.21 3.26 32.06
CA ILE C 538 52.49 1.96 32.68
C ILE C 538 52.45 2.07 34.23
N PRO C 539 53.15 3.05 34.89
CA PRO C 539 53.10 3.11 36.36
C PRO C 539 51.72 3.37 36.98
N THR C 540 50.78 3.88 36.17
CA THR C 540 49.41 4.16 36.57
C THR C 540 48.48 2.99 36.21
N ALA C 541 49.02 1.99 35.49
CA ALA C 541 48.33 0.77 35.05
C ALA C 541 48.59 -0.41 36.01
N LEU C 542 49.68 -0.32 36.79
CA LEU C 542 50.08 -1.34 37.76
C LEU C 542 49.16 -1.36 38.99
N LEU C 543 48.49 -0.22 39.28
CA LEU C 543 47.56 -0.05 40.40
C LEU C 543 46.32 -0.95 40.28
N ALA C 544 46.04 -1.44 39.06
CA ALA C 544 44.91 -2.31 38.75
C ALA C 544 45.22 -3.79 39.01
N ASP C 545 44.17 -4.55 39.39
CA ASP C 545 44.22 -5.98 39.69
C ASP C 545 44.57 -6.78 38.44
N LYS C 546 43.71 -6.67 37.39
CA LYS C 546 43.88 -7.35 36.12
C LYS C 546 43.99 -6.31 35.00
N ILE C 547 45.14 -6.30 34.30
CA ILE C 547 45.44 -5.35 33.22
C ILE C 547 44.95 -5.89 31.86
N LEU C 548 44.05 -5.15 31.20
CA LEU C 548 43.48 -5.48 29.89
C LEU C 548 44.20 -4.72 28.78
N VAL C 549 44.52 -5.41 27.66
CA VAL C 549 45.22 -4.83 26.51
C VAL C 549 44.35 -4.95 25.24
N LEU C 550 44.27 -3.84 24.47
CA LEU C 550 43.54 -3.75 23.21
C LEU C 550 44.44 -3.15 22.13
N HIS C 551 44.37 -3.73 20.91
CA HIS C 551 45.18 -3.28 19.78
C HIS C 551 44.46 -3.59 18.45
N GLU C 552 44.38 -2.58 17.56
CA GLU C 552 43.76 -2.62 16.23
C GLU C 552 42.23 -2.90 16.22
N GLY C 553 41.69 -3.39 17.34
CA GLY C 553 40.27 -3.71 17.48
C GLY C 553 39.99 -4.92 18.33
N LYS C 554 40.72 -6.02 18.06
CA LYS C 554 40.60 -7.28 18.79
C LYS C 554 41.23 -7.16 20.18
N VAL C 555 40.85 -8.06 21.11
CA VAL C 555 41.41 -8.09 22.47
C VAL C 555 42.82 -8.71 22.41
N ALA C 556 43.84 -7.99 22.93
CA ALA C 556 45.23 -8.42 22.90
C ALA C 556 45.63 -9.38 24.03
N GLY C 557 45.28 -9.03 25.27
CA GLY C 557 45.60 -9.84 26.45
C GLY C 557 44.96 -9.38 27.74
N PHE C 558 44.53 -10.34 28.58
CA PHE C 558 43.91 -10.12 29.88
C PHE C 558 44.60 -10.95 30.96
N GLY C 559 45.38 -10.29 31.80
CA GLY C 559 46.14 -10.90 32.89
C GLY C 559 47.04 -9.93 33.62
N THR C 560 47.90 -10.47 34.50
CA THR C 560 48.85 -9.71 35.31
C THR C 560 49.98 -9.08 34.47
N HIS C 561 50.71 -8.10 35.04
CA HIS C 561 51.83 -7.37 34.42
C HIS C 561 52.99 -8.31 34.05
N LYS C 562 53.25 -9.36 34.88
CA LYS C 562 54.30 -10.36 34.67
C LYS C 562 54.01 -11.22 33.43
N GLU C 563 52.71 -11.50 33.16
CA GLU C 563 52.24 -12.30 32.02
C GLU C 563 52.30 -11.56 30.68
N LEU C 564 51.77 -10.31 30.64
CA LEU C 564 51.68 -9.47 29.44
C LEU C 564 53.02 -9.05 28.82
N LEU C 565 54.11 -9.04 29.61
CA LEU C 565 55.44 -8.67 29.11
C LEU C 565 56.07 -9.76 28.23
N GLU C 566 55.72 -11.03 28.48
CA GLU C 566 56.25 -12.17 27.73
C GLU C 566 55.26 -12.71 26.69
N HIS C 567 53.95 -12.70 27.01
CA HIS C 567 52.89 -13.21 26.15
C HIS C 567 52.33 -12.18 25.16
N CYS C 568 51.77 -11.06 25.68
CA CYS C 568 51.17 -9.99 24.88
C CYS C 568 52.23 -9.18 24.13
N LYS C 569 52.16 -9.17 22.78
CA LYS C 569 53.11 -8.45 21.93
C LYS C 569 52.94 -6.90 21.94
N PRO C 570 51.73 -6.30 21.72
CA PRO C 570 51.65 -4.82 21.73
C PRO C 570 51.98 -4.16 23.07
N TYR C 571 51.75 -4.87 24.20
CA TYR C 571 52.04 -4.38 25.56
C TYR C 571 53.51 -4.06 25.73
N ARG C 572 54.39 -4.91 25.17
CA ARG C 572 55.84 -4.78 25.19
C ARG C 572 56.28 -3.51 24.44
N GLU C 573 55.57 -3.17 23.35
CA GLU C 573 55.82 -1.99 22.51
C GLU C 573 55.54 -0.68 23.22
N ILE C 574 54.41 -0.61 23.97
CA ILE C 574 54.00 0.57 24.75
C ILE C 574 54.94 0.75 25.94
N TYR C 575 55.32 -0.37 26.58
CA TYR C 575 56.24 -0.44 27.73
C TYR C 575 57.65 0.06 27.34
N GLU C 576 58.10 -0.26 26.10
CA GLU C 576 59.42 0.13 25.56
C GLU C 576 59.59 1.65 25.45
N SER C 577 58.54 2.37 25.01
CA SER C 577 58.54 3.83 24.84
C SER C 577 58.65 4.59 26.17
N GLN C 578 58.34 3.91 27.29
CA GLN C 578 58.39 4.46 28.64
C GLN C 578 59.61 4.02 29.45
N PHE C 579 60.23 2.87 29.11
CA PHE C 579 61.38 2.33 29.84
C PHE C 579 62.44 1.75 28.91
N GLY C 580 63.68 2.22 29.04
CA GLY C 580 64.82 1.77 28.25
C GLY C 580 66.06 2.60 28.48
N THR D 22 12.46 55.24 19.16
CA THR D 22 12.64 56.49 18.44
C THR D 22 13.95 56.48 17.64
N ALA D 23 15.10 56.32 18.33
CA ALA D 23 16.45 56.28 17.75
C ALA D 23 16.70 55.05 16.89
N THR D 24 16.19 53.88 17.33
CA THR D 24 16.33 52.59 16.64
C THR D 24 15.61 52.59 15.28
N LEU D 25 14.48 53.32 15.18
CA LEU D 25 13.70 53.45 13.95
C LEU D 25 14.46 54.22 12.87
N ARG D 26 15.12 55.33 13.27
CA ARG D 26 15.94 56.18 12.39
C ARG D 26 17.15 55.40 11.86
N ARG D 27 17.72 54.53 12.72
CA ARG D 27 18.86 53.68 12.39
C ARG D 27 18.43 52.52 11.48
N LEU D 28 17.25 51.91 11.74
CA LEU D 28 16.67 50.81 10.97
C LEU D 28 16.41 51.24 9.53
N LEU D 29 15.79 52.41 9.35
CA LEU D 29 15.51 52.98 8.03
C LEU D 29 16.77 53.61 7.42
N GLY D 30 17.84 53.71 8.22
CA GLY D 30 19.14 54.23 7.81
C GLY D 30 19.87 53.35 6.83
N TYR D 31 19.45 52.07 6.72
CA TYR D 31 20.02 51.08 5.80
C TYR D 31 19.40 51.22 4.41
N LEU D 32 18.28 51.98 4.32
CA LEU D 32 17.54 52.25 3.08
C LEU D 32 18.03 53.53 2.40
N ARG D 33 19.02 54.24 3.02
CA ARG D 33 19.62 55.48 2.53
C ARG D 33 20.27 55.35 1.12
N PRO D 34 21.08 54.32 0.78
CA PRO D 34 21.61 54.24 -0.60
C PRO D 34 20.59 53.70 -1.60
N HIS D 35 19.47 53.12 -1.09
CA HIS D 35 18.36 52.56 -1.87
C HIS D 35 17.30 53.63 -2.23
N THR D 36 17.47 54.87 -1.73
CA THR D 36 16.56 56.02 -1.94
C THR D 36 16.21 56.24 -3.42
N PHE D 37 17.22 56.19 -4.32
CA PHE D 37 17.04 56.35 -5.77
C PHE D 37 16.06 55.32 -6.36
N THR D 38 16.12 54.06 -5.89
CA THR D 38 15.23 52.99 -6.31
C THR D 38 13.88 53.14 -5.60
N LEU D 39 13.90 53.64 -4.33
CA LEU D 39 12.72 53.86 -3.49
C LEU D 39 11.80 54.98 -4.00
N ILE D 40 12.37 55.98 -4.71
CA ILE D 40 11.61 57.10 -5.32
C ILE D 40 10.67 56.53 -6.38
N MET D 41 11.18 55.57 -7.20
CA MET D 41 10.42 54.87 -8.24
C MET D 41 9.25 54.08 -7.63
N VAL D 42 9.48 53.44 -6.45
CA VAL D 42 8.48 52.67 -5.69
C VAL D 42 7.32 53.60 -5.31
N PHE D 43 7.64 54.82 -4.84
CA PHE D 43 6.67 55.87 -4.48
C PHE D 43 5.88 56.31 -5.72
N VAL D 44 6.53 56.36 -6.90
CA VAL D 44 5.93 56.75 -8.18
C VAL D 44 4.96 55.65 -8.67
N PHE D 45 5.43 54.38 -8.75
CA PHE D 45 4.60 53.25 -9.20
C PHE D 45 3.40 52.97 -8.29
N VAL D 46 3.56 53.16 -6.96
CA VAL D 46 2.48 52.94 -5.98
C VAL D 46 1.40 54.03 -6.07
N THR D 47 1.79 55.28 -6.39
CA THR D 47 0.87 56.41 -6.53
C THR D 47 0.03 56.32 -7.80
N VAL D 48 0.65 55.88 -8.93
CA VAL D 48 -0.02 55.70 -10.23
C VAL D 48 -1.07 54.58 -10.12
N SER D 49 -0.70 53.45 -9.49
CA SER D 49 -1.58 52.29 -9.28
C SER D 49 -2.72 52.60 -8.31
N SER D 50 -2.50 53.51 -7.32
CA SER D 50 -3.53 53.91 -6.35
C SER D 50 -4.56 54.85 -7.00
N ILE D 51 -4.11 55.79 -7.87
CA ILE D 51 -4.95 56.73 -8.61
C ILE D 51 -5.84 55.93 -9.59
N LEU D 52 -5.26 54.90 -10.24
CA LEU D 52 -5.97 53.99 -11.15
C LEU D 52 -6.89 53.03 -10.39
N GLY D 53 -6.61 52.84 -9.10
CA GLY D 53 -7.39 51.99 -8.20
C GLY D 53 -8.59 52.69 -7.57
N VAL D 54 -8.67 54.03 -7.74
CA VAL D 54 -9.76 54.88 -7.23
C VAL D 54 -10.69 55.26 -8.42
N LEU D 55 -10.11 55.44 -9.62
CA LEU D 55 -10.85 55.77 -10.85
C LEU D 55 -11.62 54.59 -11.43
N SER D 56 -11.01 53.38 -11.46
CA SER D 56 -11.61 52.15 -12.01
C SER D 56 -12.94 51.71 -11.31
N PRO D 57 -13.12 51.73 -9.96
CA PRO D 57 -14.43 51.35 -9.40
C PRO D 57 -15.50 52.42 -9.58
N TYR D 58 -15.10 53.67 -9.89
CA TYR D 58 -16.00 54.81 -10.13
C TYR D 58 -16.47 54.86 -11.59
N LEU D 59 -15.57 54.53 -12.54
CA LEU D 59 -15.84 54.52 -13.99
C LEU D 59 -16.85 53.45 -14.39
N ILE D 60 -16.84 52.29 -13.70
CA ILE D 60 -17.77 51.17 -13.96
C ILE D 60 -19.20 51.50 -13.50
N GLY D 61 -19.32 52.40 -12.51
CA GLY D 61 -20.59 52.85 -11.96
C GLY D 61 -21.15 54.10 -12.63
N LYS D 62 -20.31 54.81 -13.40
CA LYS D 62 -20.68 56.04 -14.12
C LYS D 62 -21.07 55.74 -15.58
N THR D 63 -20.33 54.84 -16.25
CA THR D 63 -20.57 54.45 -17.64
C THR D 63 -21.77 53.49 -17.79
N ILE D 64 -22.19 52.82 -16.69
CA ILE D 64 -23.32 51.88 -16.64
C ILE D 64 -24.66 52.62 -16.93
N ALA D 65 -24.71 53.94 -16.64
CA ALA D 65 -25.87 54.79 -16.90
C ALA D 65 -26.01 55.05 -18.40
N VAL D 66 -24.86 55.01 -19.13
CA VAL D 66 -24.78 55.20 -20.58
C VAL D 66 -24.73 53.82 -21.29
N VAL D 67 -25.39 52.81 -20.67
CA VAL D 67 -25.50 51.43 -21.14
C VAL D 67 -26.99 51.01 -21.12
N PHE D 68 -27.72 51.39 -20.04
CA PHE D 68 -29.15 51.09 -19.87
C PHE D 68 -30.07 52.01 -20.67
N VAL D 69 -29.64 53.27 -20.92
CA VAL D 69 -30.40 54.26 -21.66
C VAL D 69 -30.22 54.06 -23.21
N PRO D 70 -29.00 54.09 -23.82
CA PRO D 70 -28.92 53.88 -25.28
C PRO D 70 -29.06 52.42 -25.72
N ARG D 71 -28.55 51.45 -24.90
CA ARG D 71 -28.56 50.00 -25.13
C ARG D 71 -27.78 49.58 -26.39
N ARG D 72 -28.05 48.37 -26.95
CA ARG D 72 -27.46 47.78 -28.15
C ARG D 72 -25.92 47.62 -28.06
N PHE D 73 -25.25 47.46 -29.23
CA PHE D 73 -23.80 47.31 -29.40
C PHE D 73 -23.14 48.67 -29.69
N ASP D 74 -23.83 49.79 -29.35
CA ASP D 74 -23.36 51.15 -29.59
C ASP D 74 -22.19 51.53 -28.68
N LEU D 75 -22.39 51.47 -27.36
CA LEU D 75 -21.36 51.81 -26.37
C LEU D 75 -20.97 50.63 -25.47
N LEU D 76 -21.70 49.50 -25.58
CA LEU D 76 -21.44 48.27 -24.80
C LEU D 76 -20.07 47.62 -25.12
N PRO D 77 -19.69 47.30 -26.39
CA PRO D 77 -18.36 46.69 -26.60
C PRO D 77 -17.21 47.70 -26.72
N ARG D 78 -17.54 48.99 -26.99
CA ARG D 78 -16.55 50.07 -27.14
C ARG D 78 -15.80 50.38 -25.84
N TYR D 79 -16.52 50.41 -24.70
CA TYR D 79 -15.95 50.69 -23.38
C TYR D 79 -15.13 49.53 -22.79
N MET D 80 -15.32 48.29 -23.30
CA MET D 80 -14.61 47.08 -22.85
C MET D 80 -13.13 47.14 -23.21
N LEU D 81 -12.80 47.69 -24.41
CA LEU D 81 -11.43 47.84 -24.91
C LEU D 81 -10.68 48.92 -24.12
N ILE D 82 -11.39 49.96 -23.66
CA ILE D 82 -10.85 51.07 -22.87
C ILE D 82 -10.53 50.58 -21.45
N LEU D 83 -11.52 49.92 -20.80
CA LEU D 83 -11.39 49.36 -19.44
C LEU D 83 -10.39 48.19 -19.39
N GLY D 84 -10.33 47.42 -20.47
CA GLY D 84 -9.43 46.28 -20.63
C GLY D 84 -7.96 46.67 -20.57
N THR D 85 -7.62 47.84 -21.12
CA THR D 85 -6.26 48.40 -21.12
C THR D 85 -5.93 49.06 -19.78
N ILE D 86 -6.95 49.61 -19.07
CA ILE D 86 -6.82 50.25 -17.76
C ILE D 86 -6.54 49.18 -16.69
N TYR D 87 -7.35 48.09 -16.68
CA TYR D 87 -7.22 46.97 -15.75
C TYR D 87 -5.92 46.17 -15.94
N ALA D 88 -5.41 46.12 -17.19
CA ALA D 88 -4.15 45.42 -17.51
C ALA D 88 -2.95 46.22 -17.03
N LEU D 89 -3.02 47.57 -17.15
CA LEU D 89 -1.97 48.49 -16.73
C LEU D 89 -1.83 48.52 -15.20
N THR D 90 -2.95 48.41 -14.48
CA THR D 90 -3.00 48.40 -13.01
C THR D 90 -2.47 47.06 -12.47
N SER D 91 -2.84 45.92 -13.11
CA SER D 91 -2.40 44.57 -12.74
C SER D 91 -0.88 44.42 -12.92
N LEU D 92 -0.34 45.04 -13.98
CA LEU D 92 1.08 45.05 -14.31
C LEU D 92 1.85 45.96 -13.35
N LEU D 93 1.19 47.04 -12.85
CA LEU D 93 1.78 48.00 -11.91
C LEU D 93 2.03 47.39 -10.54
N PHE D 94 1.07 46.60 -10.01
CA PHE D 94 1.18 45.93 -8.71
C PHE D 94 2.22 44.81 -8.72
N TRP D 95 2.39 44.14 -9.88
CA TRP D 95 3.37 43.08 -10.09
C TRP D 95 4.79 43.66 -10.11
N LEU D 96 4.97 44.78 -10.85
CA LEU D 96 6.24 45.51 -10.99
C LEU D 96 6.69 46.07 -9.64
N GLN D 97 5.71 46.53 -8.82
CA GLN D 97 5.94 47.08 -7.48
C GLN D 97 6.47 46.00 -6.55
N GLY D 98 5.85 44.81 -6.59
CA GLY D 98 6.23 43.67 -5.78
C GLY D 98 7.54 43.02 -6.17
N LYS D 99 7.83 42.97 -7.49
CA LYS D 99 9.05 42.37 -8.03
C LYS D 99 10.31 43.19 -7.70
N ILE D 100 10.25 44.53 -7.86
CA ILE D 100 11.41 45.39 -7.58
C ILE D 100 11.63 45.55 -6.06
N MET D 101 10.56 45.43 -5.26
CA MET D 101 10.66 45.53 -3.80
C MET D 101 11.24 44.27 -3.17
N LEU D 102 10.91 43.07 -3.71
CA LEU D 102 11.40 41.77 -3.22
C LEU D 102 12.93 41.70 -3.24
N THR D 103 13.54 42.23 -4.33
CA THR D 103 15.00 42.28 -4.51
C THR D 103 15.62 43.26 -3.50
N LEU D 104 14.98 44.43 -3.31
CA LEU D 104 15.43 45.48 -2.39
C LEU D 104 15.30 45.03 -0.93
N SER D 105 14.20 44.32 -0.58
CA SER D 105 13.91 43.81 0.75
C SER D 105 14.97 42.81 1.20
N GLN D 106 15.27 41.82 0.35
CA GLN D 106 16.25 40.78 0.61
C GLN D 106 17.68 41.31 0.69
N ASP D 107 17.99 42.40 -0.05
CA ASP D 107 19.32 43.01 -0.03
C ASP D 107 19.58 43.85 1.22
N VAL D 108 18.51 44.33 1.89
CA VAL D 108 18.61 45.09 3.16
C VAL D 108 18.79 44.04 4.29
N VAL D 109 18.12 42.89 4.16
CA VAL D 109 18.19 41.75 5.08
C VAL D 109 19.61 41.14 5.02
N PHE D 110 20.11 40.87 3.79
CA PHE D 110 21.44 40.31 3.51
C PHE D 110 22.53 41.17 4.14
N ARG D 111 22.48 42.50 3.91
CA ARG D 111 23.44 43.48 4.43
C ARG D 111 23.42 43.50 5.97
N LEU D 112 22.23 43.37 6.57
CA LEU D 112 22.07 43.33 8.03
C LEU D 112 22.69 42.07 8.61
N ARG D 113 22.50 40.92 7.93
CA ARG D 113 23.04 39.62 8.33
C ARG D 113 24.56 39.63 8.22
N LYS D 114 25.09 40.16 7.09
CA LYS D 114 26.52 40.27 6.80
C LYS D 114 27.21 41.16 7.85
N GLU D 115 26.58 42.30 8.21
CA GLU D 115 27.10 43.25 9.20
C GLU D 115 27.20 42.66 10.61
N LEU D 116 26.41 41.60 10.91
CA LEU D 116 26.42 40.94 12.21
C LEU D 116 27.56 39.95 12.35
N PHE D 117 27.73 39.04 11.35
CA PHE D 117 28.77 38.02 11.33
C PHE D 117 30.15 38.66 11.29
N GLU D 118 30.30 39.72 10.48
CA GLU D 118 31.55 40.45 10.33
C GLU D 118 31.91 41.26 11.58
N LYS D 119 30.90 41.60 12.42
CA LYS D 119 31.10 42.29 13.69
C LYS D 119 31.64 41.30 14.72
N LEU D 120 31.15 40.04 14.70
CA LEU D 120 31.57 38.94 15.59
C LEU D 120 33.06 38.61 15.40
N GLN D 121 33.54 38.68 14.15
CA GLN D 121 34.93 38.42 13.78
C GLN D 121 35.87 39.53 14.28
N ARG D 122 35.32 40.72 14.61
CA ARG D 122 36.05 41.88 15.13
C ARG D 122 35.97 41.93 16.66
N VAL D 123 34.86 41.40 17.24
CA VAL D 123 34.57 41.36 18.68
C VAL D 123 35.59 40.46 19.45
N PRO D 124 36.04 40.84 20.68
CA PRO D 124 37.01 40.00 21.39
C PRO D 124 36.44 38.68 21.91
N VAL D 125 37.33 37.71 22.20
CA VAL D 125 37.02 36.36 22.70
C VAL D 125 36.28 36.42 24.06
N GLY D 126 36.58 37.46 24.87
CA GLY D 126 35.98 37.71 26.17
C GLY D 126 34.46 37.87 26.19
N PHE D 127 33.81 37.77 25.02
CA PHE D 127 32.37 37.86 24.81
C PHE D 127 31.80 36.45 24.57
N PHE D 128 32.47 35.68 23.70
CA PHE D 128 32.09 34.33 23.29
C PHE D 128 31.93 33.34 24.44
N ASP D 129 32.87 33.36 25.41
CA ASP D 129 32.86 32.49 26.58
C ASP D 129 31.73 32.81 27.56
N ARG D 130 31.48 34.11 27.81
CA ARG D 130 30.45 34.57 28.75
C ARG D 130 29.01 34.53 28.18
N THR D 131 28.80 34.97 26.91
CA THR D 131 27.45 34.98 26.31
C THR D 131 27.04 33.61 25.77
N PRO D 132 25.74 33.23 25.81
CA PRO D 132 25.36 31.90 25.29
C PRO D 132 25.31 31.90 23.77
N HIS D 133 25.86 30.83 23.16
CA HIS D 133 25.96 30.66 21.71
C HIS D 133 24.62 30.70 20.99
N GLY D 134 23.62 30.04 21.56
CA GLY D 134 22.26 29.96 21.02
C GLY D 134 21.61 31.31 20.76
N ASP D 135 21.80 32.26 21.70
CA ASP D 135 21.27 33.63 21.61
C ASP D 135 21.89 34.40 20.45
N ILE D 136 23.16 34.12 20.12
CA ILE D 136 23.87 34.76 19.01
C ILE D 136 23.31 34.26 17.67
N ILE D 137 23.12 32.93 17.53
CA ILE D 137 22.56 32.29 16.34
C ILE D 137 21.15 32.81 16.08
N SER D 138 20.31 32.87 17.13
CA SER D 138 18.94 33.36 17.09
C SER D 138 18.89 34.80 16.58
N ARG D 139 19.82 35.66 17.06
CA ARG D 139 19.96 37.06 16.68
C ARG D 139 20.27 37.27 15.18
N VAL D 140 20.66 36.21 14.46
CA VAL D 140 20.99 36.28 13.03
C VAL D 140 19.95 35.49 12.20
N ILE D 141 19.60 34.27 12.65
CA ILE D 141 18.67 33.38 11.96
C ILE D 141 17.21 33.81 12.18
N ASN D 142 16.79 34.06 13.45
CA ASN D 142 15.41 34.45 13.79
C ASN D 142 15.14 35.95 13.71
N ASP D 143 15.91 36.76 14.47
CA ASP D 143 15.76 38.22 14.55
C ASP D 143 15.89 38.96 13.22
N VAL D 144 16.67 38.43 12.26
CA VAL D 144 16.81 39.06 10.94
C VAL D 144 15.70 38.53 10.00
N ASP D 145 15.15 37.35 10.32
CA ASP D 145 14.02 36.78 9.57
C ASP D 145 12.73 37.46 10.07
N ASN D 146 12.79 38.06 11.28
CA ASN D 146 11.71 38.78 11.92
C ASN D 146 11.53 40.18 11.32
N ILE D 147 12.60 40.77 10.73
CA ILE D 147 12.54 42.10 10.10
C ILE D 147 12.14 41.99 8.61
N ASN D 148 11.43 40.90 8.25
CA ASN D 148 10.90 40.66 6.90
C ASN D 148 9.46 41.18 6.78
N ASN D 149 8.82 41.44 7.94
CA ASN D 149 7.45 41.96 8.02
C ASN D 149 7.39 43.50 7.82
N VAL D 150 8.55 44.19 7.96
CA VAL D 150 8.68 45.64 7.78
C VAL D 150 9.04 46.00 6.31
N LEU D 151 9.85 45.15 5.66
CA LEU D 151 10.28 45.35 4.29
C LEU D 151 9.29 44.81 3.27
N GLY D 152 9.20 45.48 2.14
CA GLY D 152 8.31 45.12 1.04
C GLY D 152 6.86 45.42 1.33
N ASN D 153 6.17 44.45 1.96
CA ASN D 153 4.75 44.52 2.32
C ASN D 153 4.37 45.76 3.13
N SER D 154 5.12 46.05 4.21
CA SER D 154 4.85 47.24 5.04
C SER D 154 5.34 48.55 4.43
N ILE D 155 6.22 48.48 3.40
CA ILE D 155 6.72 49.69 2.73
C ILE D 155 5.71 50.13 1.65
N ILE D 156 5.29 49.21 0.76
CA ILE D 156 4.32 49.47 -0.33
C ILE D 156 3.00 50.02 0.26
N GLN D 157 2.48 49.35 1.31
CA GLN D 157 1.24 49.72 2.01
C GLN D 157 1.31 51.08 2.70
N PHE D 158 2.51 51.48 3.19
CA PHE D 158 2.72 52.77 3.85
C PHE D 158 2.61 53.92 2.85
N PHE D 159 3.31 53.79 1.71
CA PHE D 159 3.31 54.78 0.63
C PHE D 159 1.94 54.88 -0.05
N SER D 160 1.19 53.75 -0.08
CA SER D 160 -0.16 53.68 -0.61
C SER D 160 -1.13 54.27 0.44
N GLY D 161 -0.76 54.13 1.70
CA GLY D 161 -1.52 54.63 2.84
C GLY D 161 -1.47 56.14 3.01
N ILE D 162 -0.30 56.75 2.75
CA ILE D 162 -0.11 58.20 2.88
C ILE D 162 -0.75 58.97 1.70
N VAL D 163 -0.78 58.37 0.49
CA VAL D 163 -1.36 59.01 -0.70
C VAL D 163 -2.91 59.01 -0.65
N THR D 164 -3.52 57.90 -0.18
CA THR D 164 -4.99 57.78 -0.06
C THR D 164 -5.53 58.66 1.07
N LEU D 165 -4.74 58.88 2.14
CA LEU D 165 -5.09 59.72 3.28
C LEU D 165 -5.10 61.20 2.86
N ALA D 166 -4.06 61.64 2.11
CA ALA D 166 -3.93 63.01 1.60
C ALA D 166 -4.93 63.26 0.46
N GLY D 167 -5.22 62.22 -0.31
CA GLY D 167 -6.16 62.26 -1.43
C GLY D 167 -7.61 62.38 -1.01
N ALA D 168 -7.95 61.93 0.23
CA ALA D 168 -9.31 61.97 0.77
C ALA D 168 -9.57 63.19 1.67
N VAL D 169 -8.52 63.71 2.35
CA VAL D 169 -8.63 64.88 3.25
C VAL D 169 -8.96 66.17 2.44
N ILE D 170 -8.47 66.26 1.18
CA ILE D 170 -8.72 67.37 0.27
C ILE D 170 -10.17 67.34 -0.25
N MET D 171 -10.73 66.12 -0.38
CA MET D 171 -12.10 65.87 -0.83
C MET D 171 -13.12 66.28 0.24
N MET D 172 -12.77 66.05 1.53
CA MET D 172 -13.60 66.39 2.69
C MET D 172 -13.71 67.90 2.92
N PHE D 173 -12.61 68.63 2.69
CA PHE D 173 -12.56 70.09 2.83
C PHE D 173 -13.31 70.80 1.70
N ARG D 174 -13.42 70.14 0.53
CA ARG D 174 -14.14 70.64 -0.65
C ARG D 174 -15.65 70.63 -0.39
N VAL D 175 -16.14 69.59 0.32
CA VAL D 175 -17.56 69.41 0.69
C VAL D 175 -17.93 70.43 1.78
N ASN D 176 -17.28 70.33 2.96
CA ASN D 176 -17.53 71.23 4.10
C ASN D 176 -16.29 71.36 4.97
N VAL D 177 -15.87 72.62 5.25
CA VAL D 177 -14.70 72.96 6.07
C VAL D 177 -15.03 72.76 7.56
N ILE D 178 -16.25 73.17 7.98
CA ILE D 178 -16.74 73.07 9.37
C ILE D 178 -16.91 71.59 9.81
N LEU D 179 -17.55 70.76 8.97
CA LEU D 179 -17.78 69.32 9.23
C LEU D 179 -16.48 68.50 9.25
N SER D 180 -15.44 68.95 8.54
CA SER D 180 -14.13 68.29 8.47
C SER D 180 -13.37 68.43 9.79
N LEU D 181 -13.60 69.53 10.54
CA LEU D 181 -12.97 69.81 11.84
C LEU D 181 -13.47 68.88 12.95
N VAL D 182 -14.69 68.32 12.80
CA VAL D 182 -15.30 67.37 13.76
C VAL D 182 -14.57 66.02 13.61
N THR D 183 -14.28 65.62 12.35
CA THR D 183 -13.55 64.40 12.01
C THR D 183 -12.04 64.55 12.28
N LEU D 184 -11.56 65.81 12.40
CA LEU D 184 -10.16 66.14 12.69
C LEU D 184 -9.90 66.31 14.19
N SER D 185 -10.96 66.59 15.00
CA SER D 185 -10.86 66.76 16.45
C SER D 185 -10.68 65.41 17.17
N ILE D 186 -11.03 64.29 16.49
CA ILE D 186 -10.89 62.93 17.01
C ILE D 186 -9.53 62.33 16.63
N VAL D 187 -8.84 62.94 15.63
CA VAL D 187 -7.51 62.54 15.13
C VAL D 187 -6.43 62.61 16.26
N PRO D 188 -6.32 63.66 17.13
CA PRO D 188 -5.30 63.62 18.19
C PRO D 188 -5.52 62.49 19.20
N LEU D 189 -6.79 62.09 19.42
CA LEU D 189 -7.19 60.99 20.31
C LEU D 189 -6.88 59.64 19.64
N THR D 190 -6.88 59.60 18.30
CA THR D 190 -6.59 58.42 17.48
C THR D 190 -5.07 58.10 17.57
N VAL D 191 -4.23 59.15 17.54
CA VAL D 191 -2.77 59.05 17.65
C VAL D 191 -2.42 58.67 19.10
N LEU D 192 -3.19 59.21 20.07
CA LEU D 192 -3.05 58.98 21.51
C LEU D 192 -3.16 57.49 21.87
N ILE D 193 -4.22 56.81 21.39
CA ILE D 193 -4.47 55.38 21.66
C ILE D 193 -3.45 54.48 20.96
N THR D 194 -2.98 54.86 19.76
CA THR D 194 -2.00 54.11 18.96
C THR D 194 -0.65 54.08 19.67
N GLN D 195 -0.18 55.24 20.18
CA GLN D 195 1.09 55.39 20.88
C GLN D 195 1.16 54.63 22.21
N ILE D 196 0.00 54.41 22.88
CA ILE D 196 -0.06 53.66 24.13
C ILE D 196 0.07 52.16 23.81
N VAL D 197 -0.59 51.70 22.73
CA VAL D 197 -0.56 50.30 22.28
C VAL D 197 0.81 49.93 21.67
N SER D 198 1.33 50.75 20.74
CA SER D 198 2.63 50.54 20.07
C SER D 198 3.82 50.47 21.02
N SER D 199 3.75 51.20 22.16
CA SER D 199 4.80 51.21 23.18
C SER D 199 4.84 49.87 23.93
N GLN D 200 3.65 49.30 24.20
CA GLN D 200 3.52 48.02 24.89
C GLN D 200 3.79 46.85 23.96
N THR D 201 3.38 46.96 22.67
CA THR D 201 3.59 45.93 21.65
C THR D 201 5.09 45.67 21.44
N ARG D 202 5.89 46.75 21.37
CA ARG D 202 7.35 46.68 21.21
C ARG D 202 8.02 46.17 22.49
N LYS D 203 7.45 46.51 23.67
CA LYS D 203 7.92 46.10 24.99
C LYS D 203 7.83 44.57 25.16
N TYR D 204 6.68 43.97 24.79
CA TYR D 204 6.48 42.53 24.89
C TYR D 204 7.19 41.75 23.79
N PHE D 205 7.30 42.32 22.57
CA PHE D 205 7.96 41.67 21.44
C PHE D 205 9.47 41.58 21.61
N TYR D 206 10.08 42.54 22.34
CA TYR D 206 11.52 42.53 22.63
C TYR D 206 11.82 41.46 23.65
N GLU D 207 10.96 41.34 24.69
CA GLU D 207 11.06 40.33 25.74
C GLU D 207 10.87 38.94 25.14
N ASN D 208 10.00 38.83 24.12
CA ASN D 208 9.73 37.58 23.39
C ASN D 208 10.99 37.09 22.67
N GLN D 209 11.73 38.03 22.06
CA GLN D 209 12.95 37.71 21.31
C GLN D 209 14.15 37.35 22.20
N ARG D 210 14.28 37.98 23.40
CA ARG D 210 15.39 37.65 24.31
C ARG D 210 15.20 36.26 24.94
N VAL D 211 13.93 35.90 25.25
CA VAL D 211 13.56 34.59 25.83
C VAL D 211 13.69 33.50 24.74
N LEU D 212 13.48 33.89 23.45
CA LEU D 212 13.63 33.00 22.30
C LEU D 212 15.10 32.63 22.17
N GLY D 213 15.97 33.64 22.35
CA GLY D 213 17.41 33.49 22.34
C GLY D 213 17.88 32.69 23.53
N GLN D 214 17.16 32.81 24.68
CA GLN D 214 17.43 32.07 25.92
C GLN D 214 17.13 30.60 25.68
N LEU D 215 15.95 30.31 25.07
CA LEU D 215 15.50 28.97 24.72
C LEU D 215 16.43 28.36 23.69
N ASN D 216 16.88 29.19 22.73
CA ASN D 216 17.83 28.85 21.67
C ASN D 216 19.18 28.45 22.28
N GLY D 217 19.49 29.04 23.44
CA GLY D 217 20.69 28.79 24.21
C GLY D 217 20.73 27.38 24.75
N ILE D 218 19.64 26.95 25.43
CA ILE D 218 19.47 25.61 26.00
C ILE D 218 19.44 24.56 24.88
N ILE D 219 18.72 24.86 23.78
CA ILE D 219 18.61 23.98 22.61
C ILE D 219 20.02 23.63 22.08
N GLU D 220 20.82 24.66 21.72
CA GLU D 220 22.18 24.54 21.20
C GLU D 220 23.11 23.85 22.22
N GLU D 221 23.12 24.34 23.46
CA GLU D 221 23.95 23.81 24.56
C GLU D 221 23.68 22.33 24.81
N ASP D 222 22.41 21.94 25.00
CA ASP D 222 22.04 20.55 25.26
C ASP D 222 22.34 19.62 24.11
N ILE D 223 21.98 20.02 22.87
CA ILE D 223 22.26 19.22 21.67
C ILE D 223 23.77 18.98 21.55
N SER D 224 24.58 20.05 21.66
CA SER D 224 26.03 19.94 21.61
C SER D 224 26.57 19.53 22.99
N GLY D 225 26.33 18.26 23.33
CA GLY D 225 26.73 17.67 24.59
C GLY D 225 25.63 16.81 25.20
N LEU D 226 24.84 16.16 24.34
CA LEU D 226 23.74 15.29 24.72
C LEU D 226 24.26 13.98 25.32
N THR D 227 25.42 13.50 24.82
CA THR D 227 26.08 12.26 25.25
C THR D 227 26.37 12.31 26.76
N VAL D 228 26.74 13.49 27.27
CA VAL D 228 27.00 13.77 28.69
C VAL D 228 25.68 13.71 29.48
N ILE D 229 24.59 14.29 28.92
CA ILE D 229 23.24 14.32 29.53
C ILE D 229 22.69 12.91 29.75
N LYS D 230 22.74 12.06 28.71
CA LYS D 230 22.26 10.67 28.76
C LYS D 230 23.08 9.84 29.75
N LEU D 231 24.39 10.16 29.88
CA LEU D 231 25.32 9.48 30.79
C LEU D 231 25.03 9.74 32.27
N PHE D 232 24.56 10.94 32.62
CA PHE D 232 24.22 11.27 34.01
C PHE D 232 22.70 11.38 34.23
N THR D 233 21.91 10.89 33.26
CA THR D 233 20.44 10.83 33.21
C THR D 233 19.76 12.14 33.65
N ARG D 234 20.21 13.27 33.07
CA ARG D 234 19.66 14.60 33.33
C ARG D 234 18.57 14.95 32.30
N GLU D 235 17.82 13.92 31.83
CA GLU D 235 16.75 14.04 30.84
C GLU D 235 15.60 14.93 31.32
N GLU D 236 15.03 14.62 32.51
CA GLU D 236 13.93 15.38 33.12
C GLU D 236 14.40 16.72 33.67
N LYS D 237 15.64 16.78 34.20
CA LYS D 237 16.24 17.99 34.77
C LYS D 237 16.50 19.05 33.69
N GLU D 238 16.96 18.62 32.50
CA GLU D 238 17.18 19.54 31.36
C GLU D 238 15.83 19.87 30.71
N MET D 239 14.82 18.98 30.85
CA MET D 239 13.47 19.21 30.34
C MET D 239 12.80 20.27 31.20
N GLU D 240 12.98 20.21 32.54
CA GLU D 240 12.42 21.22 33.44
C GLU D 240 13.17 22.56 33.31
N LYS D 241 14.47 22.50 32.91
CA LYS D 241 15.30 23.68 32.66
C LYS D 241 14.80 24.39 31.40
N PHE D 242 14.31 23.59 30.42
CA PHE D 242 13.73 24.04 29.16
C PHE D 242 12.33 24.60 29.43
N ASP D 243 11.47 23.81 30.12
CA ASP D 243 10.09 24.13 30.47
C ASP D 243 9.94 25.40 31.31
N ARG D 244 11.00 25.79 32.07
CA ARG D 244 11.01 27.01 32.88
C ARG D 244 11.08 28.24 31.96
N VAL D 245 11.83 28.12 30.83
CA VAL D 245 12.04 29.15 29.81
C VAL D 245 10.92 29.11 28.75
N ASN D 246 10.50 27.89 28.35
CA ASN D 246 9.44 27.64 27.37
C ASN D 246 8.08 28.16 27.82
N GLU D 247 7.73 27.93 29.11
CA GLU D 247 6.47 28.40 29.70
C GLU D 247 6.49 29.92 29.86
N SER D 248 7.70 30.49 30.05
CA SER D 248 7.90 31.93 30.17
C SER D 248 7.78 32.58 28.78
N LEU D 249 8.22 31.86 27.71
CA LEU D 249 8.14 32.29 26.31
C LEU D 249 6.67 32.26 25.86
N ARG D 250 5.90 31.28 26.38
CA ARG D 250 4.47 31.08 26.12
C ARG D 250 3.69 32.26 26.73
N LYS D 251 4.03 32.65 27.97
CA LYS D 251 3.37 33.75 28.69
C LYS D 251 3.67 35.13 28.11
N VAL D 252 4.82 35.31 27.43
CA VAL D 252 5.18 36.59 26.81
C VAL D 252 4.70 36.61 25.34
N GLY D 253 4.69 35.44 24.72
CA GLY D 253 4.27 35.23 23.34
C GLY D 253 2.83 35.61 23.10
N THR D 254 1.92 35.18 24.01
CA THR D 254 0.48 35.50 23.95
C THR D 254 0.25 37.00 24.09
N LYS D 255 0.99 37.65 25.02
CA LYS D 255 0.93 39.10 25.27
C LYS D 255 1.39 39.89 24.05
N ALA D 256 2.42 39.38 23.34
CA ALA D 256 2.97 40.00 22.13
C ALA D 256 1.97 39.91 20.96
N GLN D 257 1.35 38.73 20.74
CA GLN D 257 0.38 38.46 19.68
C GLN D 257 -0.93 39.20 19.90
N ILE D 258 -1.43 39.24 21.16
CA ILE D 258 -2.68 39.94 21.52
C ILE D 258 -2.56 41.44 21.25
N PHE D 259 -1.48 42.07 21.77
CA PHE D 259 -1.21 43.50 21.60
C PHE D 259 -0.98 43.90 20.15
N SER D 260 -0.50 42.97 19.30
CA SER D 260 -0.27 43.20 17.88
C SER D 260 -1.62 43.30 17.13
N GLY D 261 -2.55 42.42 17.47
CA GLY D 261 -3.88 42.38 16.86
C GLY D 261 -5.00 42.96 17.70
N VAL D 262 -4.68 43.88 18.64
CA VAL D 262 -5.67 44.53 19.49
C VAL D 262 -6.06 45.90 18.90
N LEU D 263 -5.13 46.54 18.15
CA LEU D 263 -5.34 47.83 17.50
C LEU D 263 -6.45 47.79 16.41
N PRO D 264 -6.48 46.80 15.45
CA PRO D 264 -7.58 46.80 14.47
C PRO D 264 -9.01 46.75 15.07
N PRO D 265 -9.40 45.84 16.01
CA PRO D 265 -10.77 45.91 16.55
C PRO D 265 -11.03 47.12 17.45
N LEU D 266 -9.98 47.64 18.13
CA LEU D 266 -10.07 48.81 19.01
C LEU D 266 -10.30 50.07 18.18
N MET D 267 -9.75 50.12 16.95
CA MET D 267 -9.91 51.24 16.02
C MET D 267 -11.26 51.16 15.33
N ASN D 268 -11.83 49.94 15.18
CA ASN D 268 -13.16 49.70 14.62
C ASN D 268 -14.22 50.28 15.55
N MET D 269 -13.94 50.23 16.88
CA MET D 269 -14.78 50.78 17.94
C MET D 269 -14.80 52.30 17.85
N VAL D 270 -13.62 52.93 17.60
CA VAL D 270 -13.46 54.39 17.45
C VAL D 270 -14.21 54.89 16.20
N ASN D 271 -14.23 54.06 15.12
CA ASN D 271 -14.94 54.36 13.88
C ASN D 271 -16.46 54.36 14.11
N ASN D 272 -16.99 53.28 14.74
CA ASN D 272 -18.40 53.10 15.06
C ASN D 272 -18.92 54.16 16.05
N LEU D 273 -18.06 54.61 16.99
CA LEU D 273 -18.37 55.68 17.94
C LEU D 273 -18.38 57.03 17.22
N GLY D 274 -17.56 57.13 16.18
CA GLY D 274 -17.45 58.31 15.32
C GLY D 274 -18.70 58.54 14.49
N PHE D 275 -19.22 57.45 13.87
CA PHE D 275 -20.45 57.49 13.06
C PHE D 275 -21.70 57.70 13.93
N ALA D 276 -21.61 57.31 15.23
CA ALA D 276 -22.67 57.48 16.22
C ALA D 276 -22.81 58.96 16.58
N LEU D 277 -21.68 59.71 16.53
CA LEU D 277 -21.63 61.14 16.79
C LEU D 277 -22.04 61.95 15.56
N ILE D 278 -21.86 61.38 14.34
CA ILE D 278 -22.26 62.00 13.07
C ILE D 278 -23.81 62.01 13.00
N SER D 279 -24.44 60.89 13.38
CA SER D 279 -25.89 60.74 13.44
C SER D 279 -26.45 61.47 14.68
N GLY D 280 -25.64 61.55 15.74
CA GLY D 280 -25.97 62.22 16.99
C GLY D 280 -26.05 63.73 16.85
N PHE D 281 -25.00 64.34 16.25
CA PHE D 281 -24.94 65.78 15.97
C PHE D 281 -25.89 66.14 14.83
N GLY D 282 -26.13 65.17 13.94
CA GLY D 282 -27.05 65.31 12.81
C GLY D 282 -28.49 64.96 13.18
N GLY D 283 -28.84 65.24 14.44
CA GLY D 283 -30.16 65.04 15.03
C GLY D 283 -30.62 66.26 15.80
N TRP D 284 -29.71 66.82 16.63
CA TRP D 284 -29.95 68.05 17.41
C TRP D 284 -29.94 69.26 16.48
N LEU D 285 -28.99 69.28 15.52
CA LEU D 285 -28.84 70.33 14.51
C LEU D 285 -29.86 70.15 13.37
N ALA D 286 -30.36 68.89 13.19
CA ALA D 286 -31.36 68.54 12.18
C ALA D 286 -32.74 69.12 12.51
N LEU D 287 -32.99 69.44 13.81
CA LEU D 287 -34.24 70.03 14.32
C LEU D 287 -34.44 71.44 13.75
N LYS D 288 -33.33 72.19 13.58
CA LYS D 288 -33.32 73.55 12.99
C LYS D 288 -33.28 73.45 11.45
N ASP D 289 -33.41 74.61 10.76
CA ASP D 289 -33.40 74.73 9.29
C ASP D 289 -32.13 74.16 8.62
N ILE D 290 -30.97 74.33 9.29
CA ILE D 290 -29.67 73.84 8.82
C ILE D 290 -29.54 72.30 8.98
N ILE D 291 -28.61 71.67 8.23
CA ILE D 291 -28.30 70.23 8.19
C ILE D 291 -29.44 69.43 7.55
N THR D 292 -29.19 68.90 6.34
CA THR D 292 -30.14 68.10 5.55
C THR D 292 -29.82 66.61 5.69
N VAL D 293 -30.76 65.74 5.23
CA VAL D 293 -30.60 64.28 5.26
C VAL D 293 -29.55 63.83 4.24
N GLY D 294 -29.52 64.51 3.08
CA GLY D 294 -28.58 64.26 1.99
C GLY D 294 -27.13 64.58 2.33
N THR D 295 -26.90 65.65 3.12
CA THR D 295 -25.56 66.10 3.55
C THR D 295 -24.89 65.13 4.54
N ILE D 296 -25.68 64.45 5.40
CA ILE D 296 -25.15 63.48 6.38
C ILE D 296 -24.68 62.21 5.65
N ALA D 297 -25.53 61.64 4.77
CA ALA D 297 -25.26 60.44 3.98
C ALA D 297 -24.05 60.57 3.06
N THR D 298 -23.83 61.78 2.48
CA THR D 298 -22.71 62.07 1.59
C THR D 298 -21.39 62.21 2.35
N PHE D 299 -21.40 62.93 3.50
CA PHE D 299 -20.21 63.15 4.34
C PHE D 299 -19.69 61.87 5.00
N ILE D 300 -20.57 60.85 5.17
CA ILE D 300 -20.23 59.53 5.72
C ILE D 300 -19.32 58.78 4.72
N GLY D 301 -19.65 58.90 3.43
CA GLY D 301 -18.90 58.30 2.33
C GLY D 301 -17.50 58.87 2.16
N TYR D 302 -17.33 60.18 2.45
CA TYR D 302 -16.05 60.90 2.37
C TYR D 302 -15.16 60.60 3.60
N SER D 303 -15.78 60.45 4.78
CA SER D 303 -15.08 60.13 6.03
C SER D 303 -14.59 58.69 6.03
N ARG D 304 -15.33 57.78 5.34
CA ARG D 304 -15.00 56.36 5.19
C ARG D 304 -13.71 56.20 4.39
N GLN D 305 -13.52 57.00 3.32
CA GLN D 305 -12.32 57.01 2.48
C GLN D 305 -11.11 57.63 3.20
N PHE D 306 -11.35 58.27 4.37
CA PHE D 306 -10.32 58.88 5.22
C PHE D 306 -9.98 57.99 6.41
N THR D 307 -10.98 57.29 6.97
CA THR D 307 -10.78 56.39 8.12
C THR D 307 -10.00 55.12 7.73
N ARG D 308 -10.33 54.50 6.56
CA ARG D 308 -9.67 53.30 6.04
C ARG D 308 -8.12 53.43 5.99
N PRO D 309 -7.51 54.48 5.35
CA PRO D 309 -6.04 54.58 5.39
C PRO D 309 -5.50 54.91 6.78
N LEU D 310 -6.27 55.64 7.61
CA LEU D 310 -5.93 56.01 8.98
C LEU D 310 -5.84 54.77 9.88
N ASN D 311 -6.74 53.79 9.66
CA ASN D 311 -6.77 52.53 10.41
C ASN D 311 -5.55 51.69 10.05
N GLU D 312 -5.22 51.64 8.74
CA GLU D 312 -4.10 50.89 8.17
C GLU D 312 -2.73 51.45 8.61
N LEU D 313 -2.56 52.79 8.55
CA LEU D 313 -1.31 53.47 8.96
C LEU D 313 -1.08 53.32 10.47
N SER D 314 -2.16 53.32 11.27
CA SER D 314 -2.09 53.13 12.72
C SER D 314 -1.74 51.68 13.05
N ASN D 315 -2.27 50.72 12.27
CA ASN D 315 -1.97 49.30 12.46
C ASN D 315 -0.57 48.94 11.98
N GLN D 316 -0.13 49.50 10.83
CA GLN D 316 1.20 49.26 10.25
C GLN D 316 2.29 49.74 11.20
N PHE D 317 2.09 50.92 11.83
CA PHE D 317 3.01 51.49 12.81
C PHE D 317 3.13 50.56 14.04
N ASN D 318 2.06 49.82 14.36
CA ASN D 318 1.99 48.86 15.46
C ASN D 318 2.57 47.50 15.02
N MET D 319 2.44 47.15 13.72
CA MET D 319 2.94 45.90 13.15
C MET D 319 4.45 45.95 12.90
N ILE D 320 5.01 47.16 12.70
CA ILE D 320 6.45 47.34 12.48
C ILE D 320 7.21 47.32 13.81
N GLN D 321 6.47 47.42 14.95
CA GLN D 321 7.04 47.37 16.31
C GLN D 321 7.66 45.97 16.56
N MET D 322 7.13 44.94 15.87
CA MET D 322 7.59 43.55 15.90
C MET D 322 9.02 43.49 15.35
N ALA D 323 9.25 44.22 14.25
CA ALA D 323 10.54 44.32 13.59
C ALA D 323 11.46 45.25 14.39
N LEU D 324 10.90 46.33 14.97
CA LEU D 324 11.63 47.31 15.79
C LEU D 324 12.25 46.66 17.03
N ALA D 325 11.53 45.70 17.64
CA ALA D 325 11.97 44.96 18.82
C ALA D 325 13.12 43.98 18.49
N SER D 326 13.06 43.37 17.28
CA SER D 326 14.08 42.44 16.77
C SER D 326 15.32 43.20 16.31
N ALA D 327 15.13 44.35 15.63
CA ALA D 327 16.22 45.21 15.16
C ALA D 327 16.96 45.84 16.34
N GLU D 328 16.27 45.99 17.49
CA GLU D 328 16.81 46.52 18.75
C GLU D 328 17.89 45.55 19.28
N ARG D 329 17.64 44.23 19.12
CA ARG D 329 18.57 43.16 19.52
C ARG D 329 19.72 43.04 18.51
N ILE D 330 19.49 43.47 17.26
CA ILE D 330 20.48 43.47 16.18
C ILE D 330 21.52 44.58 16.43
N PHE D 331 21.07 45.78 16.86
CA PHE D 331 21.95 46.92 17.13
C PHE D 331 22.77 46.76 18.41
N GLU D 332 22.33 45.92 19.36
CA GLU D 332 23.05 45.63 20.62
C GLU D 332 24.39 44.95 20.36
N ILE D 333 24.43 44.09 19.32
CA ILE D 333 25.62 43.37 18.84
C ILE D 333 26.52 44.34 18.05
N LEU D 334 25.89 45.23 17.25
CA LEU D 334 26.58 46.25 16.45
C LEU D 334 27.16 47.39 17.32
N ASP D 335 26.73 47.48 18.60
CA ASP D 335 27.18 48.47 19.58
C ASP D 335 28.30 47.92 20.50
N LEU D 336 28.58 46.60 20.44
CA LEU D 336 29.60 45.93 21.23
C LEU D 336 31.00 46.42 20.86
N GLU D 337 31.84 46.67 21.89
CA GLU D 337 33.21 47.13 21.71
C GLU D 337 34.08 46.02 21.13
N GLU D 338 34.61 46.25 19.91
CA GLU D 338 35.44 45.30 19.17
C GLU D 338 36.95 45.50 19.40
N GLU D 339 37.77 44.49 19.00
CA GLU D 339 39.24 44.51 19.12
C GLU D 339 39.83 45.64 18.31
N LYS D 340 40.60 46.52 18.97
CA LYS D 340 41.22 47.68 18.32
C LYS D 340 42.74 47.71 18.50
N ASP D 341 43.46 47.73 17.38
CA ASP D 341 44.92 47.80 17.34
C ASP D 341 45.40 49.24 17.58
N ASP D 342 46.68 49.40 17.92
CA ASP D 342 47.32 50.70 18.16
C ASP D 342 47.39 51.50 16.83
N PRO D 343 47.21 52.85 16.83
CA PRO D 343 47.28 53.59 15.55
C PRO D 343 48.59 53.42 14.79
N ASP D 344 49.72 53.30 15.53
CA ASP D 344 51.05 53.07 14.99
C ASP D 344 51.35 51.55 15.02
N ALA D 345 50.50 50.79 14.32
CA ALA D 345 50.56 49.33 14.20
C ALA D 345 51.75 48.93 13.32
N VAL D 346 52.66 48.12 13.89
CA VAL D 346 53.86 47.67 13.18
C VAL D 346 53.73 46.20 12.72
N GLU D 347 54.04 45.94 11.44
CA GLU D 347 54.02 44.63 10.82
C GLU D 347 55.42 44.02 11.02
N LEU D 348 55.51 42.91 11.78
CA LEU D 348 56.79 42.27 12.08
C LEU D 348 57.39 41.54 10.88
N ARG D 349 58.44 42.15 10.29
CA ARG D 349 59.18 41.61 9.14
C ARG D 349 60.50 41.03 9.66
N GLU D 350 61.03 39.99 8.98
CA GLU D 350 62.27 39.27 9.32
C GLU D 350 62.18 38.69 10.75
N VAL D 351 61.10 37.93 11.01
CA VAL D 351 60.79 37.28 12.29
C VAL D 351 61.88 36.26 12.63
N ARG D 352 62.37 36.30 13.88
CA ARG D 352 63.42 35.40 14.36
C ARG D 352 62.88 34.38 15.37
N GLY D 353 62.22 34.88 16.42
CA GLY D 353 61.64 34.05 17.47
C GLY D 353 62.03 34.47 18.88
N GLU D 354 62.28 35.77 19.09
CA GLU D 354 62.66 36.29 20.40
C GLU D 354 61.41 36.57 21.22
N ILE D 355 61.29 35.92 22.39
CA ILE D 355 60.14 36.04 23.30
C ILE D 355 60.62 36.53 24.67
N GLU D 356 60.01 37.59 25.22
CA GLU D 356 60.41 38.10 26.54
C GLU D 356 59.25 38.67 27.36
N PHE D 357 59.15 38.22 28.63
CA PHE D 357 58.14 38.66 29.59
C PHE D 357 58.82 39.53 30.64
N LYS D 358 58.17 40.63 31.04
CA LYS D 358 58.71 41.57 32.02
C LYS D 358 57.74 41.88 33.15
N ASN D 359 57.86 41.09 34.24
CA ASN D 359 57.08 41.17 35.49
C ASN D 359 55.57 41.23 35.23
N VAL D 360 55.08 40.30 34.39
CA VAL D 360 53.68 40.18 33.97
C VAL D 360 52.79 39.71 35.12
N TRP D 361 51.66 40.43 35.31
CA TRP D 361 50.64 40.17 36.33
C TRP D 361 49.28 40.13 35.64
N PHE D 362 48.63 38.97 35.66
CA PHE D 362 47.31 38.82 35.06
C PHE D 362 46.29 38.23 36.01
N SER D 363 45.04 38.72 35.90
CA SER D 363 43.89 38.29 36.69
C SER D 363 42.69 38.24 35.73
N TYR D 364 42.10 37.05 35.57
CA TYR D 364 40.98 36.82 34.63
C TYR D 364 39.71 37.60 35.01
N ASP D 365 39.08 37.25 36.15
CA ASP D 365 37.88 37.92 36.65
C ASP D 365 38.23 39.27 37.32
N LYS D 366 39.54 39.62 37.34
CA LYS D 366 40.15 40.83 37.92
C LYS D 366 40.01 40.87 39.46
N LYS D 367 39.32 39.88 40.05
CA LYS D 367 39.07 39.73 41.49
C LYS D 367 40.08 38.75 42.11
N LYS D 368 40.19 37.54 41.51
CA LYS D 368 41.11 36.50 41.95
C LYS D 368 42.39 36.53 41.08
N PRO D 369 43.58 36.85 41.68
CA PRO D 369 44.82 36.90 40.88
C PRO D 369 45.25 35.54 40.31
N VAL D 370 45.65 35.54 39.02
CA VAL D 370 46.07 34.33 38.27
C VAL D 370 47.61 34.25 38.16
N LEU D 371 48.24 35.19 37.42
CA LEU D 371 49.69 35.26 37.24
C LEU D 371 50.29 36.28 38.20
N LYS D 372 51.29 35.87 38.99
CA LYS D 372 51.99 36.71 39.96
C LYS D 372 53.48 36.82 39.60
N ASP D 373 53.85 37.93 38.92
CA ASP D 373 55.22 38.26 38.46
C ASP D 373 55.82 37.19 37.52
N ILE D 374 55.48 37.27 36.22
CA ILE D 374 55.97 36.34 35.20
C ILE D 374 57.01 37.04 34.31
N THR D 375 58.29 36.66 34.49
CA THR D 375 59.41 37.23 33.75
C THR D 375 60.42 36.16 33.32
N PHE D 376 60.69 36.13 32.00
CA PHE D 376 61.64 35.22 31.35
C PHE D 376 62.07 35.75 29.97
N HIS D 377 63.24 35.29 29.49
CA HIS D 377 63.80 35.68 28.20
C HIS D 377 64.09 34.43 27.38
N ILE D 378 63.50 34.36 26.18
CA ILE D 378 63.64 33.26 25.23
C ILE D 378 64.31 33.79 23.95
N LYS D 379 65.51 33.27 23.64
CA LYS D 379 66.26 33.64 22.45
C LYS D 379 65.64 32.95 21.20
N PRO D 380 65.82 33.48 19.96
CA PRO D 380 65.24 32.81 18.78
C PRO D 380 65.87 31.44 18.48
N GLY D 381 65.01 30.48 18.11
CA GLY D 381 65.40 29.11 17.82
C GLY D 381 65.64 28.31 19.08
N GLN D 382 64.69 28.40 20.03
CA GLN D 382 64.77 27.73 21.33
C GLN D 382 63.52 26.91 21.64
N LYS D 383 63.74 25.70 22.18
CA LYS D 383 62.68 24.78 22.58
C LYS D 383 62.47 24.98 24.07
N VAL D 384 61.38 25.65 24.44
CA VAL D 384 61.05 25.95 25.84
C VAL D 384 59.94 25.05 26.33
N ALA D 385 60.19 24.35 27.45
CA ALA D 385 59.22 23.44 28.04
C ALA D 385 58.55 24.01 29.29
N LEU D 386 57.34 24.56 29.10
CA LEU D 386 56.53 25.12 30.16
C LEU D 386 55.85 23.95 30.85
N VAL D 387 56.13 23.76 32.15
CA VAL D 387 55.60 22.63 32.91
C VAL D 387 55.02 23.10 34.26
N GLY D 388 54.27 22.24 34.93
CA GLY D 388 53.68 22.52 36.23
C GLY D 388 52.31 21.94 36.47
N PRO D 389 51.77 22.06 37.70
CA PRO D 389 50.43 21.49 37.99
C PRO D 389 49.23 22.25 37.39
N THR D 390 48.03 21.68 37.58
CA THR D 390 46.72 22.16 37.12
C THR D 390 46.36 23.52 37.74
N GLY D 391 45.88 24.43 36.88
CA GLY D 391 45.45 25.76 37.28
C GLY D 391 46.57 26.70 37.68
N SER D 392 47.74 26.54 37.04
CA SER D 392 48.91 27.39 37.30
C SER D 392 48.75 28.70 36.51
N GLY D 393 49.22 28.72 35.26
CA GLY D 393 49.10 29.88 34.38
C GLY D 393 49.71 29.68 33.01
N LYS D 394 49.99 28.41 32.65
CA LYS D 394 50.62 28.00 31.38
C LYS D 394 49.81 28.39 30.15
N THR D 395 48.49 28.06 30.15
CA THR D 395 47.59 28.39 29.04
C THR D 395 47.41 29.91 28.98
N THR D 396 47.40 30.58 30.15
CA THR D 396 47.25 32.04 30.30
C THR D 396 48.38 32.79 29.56
N ILE D 397 49.65 32.33 29.72
CA ILE D 397 50.85 32.90 29.08
C ILE D 397 50.68 32.86 27.55
N VAL D 398 50.25 31.70 27.03
CA VAL D 398 50.01 31.40 25.61
C VAL D 398 48.97 32.36 25.01
N ASN D 399 47.78 32.49 25.65
CA ASN D 399 46.70 33.37 25.23
C ASN D 399 47.18 34.83 25.16
N LEU D 400 47.93 35.29 26.20
CA LEU D 400 48.50 36.63 26.28
C LEU D 400 49.53 36.86 25.17
N LEU D 401 50.29 35.79 24.81
CA LEU D 401 51.29 35.80 23.73
C LEU D 401 50.60 35.85 22.37
N MET D 402 49.37 35.30 22.29
CA MET D 402 48.55 35.33 21.07
C MET D 402 47.66 36.58 21.09
N ARG D 403 47.72 37.34 22.21
CA ARG D 403 47.01 38.59 22.52
C ARG D 403 45.47 38.45 22.51
N PHE D 404 44.94 37.33 23.05
CA PHE D 404 43.50 37.11 23.21
C PHE D 404 43.06 37.92 24.41
N TYR D 405 43.97 38.06 25.38
CA TYR D 405 43.84 38.80 26.64
C TYR D 405 45.07 39.72 26.78
N ASP D 406 44.99 40.78 27.61
CA ASP D 406 46.10 41.73 27.79
C ASP D 406 46.48 41.92 29.26
N VAL D 407 47.80 41.94 29.55
CA VAL D 407 48.41 42.10 30.88
C VAL D 407 47.92 43.36 31.59
N ASP D 408 47.59 43.25 32.89
CA ASP D 408 47.16 44.34 33.76
C ASP D 408 48.36 45.26 34.06
N ARG D 409 49.50 44.65 34.43
CA ARG D 409 50.77 45.33 34.72
C ARG D 409 51.97 44.43 34.38
N GLY D 410 52.56 44.66 33.21
CA GLY D 410 53.69 43.91 32.68
C GLY D 410 53.92 44.14 31.20
N GLN D 411 54.99 43.54 30.65
CA GLN D 411 55.35 43.69 29.25
C GLN D 411 55.69 42.37 28.56
N ILE D 412 55.18 42.17 27.33
CA ILE D 412 55.50 41.02 26.48
C ILE D 412 56.17 41.59 25.23
N LEU D 413 57.46 41.29 25.04
CA LEU D 413 58.23 41.82 23.92
C LEU D 413 58.61 40.73 22.91
N VAL D 414 57.84 40.66 21.80
CA VAL D 414 58.04 39.71 20.71
C VAL D 414 59.00 40.34 19.68
N ASP D 415 60.23 39.76 19.59
CA ASP D 415 61.34 40.14 18.71
C ASP D 415 61.87 41.58 18.98
N GLY D 416 61.71 42.05 20.22
CA GLY D 416 62.16 43.37 20.66
C GLY D 416 61.07 44.40 20.84
N ILE D 417 59.99 44.32 20.03
CA ILE D 417 58.85 45.25 20.08
C ILE D 417 57.75 44.68 20.99
N ASP D 418 57.09 45.57 21.77
CA ASP D 418 56.00 45.22 22.70
C ASP D 418 54.77 44.64 21.97
N ILE D 419 54.03 43.75 22.65
CA ILE D 419 52.83 43.05 22.17
C ILE D 419 51.67 44.03 21.85
N ARG D 420 51.58 45.16 22.58
CA ARG D 420 50.55 46.17 22.40
C ARG D 420 50.76 46.99 21.12
N LYS D 421 52.02 47.38 20.83
CA LYS D 421 52.38 48.17 19.65
C LYS D 421 52.24 47.39 18.32
N ILE D 422 52.58 46.09 18.32
CA ILE D 422 52.45 45.21 17.15
C ILE D 422 50.96 44.88 16.98
N LYS D 423 50.45 44.98 15.73
CA LYS D 423 49.06 44.66 15.39
C LYS D 423 48.81 43.16 15.57
N ARG D 424 47.57 42.80 15.96
CA ARG D 424 47.13 41.41 16.16
C ARG D 424 47.25 40.58 14.87
N SER D 425 47.09 41.23 13.70
CA SER D 425 47.16 40.62 12.37
C SER D 425 48.58 40.12 12.02
N SER D 426 49.62 40.87 12.43
CA SER D 426 51.02 40.50 12.17
C SER D 426 51.61 39.61 13.27
N LEU D 427 51.08 39.74 14.52
CA LEU D 427 51.48 38.97 15.69
C LEU D 427 51.09 37.50 15.52
N ARG D 428 49.83 37.26 15.07
CA ARG D 428 49.25 35.93 14.83
C ARG D 428 49.70 35.32 13.49
N SER D 429 50.43 36.11 12.68
CA SER D 429 50.99 35.68 11.39
C SER D 429 52.34 34.98 11.61
N SER D 430 53.02 35.34 12.72
CA SER D 430 54.32 34.81 13.11
C SER D 430 54.22 33.61 14.06
N ILE D 431 53.03 33.42 14.66
CA ILE D 431 52.79 32.33 15.61
C ILE D 431 51.61 31.43 15.20
N GLY D 432 51.80 30.13 15.41
CA GLY D 432 50.81 29.08 15.17
C GLY D 432 50.55 28.34 16.48
N ILE D 433 49.31 27.88 16.69
CA ILE D 433 48.95 27.19 17.93
C ILE D 433 48.12 25.93 17.70
N VAL D 434 48.54 24.85 18.36
CA VAL D 434 47.86 23.57 18.42
C VAL D 434 47.25 23.64 19.83
N LEU D 435 46.02 24.19 19.90
CA LEU D 435 45.22 24.45 21.10
C LEU D 435 45.15 23.29 22.11
N GLN D 436 44.93 23.61 23.40
CA GLN D 436 44.81 22.62 24.48
C GLN D 436 43.59 21.73 24.21
N ASP D 437 42.43 22.36 23.91
CA ASP D 437 41.19 21.69 23.57
C ASP D 437 41.03 21.80 22.04
N THR D 438 41.49 20.75 21.33
CA THR D 438 41.53 20.64 19.86
C THR D 438 40.14 20.79 19.22
N ILE D 439 40.05 21.72 18.24
CA ILE D 439 38.82 22.03 17.49
C ILE D 439 39.08 21.81 15.99
N LEU D 440 38.16 21.08 15.32
CA LEU D 440 38.25 20.78 13.89
C LEU D 440 36.96 21.14 13.14
N PHE D 441 37.10 21.82 11.98
CA PHE D 441 35.97 22.27 11.16
C PHE D 441 35.22 21.11 10.50
N SER D 442 33.97 21.36 10.08
CA SER D 442 33.12 20.34 9.49
C SER D 442 33.23 20.24 7.95
N THR D 443 34.46 20.31 7.41
CA THR D 443 34.74 20.18 5.96
C THR D 443 35.52 18.88 5.71
N THR D 444 36.19 18.75 4.55
CA THR D 444 36.99 17.56 4.23
C THR D 444 38.26 17.56 5.08
N VAL D 445 38.91 16.39 5.25
CA VAL D 445 40.15 16.23 6.03
C VAL D 445 41.25 17.11 5.41
N LYS D 446 41.32 17.12 4.07
CA LYS D 446 42.24 17.90 3.24
C LYS D 446 42.09 19.41 3.49
N GLU D 447 40.84 19.92 3.48
CA GLU D 447 40.51 21.34 3.69
C GLU D 447 40.72 21.78 5.14
N ASN D 448 40.71 20.83 6.09
CA ASN D 448 40.92 21.07 7.51
C ASN D 448 42.39 21.30 7.80
N LEU D 449 43.27 20.45 7.20
CA LEU D 449 44.73 20.52 7.34
C LEU D 449 45.28 21.72 6.58
N LYS D 450 44.59 22.12 5.47
CA LYS D 450 44.91 23.25 4.60
C LYS D 450 44.69 24.62 5.26
N TYR D 451 44.11 24.63 6.48
CA TYR D 451 43.88 25.84 7.29
C TYR D 451 45.24 26.27 7.84
N GLY D 452 45.55 27.56 7.76
CA GLY D 452 46.84 28.10 8.18
C GLY D 452 47.78 28.38 7.04
N ASN D 453 47.64 27.62 5.93
CA ASN D 453 48.38 27.77 4.68
C ASN D 453 47.53 27.27 3.50
N PRO D 454 46.72 28.17 2.86
CA PRO D 454 45.90 27.74 1.72
C PRO D 454 46.68 27.46 0.44
N GLY D 455 47.94 27.92 0.41
CA GLY D 455 48.87 27.74 -0.69
C GLY D 455 49.66 26.45 -0.59
N ALA D 456 49.15 25.49 0.20
CA ALA D 456 49.75 24.16 0.40
C ALA D 456 49.17 23.16 -0.61
N THR D 457 50.06 22.56 -1.40
CA THR D 457 49.71 21.55 -2.40
C THR D 457 49.55 20.20 -1.71
N ASP D 458 48.95 19.20 -2.41
CA ASP D 458 48.76 17.85 -1.87
C ASP D 458 50.09 17.15 -1.55
N GLU D 459 51.17 17.51 -2.30
CA GLU D 459 52.54 17.01 -2.13
C GLU D 459 53.10 17.46 -0.77
N GLU D 460 52.70 18.67 -0.33
CA GLU D 460 53.09 19.25 0.95
C GLU D 460 52.29 18.61 2.07
N ILE D 461 50.95 18.57 1.92
CA ILE D 461 49.98 18.03 2.89
C ILE D 461 50.23 16.54 3.21
N LYS D 462 50.30 15.68 2.16
CA LYS D 462 50.49 14.24 2.33
C LYS D 462 51.86 13.86 2.93
N GLU D 463 52.94 14.57 2.57
CA GLU D 463 54.28 14.30 3.12
C GLU D 463 54.38 14.68 4.60
N ALA D 464 53.73 15.80 4.99
CA ALA D 464 53.69 16.28 6.37
C ALA D 464 52.89 15.31 7.24
N ALA D 465 51.68 14.92 6.76
CA ALA D 465 50.78 13.97 7.44
C ALA D 465 51.43 12.60 7.65
N LYS D 466 52.26 12.16 6.68
CA LYS D 466 52.98 10.88 6.73
C LYS D 466 54.05 10.90 7.83
N LEU D 467 54.60 12.09 8.14
CA LEU D 467 55.64 12.30 9.16
C LEU D 467 55.07 12.32 10.58
N THR D 468 53.84 12.84 10.73
CA THR D 468 53.16 12.97 12.01
C THR D 468 52.20 11.78 12.29
N HIS D 469 52.31 10.70 11.50
CA HIS D 469 51.51 9.46 11.59
C HIS D 469 49.98 9.71 11.46
N SER D 470 49.59 10.85 10.86
CA SER D 470 48.20 11.24 10.61
C SER D 470 47.63 10.51 9.38
N ASP D 471 48.44 10.41 8.29
CA ASP D 471 48.13 9.76 7.01
C ASP D 471 47.76 8.27 7.16
N HIS D 472 48.19 7.64 8.27
CA HIS D 472 47.98 6.23 8.58
C HIS D 472 46.50 5.82 8.67
N PHE D 473 45.64 6.72 9.17
CA PHE D 473 44.21 6.45 9.30
C PHE D 473 43.34 7.16 8.25
N ILE D 474 43.84 8.29 7.68
CA ILE D 474 43.13 9.06 6.65
C ILE D 474 42.84 8.20 5.41
N LYS D 475 43.82 7.37 4.99
CA LYS D 475 43.71 6.46 3.83
C LYS D 475 42.79 5.24 4.06
N HIS D 476 42.21 5.14 5.29
CA HIS D 476 41.29 4.07 5.70
C HIS D 476 39.83 4.58 5.77
N LEU D 477 39.64 5.90 5.65
CA LEU D 477 38.34 6.57 5.67
C LEU D 477 37.53 6.31 4.37
N PRO D 478 36.19 6.51 4.34
CA PRO D 478 35.43 6.23 3.10
C PRO D 478 35.82 7.07 1.87
N GLU D 479 36.02 8.39 2.06
CA GLU D 479 36.42 9.33 1.00
C GLU D 479 37.88 9.82 1.14
N GLY D 480 38.61 9.19 2.06
CA GLY D 480 40.01 9.47 2.36
C GLY D 480 40.23 10.87 2.89
N TYR D 481 40.99 11.68 2.12
CA TYR D 481 41.26 13.09 2.44
C TYR D 481 40.02 13.93 2.20
N GLU D 482 39.12 13.44 1.32
CA GLU D 482 37.90 14.15 1.00
C GLU D 482 36.70 13.74 1.89
N THR D 483 36.97 13.05 3.02
CA THR D 483 35.92 12.64 3.96
C THR D 483 35.50 13.86 4.75
N VAL D 484 34.23 14.28 4.57
CA VAL D 484 33.66 15.44 5.25
C VAL D 484 33.41 15.08 6.73
N LEU D 485 34.19 15.71 7.61
CA LEU D 485 34.17 15.48 9.06
C LEU D 485 32.90 16.03 9.71
N THR D 486 32.44 15.35 10.79
CA THR D 486 31.28 15.76 11.59
C THR D 486 31.72 16.96 12.44
N ASP D 487 30.77 17.66 13.08
CA ASP D 487 31.06 18.81 13.93
C ASP D 487 32.09 18.39 14.99
N ASN D 488 33.27 19.08 14.99
CA ASN D 488 34.46 18.85 15.83
C ASN D 488 35.28 17.64 15.38
N GLY D 489 34.66 16.75 14.63
CA GLY D 489 35.30 15.53 14.15
C GLY D 489 35.23 14.47 15.23
N GLU D 490 34.07 14.37 15.90
CA GLU D 490 33.82 13.39 16.99
C GLU D 490 33.56 11.97 16.46
N ASP D 491 33.83 11.77 15.14
CA ASP D 491 33.75 10.52 14.39
C ASP D 491 35.15 9.86 14.37
N LEU D 492 36.14 10.52 15.00
CA LEU D 492 37.52 10.07 15.14
C LEU D 492 37.81 9.86 16.62
N SER D 493 38.95 9.22 16.93
CA SER D 493 39.38 9.05 18.32
C SER D 493 40.02 10.36 18.77
N GLN D 494 40.15 10.56 20.10
CA GLN D 494 40.69 11.81 20.68
C GLN D 494 42.13 12.11 20.27
N GLY D 495 42.99 11.08 20.23
CA GLY D 495 44.38 11.22 19.81
C GLY D 495 44.46 11.54 18.33
N GLN D 496 43.53 10.96 17.53
CA GLN D 496 43.40 11.16 16.08
C GLN D 496 43.02 12.60 15.76
N ARG D 497 42.21 13.22 16.65
CA ARG D 497 41.79 14.61 16.51
C ARG D 497 42.98 15.52 16.74
N GLN D 498 43.84 15.17 17.71
CA GLN D 498 45.05 15.91 18.06
C GLN D 498 46.05 15.94 16.90
N LEU D 499 46.34 14.78 16.30
CA LEU D 499 47.26 14.65 15.19
C LEU D 499 46.89 15.51 13.98
N LEU D 500 45.57 15.70 13.76
CA LEU D 500 45.04 16.53 12.69
C LEU D 500 45.33 18.02 12.94
N ALA D 501 45.40 18.44 14.22
CA ALA D 501 45.69 19.82 14.60
C ALA D 501 47.18 20.13 14.52
N ILE D 502 48.03 19.11 14.72
CA ILE D 502 49.47 19.28 14.65
C ILE D 502 49.86 19.66 13.22
N THR D 503 49.42 18.86 12.22
CA THR D 503 49.69 19.04 10.80
C THR D 503 49.04 20.31 10.23
N ARG D 504 47.98 20.83 10.89
CA ARG D 504 47.28 22.06 10.52
C ARG D 504 48.24 23.25 10.70
N ALA D 505 48.93 23.31 11.85
CA ALA D 505 49.88 24.36 12.20
C ALA D 505 51.24 24.13 11.54
N PHE D 506 51.63 22.85 11.39
CA PHE D 506 52.89 22.43 10.77
C PHE D 506 52.98 22.83 9.31
N LEU D 507 51.82 22.89 8.61
CA LEU D 507 51.75 23.30 7.21
C LEU D 507 51.85 24.83 7.09
N ALA D 508 51.42 25.57 8.13
CA ALA D 508 51.46 27.04 8.18
C ALA D 508 52.91 27.58 8.28
N ASN D 509 53.84 26.74 8.80
CA ASN D 509 55.27 26.98 8.98
C ASN D 509 55.63 28.37 9.63
N PRO D 510 55.10 28.71 10.85
CA PRO D 510 55.49 30.00 11.46
C PRO D 510 56.86 29.95 12.15
N LYS D 511 57.42 31.11 12.57
CA LYS D 511 58.73 31.17 13.25
C LYS D 511 58.62 30.88 14.74
N ILE D 512 57.42 31.11 15.31
CA ILE D 512 57.08 30.82 16.70
C ILE D 512 55.91 29.82 16.64
N LEU D 513 56.00 28.73 17.42
CA LEU D 513 54.99 27.67 17.43
C LEU D 513 54.68 27.21 18.86
N ILE D 514 53.43 27.33 19.28
CA ILE D 514 53.03 26.90 20.61
C ILE D 514 52.31 25.56 20.54
N LEU D 515 52.75 24.60 21.37
CA LEU D 515 52.18 23.26 21.42
C LEU D 515 51.59 22.95 22.81
N ASP D 516 50.59 23.77 23.23
CA ASP D 516 49.87 23.65 24.50
C ASP D 516 49.06 22.35 24.51
N ALA D 517 49.49 21.39 25.35
CA ALA D 517 48.93 20.04 25.52
C ALA D 517 48.67 19.34 24.17
N ALA D 518 49.72 19.35 23.30
CA ALA D 518 49.68 18.79 21.95
C ALA D 518 49.45 17.29 21.91
N THR D 519 50.04 16.55 22.88
CA THR D 519 49.89 15.10 22.98
C THR D 519 49.37 14.73 24.37
N SER D 520 48.04 14.82 24.55
CA SER D 520 47.37 14.49 25.81
C SER D 520 46.77 13.10 25.68
N ASN D 521 45.94 12.91 24.63
CA ASN D 521 45.25 11.66 24.30
C ASN D 521 46.10 10.78 23.39
N VAL D 522 47.12 11.37 22.74
CA VAL D 522 48.06 10.66 21.87
C VAL D 522 48.83 9.65 22.73
N ASP D 523 48.92 8.39 22.30
CA ASP D 523 49.63 7.35 23.05
C ASP D 523 51.15 7.55 23.08
N THR D 524 51.78 7.15 24.20
CA THR D 524 53.23 7.25 24.49
C THR D 524 54.12 6.66 23.40
N LYS D 525 53.67 5.57 22.74
CA LYS D 525 54.38 4.89 21.66
C LYS D 525 54.41 5.70 20.36
N THR D 526 53.23 6.18 19.91
CA THR D 526 53.08 6.97 18.67
C THR D 526 53.68 8.38 18.83
N GLU D 527 53.65 8.95 20.06
CA GLU D 527 54.21 10.26 20.39
C GLU D 527 55.72 10.31 20.13
N LYS D 528 56.44 9.21 20.46
CA LYS D 528 57.89 9.05 20.26
C LYS D 528 58.21 8.87 18.78
N SER D 529 57.32 8.21 18.03
CA SER D 529 57.45 7.95 16.59
C SER D 529 57.46 9.24 15.74
N ILE D 530 56.86 10.32 16.27
CA ILE D 530 56.80 11.64 15.62
C ILE D 530 58.03 12.45 16.04
N GLN D 531 58.30 12.54 17.36
CA GLN D 531 59.36 13.28 18.06
C GLN D 531 60.61 13.61 17.22
N ALA D 532 61.21 12.59 16.57
CA ALA D 532 62.41 12.76 15.74
C ALA D 532 62.14 13.61 14.49
N ALA D 533 61.09 13.28 13.72
CA ALA D 533 60.66 14.01 12.52
C ALA D 533 60.04 15.35 12.88
N MET D 534 59.41 15.44 14.07
CA MET D 534 58.76 16.63 14.61
C MET D 534 59.79 17.71 14.93
N TRP D 535 60.90 17.32 15.59
CA TRP D 535 62.00 18.21 15.98
C TRP D 535 62.77 18.75 14.77
N LYS D 536 62.81 17.97 13.67
CA LYS D 536 63.45 18.36 12.41
C LYS D 536 62.70 19.54 11.79
N LEU D 537 61.36 19.56 11.97
CA LEU D 537 60.50 20.65 11.51
C LEU D 537 60.50 21.76 12.56
N MET D 538 60.84 21.42 13.82
CA MET D 538 60.88 22.34 14.96
C MET D 538 62.21 23.11 15.08
N GLU D 539 63.27 22.65 14.39
CA GLU D 539 64.56 23.34 14.42
C GLU D 539 64.53 24.62 13.58
N GLY D 540 65.25 25.64 14.04
CA GLY D 540 65.32 26.95 13.42
C GLY D 540 64.08 27.79 13.69
N LYS D 541 63.33 27.43 14.76
CA LYS D 541 62.09 28.09 15.21
C LYS D 541 61.99 28.03 16.74
N THR D 542 61.32 29.02 17.34
CA THR D 542 61.09 29.08 18.78
C THR D 542 59.77 28.37 19.09
N SER D 543 59.81 27.38 19.99
CA SER D 543 58.63 26.62 20.36
C SER D 543 58.45 26.46 21.86
N ILE D 544 57.24 26.79 22.33
CA ILE D 544 56.86 26.68 23.73
C ILE D 544 55.96 25.47 23.83
N ILE D 545 56.35 24.45 24.61
CA ILE D 545 55.56 23.22 24.72
C ILE D 545 55.11 22.97 26.15
N ILE D 546 53.80 22.76 26.32
CA ILE D 546 53.14 22.43 27.58
C ILE D 546 52.79 20.94 27.55
N ALA D 547 53.30 20.19 28.55
CA ALA D 547 53.04 18.75 28.71
C ALA D 547 53.28 18.30 30.14
N HIS D 548 52.60 17.23 30.56
CA HIS D 548 52.77 16.61 31.88
C HIS D 548 53.58 15.33 31.71
N ARG D 549 54.01 15.06 30.46
CA ARG D 549 54.84 13.92 30.07
C ARG D 549 56.30 14.39 30.12
N LEU D 550 56.72 14.85 31.31
CA LEU D 550 58.00 15.43 31.66
C LEU D 550 59.22 14.79 31.00
N ASN D 551 59.22 13.44 30.80
CA ASN D 551 60.32 12.68 30.19
C ASN D 551 60.43 12.85 28.64
N THR D 552 59.51 13.62 28.02
CA THR D 552 59.51 13.88 26.58
C THR D 552 59.98 15.31 26.29
N ILE D 553 59.64 16.24 27.21
CA ILE D 553 59.98 17.67 27.16
C ILE D 553 61.31 17.98 27.87
N LYS D 554 62.01 16.93 28.37
CA LYS D 554 63.27 17.05 29.10
C LYS D 554 64.46 17.52 28.25
N ASN D 555 64.40 17.29 26.93
CA ASN D 555 65.47 17.67 26.00
C ASN D 555 65.31 19.10 25.44
N ALA D 556 64.40 19.90 26.03
CA ALA D 556 64.16 21.29 25.65
C ALA D 556 65.28 22.19 26.17
N ASP D 557 65.68 23.20 25.36
CA ASP D 557 66.75 24.17 25.64
C ASP D 557 66.58 24.94 26.96
N LEU D 558 65.33 25.12 27.40
CA LEU D 558 64.98 25.82 28.64
C LEU D 558 63.71 25.20 29.21
N ILE D 559 63.71 24.92 30.53
CA ILE D 559 62.55 24.36 31.22
C ILE D 559 62.07 25.34 32.29
N ILE D 560 60.85 25.88 32.10
CA ILE D 560 60.21 26.84 33.02
C ILE D 560 59.13 26.11 33.84
N VAL D 561 59.43 25.86 35.13
CA VAL D 561 58.53 25.19 36.07
C VAL D 561 57.63 26.26 36.69
N LEU D 562 56.31 26.17 36.42
CA LEU D 562 55.29 27.12 36.86
C LEU D 562 54.42 26.55 37.97
N ARG D 563 54.34 27.27 39.11
CA ARG D 563 53.53 26.89 40.27
C ARG D 563 52.78 28.08 40.86
N ASP D 564 51.43 28.02 40.80
CA ASP D 564 50.47 29.01 41.31
C ASP D 564 50.69 30.42 40.71
N GLY D 565 50.91 30.46 39.39
CA GLY D 565 51.14 31.68 38.63
C GLY D 565 52.51 32.31 38.88
N GLU D 566 53.47 31.49 39.35
CA GLU D 566 54.83 31.94 39.65
C GLU D 566 55.88 31.00 39.06
N ILE D 567 57.00 31.57 38.61
CA ILE D 567 58.11 30.76 38.11
C ILE D 567 58.92 30.32 39.34
N VAL D 568 58.87 29.02 39.67
CA VAL D 568 59.56 28.44 40.83
C VAL D 568 61.00 27.97 40.50
N GLU D 569 61.17 27.09 39.49
CA GLU D 569 62.47 26.55 39.04
C GLU D 569 62.69 26.81 37.56
N MET D 570 63.94 27.15 37.19
CA MET D 570 64.32 27.41 35.80
C MET D 570 65.70 26.87 35.44
N GLY D 571 65.85 26.49 34.17
CA GLY D 571 67.09 25.96 33.62
C GLY D 571 66.88 24.66 32.88
N LYS D 572 67.97 23.92 32.65
CA LYS D 572 67.95 22.63 31.96
C LYS D 572 67.69 21.46 32.92
N HIS D 573 67.05 20.39 32.40
CA HIS D 573 66.62 19.17 33.09
C HIS D 573 67.61 18.65 34.15
N ASP D 574 68.83 18.24 33.74
CA ASP D 574 69.88 17.68 34.60
C ASP D 574 70.24 18.57 35.79
N GLU D 575 70.30 19.90 35.58
CA GLU D 575 70.60 20.91 36.59
C GLU D 575 69.47 20.95 37.65
N LEU D 576 68.21 20.81 37.20
CA LEU D 576 67.00 20.84 38.04
C LEU D 576 66.72 19.54 38.80
N ILE D 577 67.25 18.39 38.31
CA ILE D 577 67.09 17.08 38.94
C ILE D 577 67.93 16.99 40.22
N GLN D 578 69.23 17.32 40.12
CA GLN D 578 70.19 17.32 41.23
C GLN D 578 69.86 18.40 42.28
N LYS D 579 69.07 19.43 41.86
CA LYS D 579 68.61 20.54 42.71
C LYS D 579 67.60 20.04 43.76
N ARG D 580 66.98 18.85 43.53
CA ARG D 580 66.01 18.15 44.39
C ARG D 580 64.82 19.03 44.81
N GLY D 581 64.44 19.96 43.93
CA GLY D 581 63.35 20.91 44.16
C GLY D 581 61.99 20.38 43.79
N PHE D 582 61.17 21.21 43.13
CA PHE D 582 59.82 20.86 42.71
C PHE D 582 59.80 20.08 41.38
N TYR D 583 60.76 20.36 40.46
CA TYR D 583 60.87 19.64 39.19
C TYR D 583 61.20 18.17 39.45
N TYR D 584 62.08 17.91 40.46
CA TYR D 584 62.45 16.57 40.89
C TYR D 584 61.22 15.86 41.47
N GLU D 585 60.44 16.58 42.29
CA GLU D 585 59.19 16.11 42.91
C GLU D 585 58.18 15.74 41.82
N LEU D 586 58.08 16.59 40.76
CA LEU D 586 57.19 16.42 39.61
C LEU D 586 57.59 15.22 38.76
N PHE D 587 58.89 15.12 38.42
CA PHE D 587 59.44 14.07 37.60
C PHE D 587 59.32 12.68 38.21
N THR D 588 59.73 12.51 39.48
CA THR D 588 59.68 11.23 40.21
C THR D 588 58.23 10.76 40.44
N SER D 589 57.26 11.69 40.43
CA SER D 589 55.85 11.39 40.62
C SER D 589 55.24 10.61 39.45
N GLN D 590 55.88 10.67 38.25
CA GLN D 590 55.46 9.94 37.05
C GLN D 590 55.46 8.44 37.32
N TYR D 591 56.55 7.95 37.95
CA TYR D 591 56.78 6.55 38.30
C TYR D 591 56.49 6.33 39.80
N GLY D 592 55.40 5.63 40.10
CA GLY D 592 55.03 5.30 41.48
C GLY D 592 55.71 4.03 41.95
N LEU D 593 57.06 3.99 41.89
CA LEU D 593 57.89 2.84 42.27
C LEU D 593 59.01 3.24 43.25
N VAL D 594 58.67 3.23 44.56
CA VAL D 594 59.57 3.59 45.66
C VAL D 594 59.69 2.47 46.70
N GLN E 4 -64.51 -1.31 -34.61
CA GLN E 4 -65.90 -0.96 -34.91
C GLN E 4 -66.20 -0.89 -36.43
N GLY E 5 -67.48 -0.78 -36.78
CA GLY E 5 -67.95 -0.70 -38.16
C GLY E 5 -69.27 -0.01 -38.32
N GLN E 6 -69.45 0.70 -39.45
CA GLN E 6 -70.65 1.44 -39.83
C GLN E 6 -70.76 1.52 -41.36
N LEU E 7 -71.95 1.19 -41.91
CA LEU E 7 -72.20 1.22 -43.36
C LEU E 7 -73.41 2.08 -43.73
N VAL E 8 -73.20 3.08 -44.61
CA VAL E 8 -74.23 4.01 -45.09
C VAL E 8 -74.48 3.77 -46.59
N GLU E 9 -75.75 3.50 -46.96
CA GLU E 9 -76.13 3.25 -48.35
C GLU E 9 -76.84 4.44 -48.98
N SER E 10 -76.33 4.87 -50.15
CA SER E 10 -76.84 6.01 -50.91
C SER E 10 -77.40 5.55 -52.27
N GLY E 11 -78.47 6.20 -52.72
CA GLY E 11 -79.13 5.91 -53.98
C GLY E 11 -80.36 5.03 -53.85
N GLY E 12 -80.67 4.31 -54.92
CA GLY E 12 -81.83 3.41 -54.97
C GLY E 12 -83.00 4.00 -55.75
N GLY E 13 -84.19 3.84 -55.19
CA GLY E 13 -85.44 4.31 -55.79
C GLY E 13 -85.99 3.40 -56.88
N LEU E 14 -86.80 3.97 -57.79
CA LEU E 14 -87.41 3.24 -58.91
C LEU E 14 -86.83 3.66 -60.25
N VAL E 15 -86.67 2.70 -61.18
CA VAL E 15 -86.14 2.93 -62.53
C VAL E 15 -86.82 1.98 -63.56
N GLN E 16 -86.98 2.46 -64.81
CA GLN E 16 -87.61 1.71 -65.92
C GLN E 16 -86.74 0.52 -66.36
N ALA E 17 -87.37 -0.52 -66.93
CA ALA E 17 -86.70 -1.74 -67.40
C ALA E 17 -85.74 -1.45 -68.57
N GLY E 18 -84.55 -2.05 -68.49
CA GLY E 18 -83.50 -1.88 -69.49
C GLY E 18 -82.82 -0.52 -69.42
N GLY E 19 -82.70 0.02 -68.21
CA GLY E 19 -82.09 1.32 -67.96
C GLY E 19 -80.76 1.23 -67.22
N SER E 20 -80.49 2.21 -66.34
CA SER E 20 -79.26 2.31 -65.55
C SER E 20 -79.46 3.03 -64.21
N LEU E 21 -78.67 2.63 -63.18
CA LEU E 21 -78.69 3.21 -61.83
C LEU E 21 -77.37 2.96 -61.11
N THR E 22 -76.97 3.90 -60.22
CA THR E 22 -75.74 3.81 -59.43
C THR E 22 -76.07 3.65 -57.94
N LEU E 23 -75.46 2.63 -57.30
CA LEU E 23 -75.64 2.33 -55.88
C LEU E 23 -74.32 2.58 -55.15
N SER E 24 -74.32 3.55 -54.22
CA SER E 24 -73.13 3.95 -53.45
C SER E 24 -73.18 3.40 -52.03
N CYS E 25 -72.06 2.80 -51.59
CA CYS E 25 -71.92 2.22 -50.25
C CYS E 25 -70.75 2.90 -49.54
N ALA E 26 -71.08 3.85 -48.63
CA ALA E 26 -70.11 4.61 -47.85
C ALA E 26 -69.79 3.92 -46.52
N ALA E 27 -68.49 3.75 -46.24
CA ALA E 27 -68.03 3.10 -45.02
C ALA E 27 -67.46 4.14 -44.07
N SER E 28 -68.18 4.42 -42.98
CA SER E 28 -67.78 5.40 -41.97
C SER E 28 -67.10 4.73 -40.76
N VAL E 29 -66.06 5.40 -40.21
CA VAL E 29 -65.22 4.98 -39.09
C VAL E 29 -64.56 3.59 -39.41
N ARG E 30 -64.26 3.38 -40.71
CA ARG E 30 -63.64 2.17 -41.28
C ARG E 30 -62.88 2.53 -42.57
N ASP E 31 -61.72 1.87 -42.81
CA ASP E 31 -60.91 2.04 -44.01
C ASP E 31 -61.04 0.79 -44.89
N ILE E 32 -61.70 0.95 -46.05
CA ILE E 32 -62.01 -0.11 -47.02
C ILE E 32 -60.78 -0.75 -47.65
N SER E 33 -59.67 0.01 -47.83
CA SER E 33 -58.41 -0.40 -48.48
C SER E 33 -57.81 -1.75 -48.02
N PHE E 34 -58.27 -2.30 -46.87
CA PHE E 34 -57.76 -3.56 -46.32
C PHE E 34 -58.73 -4.74 -46.42
N PHE E 35 -60.05 -4.52 -46.38
CA PHE E 35 -61.01 -5.62 -46.47
C PHE E 35 -61.76 -5.68 -47.80
N ALA E 36 -62.28 -6.86 -48.15
CA ALA E 36 -63.04 -7.10 -49.37
C ALA E 36 -64.41 -6.44 -49.32
N VAL E 37 -64.88 -5.96 -50.48
CA VAL E 37 -66.19 -5.32 -50.63
C VAL E 37 -67.20 -6.30 -51.21
N GLY E 38 -68.44 -6.25 -50.73
CA GLY E 38 -69.51 -7.13 -51.17
C GLY E 38 -70.84 -6.48 -51.45
N TRP E 39 -71.68 -7.17 -52.27
CA TRP E 39 -73.03 -6.77 -52.66
C TRP E 39 -73.95 -7.99 -52.68
N PHE E 40 -75.10 -7.89 -52.00
CA PHE E 40 -76.10 -8.96 -51.89
C PHE E 40 -77.51 -8.42 -52.16
N ARG E 41 -78.49 -9.32 -52.40
CA ARG E 41 -79.88 -8.94 -52.65
C ARG E 41 -80.88 -9.94 -52.07
N GLN E 42 -82.03 -9.44 -51.58
CA GLN E 42 -83.08 -10.27 -50.99
C GLN E 42 -84.46 -9.91 -51.56
N ALA E 43 -84.99 -10.80 -52.41
CA ALA E 43 -86.31 -10.68 -53.05
C ALA E 43 -87.37 -11.41 -52.20
N PRO E 44 -88.68 -11.02 -52.23
CA PRO E 44 -89.68 -11.74 -51.39
C PRO E 44 -89.89 -13.21 -51.80
N GLY E 45 -89.16 -14.08 -51.12
CA GLY E 45 -89.16 -15.53 -51.35
C GLY E 45 -87.85 -16.06 -51.90
N LYS E 46 -86.80 -15.24 -51.88
CA LYS E 46 -85.46 -15.58 -52.36
C LYS E 46 -84.38 -15.31 -51.32
N GLN E 47 -83.34 -16.17 -51.31
CA GLN E 47 -82.21 -16.09 -50.38
C GLN E 47 -81.26 -14.93 -50.73
N ARG E 48 -80.36 -14.57 -49.79
CA ARG E 48 -79.38 -13.49 -49.97
C ARG E 48 -78.28 -13.94 -50.97
N GLU E 49 -78.60 -13.83 -52.27
CA GLU E 49 -77.71 -14.21 -53.36
C GLU E 49 -76.68 -13.10 -53.66
N LEU E 50 -75.41 -13.50 -53.86
CA LEU E 50 -74.29 -12.60 -54.13
C LEU E 50 -74.46 -11.88 -55.48
N VAL E 51 -74.10 -10.58 -55.52
CA VAL E 51 -74.17 -9.74 -56.70
C VAL E 51 -72.75 -9.49 -57.23
N ALA E 52 -71.89 -8.84 -56.43
CA ALA E 52 -70.50 -8.54 -56.78
C ALA E 52 -69.58 -8.60 -55.55
N GLN E 53 -68.49 -9.38 -55.64
CA GLN E 53 -67.50 -9.56 -54.57
C GLN E 53 -66.12 -9.21 -55.11
N MET E 54 -65.40 -8.28 -54.44
CA MET E 54 -64.06 -7.82 -54.82
C MET E 54 -63.14 -7.78 -53.60
N THR E 55 -62.04 -8.56 -53.62
CA THR E 55 -61.06 -8.57 -52.52
C THR E 55 -60.13 -7.35 -52.58
N SER E 56 -59.41 -7.09 -51.47
CA SER E 56 -58.47 -5.96 -51.32
C SER E 56 -57.35 -5.94 -52.35
N LEU E 57 -56.99 -7.12 -52.90
CA LEU E 57 -55.93 -7.31 -53.91
C LEU E 57 -56.47 -7.14 -55.35
N ARG E 58 -57.73 -6.66 -55.49
CA ARG E 58 -58.47 -6.44 -56.74
C ARG E 58 -58.66 -7.77 -57.51
N LYS E 59 -59.72 -8.51 -57.14
CA LYS E 59 -60.10 -9.78 -57.72
C LYS E 59 -61.63 -9.87 -57.60
N ILE E 60 -62.33 -9.59 -58.71
CA ILE E 60 -63.79 -9.54 -58.73
C ILE E 60 -64.43 -10.86 -59.21
N ASN E 61 -65.48 -11.29 -58.48
CA ASN E 61 -66.25 -12.51 -58.76
C ASN E 61 -67.76 -12.21 -58.75
N TYR E 62 -68.31 -11.85 -59.93
CA TYR E 62 -69.74 -11.59 -60.13
C TYR E 62 -70.47 -12.91 -60.30
N ALA E 63 -71.77 -12.95 -59.94
CA ALA E 63 -72.59 -14.15 -60.13
C ALA E 63 -72.89 -14.32 -61.63
N ASP E 64 -72.74 -15.56 -62.15
CA ASP E 64 -72.92 -15.92 -63.57
C ASP E 64 -74.26 -15.52 -64.20
N SER E 65 -75.30 -15.26 -63.37
CA SER E 65 -76.63 -14.83 -63.81
C SER E 65 -76.76 -13.29 -63.94
N VAL E 66 -75.86 -12.53 -63.27
CA VAL E 66 -75.82 -11.06 -63.30
C VAL E 66 -74.53 -10.53 -63.95
N LYS E 67 -73.62 -11.46 -64.34
CA LYS E 67 -72.30 -11.23 -64.95
C LYS E 67 -72.34 -10.37 -66.21
N GLY E 68 -71.29 -9.57 -66.41
CA GLY E 68 -71.13 -8.70 -67.57
C GLY E 68 -71.86 -7.38 -67.48
N ARG E 69 -73.15 -7.43 -67.11
CA ARG E 69 -74.04 -6.28 -66.98
C ARG E 69 -73.60 -5.33 -65.85
N PHE E 70 -73.30 -5.90 -64.67
CA PHE E 70 -72.89 -5.16 -63.47
C PHE E 70 -71.39 -4.86 -63.46
N THR E 71 -71.02 -3.65 -62.99
CA THR E 71 -69.64 -3.17 -62.88
C THR E 71 -69.40 -2.57 -61.48
N ILE E 72 -68.38 -3.07 -60.76
CA ILE E 72 -68.02 -2.59 -59.41
C ILE E 72 -66.91 -1.52 -59.49
N SER E 73 -66.92 -0.58 -58.52
CA SER E 73 -65.96 0.52 -58.41
C SER E 73 -65.60 0.77 -56.95
N ARG E 74 -64.29 0.96 -56.68
CA ARG E 74 -63.79 1.23 -55.34
C ARG E 74 -62.87 2.45 -55.39
N ASP E 75 -63.29 3.54 -54.74
CA ASP E 75 -62.54 4.79 -54.66
C ASP E 75 -61.81 4.81 -53.32
N ASP E 76 -60.49 4.50 -53.35
CA ASP E 76 -59.61 4.39 -52.19
C ASP E 76 -59.37 5.71 -51.43
N ALA E 77 -59.33 6.85 -52.15
CA ALA E 77 -59.14 8.18 -51.53
C ALA E 77 -60.42 8.73 -50.91
N LYS E 78 -61.59 8.29 -51.44
CA LYS E 78 -62.93 8.70 -51.00
C LYS E 78 -63.49 7.77 -49.91
N ASN E 79 -63.08 6.49 -49.92
CA ASN E 79 -63.50 5.40 -49.01
C ASN E 79 -64.99 5.04 -49.20
N THR E 80 -65.37 4.81 -50.48
CA THR E 80 -66.73 4.43 -50.90
C THR E 80 -66.68 3.36 -52.00
N VAL E 81 -67.62 2.40 -51.95
CA VAL E 81 -67.72 1.35 -52.96
C VAL E 81 -69.04 1.50 -53.75
N SER E 82 -68.92 1.67 -55.08
CA SER E 82 -70.04 1.87 -56.00
C SER E 82 -70.34 0.63 -56.85
N LEU E 83 -71.62 0.42 -57.19
CA LEU E 83 -72.10 -0.67 -58.03
C LEU E 83 -72.97 -0.10 -59.15
N GLN E 84 -72.42 -0.07 -60.37
CA GLN E 84 -73.13 0.45 -61.56
C GLN E 84 -74.00 -0.64 -62.18
N MET E 85 -75.30 -0.33 -62.33
CA MET E 85 -76.29 -1.25 -62.91
C MET E 85 -76.56 -0.88 -64.38
N ASN E 86 -76.54 -1.88 -65.28
CA ASN E 86 -76.80 -1.72 -66.72
C ASN E 86 -77.83 -2.73 -67.20
N SER E 87 -78.87 -2.24 -67.91
CA SER E 87 -80.00 -3.01 -68.46
C SER E 87 -80.72 -3.84 -67.38
N LEU E 88 -81.60 -3.17 -66.61
CA LEU E 88 -82.35 -3.77 -65.51
C LEU E 88 -83.49 -4.68 -65.97
N LYS E 89 -83.53 -5.91 -65.41
CA LYS E 89 -84.50 -6.96 -65.69
C LYS E 89 -85.50 -7.14 -64.51
N PRO E 90 -86.65 -7.85 -64.66
CA PRO E 90 -87.58 -8.00 -63.53
C PRO E 90 -87.05 -8.80 -62.33
N GLU E 91 -85.94 -9.55 -62.51
CA GLU E 91 -85.28 -10.34 -61.46
C GLU E 91 -84.54 -9.44 -60.46
N ASP E 92 -84.16 -8.22 -60.89
CA ASP E 92 -83.44 -7.21 -60.10
C ASP E 92 -84.32 -6.54 -59.01
N THR E 93 -85.64 -6.81 -59.00
CA THR E 93 -86.61 -6.28 -58.03
C THR E 93 -86.37 -6.90 -56.64
N ALA E 94 -85.40 -6.35 -55.89
CA ALA E 94 -85.00 -6.81 -54.55
C ALA E 94 -84.31 -5.69 -53.76
N VAL E 95 -84.30 -5.81 -52.42
CA VAL E 95 -83.66 -4.85 -51.51
C VAL E 95 -82.16 -5.20 -51.48
N TYR E 96 -81.33 -4.34 -52.09
CA TYR E 96 -79.87 -4.55 -52.18
C TYR E 96 -79.12 -4.19 -50.90
N TYR E 97 -78.22 -5.10 -50.47
CA TYR E 97 -77.37 -4.96 -49.28
C TYR E 97 -75.90 -4.87 -49.66
N CYS E 98 -75.13 -4.17 -48.82
CA CYS E 98 -73.69 -3.98 -48.96
C CYS E 98 -73.00 -4.86 -47.92
N HIS E 99 -71.80 -5.38 -48.23
CA HIS E 99 -71.06 -6.24 -47.29
C HIS E 99 -69.60 -5.83 -47.09
N ALA E 100 -69.16 -5.87 -45.83
CA ALA E 100 -67.79 -5.61 -45.39
C ALA E 100 -67.19 -6.96 -44.98
N SER E 101 -65.98 -7.29 -45.49
CA SER E 101 -65.37 -8.59 -45.22
C SER E 101 -64.59 -8.68 -43.90
N LEU E 102 -63.24 -8.59 -43.95
CA LEU E 102 -62.29 -8.77 -42.82
C LEU E 102 -62.23 -10.25 -42.40
N PRO E 103 -61.07 -10.80 -41.93
CA PRO E 103 -61.03 -12.23 -41.59
C PRO E 103 -61.97 -12.64 -40.46
N GLY E 104 -63.16 -13.13 -40.82
CA GLY E 104 -64.20 -13.59 -39.90
C GLY E 104 -64.90 -12.51 -39.10
N LEU E 105 -64.65 -11.23 -39.40
CA LEU E 105 -65.24 -10.09 -38.69
C LEU E 105 -66.06 -9.22 -39.67
N PRO E 106 -67.31 -9.62 -40.05
CA PRO E 106 -68.07 -8.83 -41.01
C PRO E 106 -69.01 -7.77 -40.42
N TYR E 107 -69.66 -7.00 -41.31
CA TYR E 107 -70.66 -5.97 -41.02
C TYR E 107 -71.57 -5.78 -42.24
N TRP E 108 -72.90 -5.76 -42.02
CA TRP E 108 -73.91 -5.64 -43.07
C TRP E 108 -74.46 -4.22 -43.26
N GLY E 109 -75.08 -3.98 -44.41
CA GLY E 109 -75.70 -2.70 -44.78
C GLY E 109 -77.16 -2.63 -44.38
N GLN E 110 -77.75 -1.42 -44.45
CA GLN E 110 -79.14 -1.18 -44.09
C GLN E 110 -80.15 -1.73 -45.11
N GLY E 111 -79.88 -1.51 -46.40
CA GLY E 111 -80.74 -1.97 -47.48
C GLY E 111 -81.31 -0.85 -48.33
N THR E 112 -80.85 -0.76 -49.58
CA THR E 112 -81.30 0.27 -50.54
C THR E 112 -82.48 -0.27 -51.38
N PRO E 113 -83.55 0.54 -51.59
CA PRO E 113 -84.71 0.02 -52.35
C PRO E 113 -84.56 0.08 -53.87
N VAL E 114 -84.78 -1.07 -54.55
CA VAL E 114 -84.71 -1.21 -56.01
C VAL E 114 -85.96 -1.98 -56.49
N THR E 115 -86.78 -1.33 -57.33
CA THR E 115 -88.01 -1.89 -57.90
C THR E 115 -88.03 -1.65 -59.42
N VAL E 116 -87.95 -2.75 -60.20
CA VAL E 116 -87.95 -2.71 -61.67
C VAL E 116 -89.39 -2.81 -62.20
N SER E 117 -89.83 -1.76 -62.93
CA SER E 117 -91.17 -1.67 -63.50
C SER E 117 -91.24 -2.25 -64.91
N ALA E 118 -92.38 -2.88 -65.25
CA ALA E 118 -92.63 -3.49 -66.55
C ALA E 118 -93.90 -2.93 -67.20
N GLN F 4 62.60 8.13 45.06
CA GLN F 4 63.89 8.00 45.73
C GLN F 4 64.73 6.83 45.18
N GLY F 5 66.01 6.79 45.58
CA GLY F 5 66.96 5.76 45.16
C GLY F 5 68.10 5.54 46.13
N GLN F 6 68.56 4.28 46.23
CA GLN F 6 69.67 3.83 47.09
C GLN F 6 70.35 2.60 46.48
N LEU F 7 71.69 2.62 46.38
CA LEU F 7 72.47 1.52 45.81
C LEU F 7 73.56 1.01 46.76
N VAL F 8 73.53 -0.31 47.07
CA VAL F 8 74.48 -0.98 47.97
C VAL F 8 75.34 -1.96 47.17
N GLU F 9 76.68 -1.82 47.24
CA GLU F 9 77.62 -2.68 46.52
C GLU F 9 78.30 -3.69 47.44
N SER F 10 78.22 -4.97 47.06
CA SER F 10 78.79 -6.10 47.80
C SER F 10 79.90 -6.78 46.99
N GLY F 11 80.93 -7.26 47.69
CA GLY F 11 82.07 -7.94 47.10
C GLY F 11 83.28 -7.05 46.92
N GLY F 12 84.12 -7.41 45.94
CA GLY F 12 85.34 -6.68 45.61
C GLY F 12 86.59 -7.35 46.14
N GLY F 13 87.49 -6.54 46.71
CA GLY F 13 88.76 -7.00 47.27
C GLY F 13 89.83 -7.22 46.22
N LEU F 14 90.83 -8.06 46.54
CA LEU F 14 91.95 -8.39 45.65
C LEU F 14 91.89 -9.83 45.15
N VAL F 15 92.28 -10.04 43.88
CA VAL F 15 92.29 -11.36 43.23
C VAL F 15 93.47 -11.48 42.23
N GLN F 16 94.03 -12.71 42.09
CA GLN F 16 95.15 -13.02 41.19
C GLN F 16 94.75 -12.88 39.72
N ALA F 17 95.74 -12.60 38.83
CA ALA F 17 95.54 -12.44 37.39
C ALA F 17 95.07 -13.73 36.73
N GLY F 18 94.09 -13.61 35.85
CA GLY F 18 93.49 -14.73 35.12
C GLY F 18 92.61 -15.61 36.00
N GLY F 19 91.92 -14.99 36.96
CA GLY F 19 91.04 -15.67 37.90
C GLY F 19 89.58 -15.34 37.69
N SER F 20 88.81 -15.27 38.79
CA SER F 20 87.37 -14.99 38.79
C SER F 20 86.89 -14.29 40.08
N LEU F 21 85.85 -13.43 39.96
CA LEU F 21 85.24 -12.69 41.06
C LEU F 21 83.80 -12.28 40.72
N THR F 22 82.93 -12.21 41.75
CA THR F 22 81.52 -11.82 41.60
C THR F 22 81.27 -10.47 42.29
N LEU F 23 80.64 -9.53 41.57
CA LEU F 23 80.31 -8.19 42.06
C LEU F 23 78.78 -8.05 42.11
N SER F 24 78.22 -7.74 43.29
CA SER F 24 76.78 -7.60 43.46
C SER F 24 76.35 -6.15 43.75
N CYS F 25 75.35 -5.65 43.02
CA CYS F 25 74.79 -4.30 43.21
C CYS F 25 73.31 -4.42 43.58
N ALA F 26 73.01 -4.28 44.88
CA ALA F 26 71.67 -4.35 45.44
C ALA F 26 71.00 -2.98 45.41
N ALA F 27 69.71 -2.95 45.03
CA ALA F 27 68.94 -1.71 44.96
C ALA F 27 67.87 -1.68 46.04
N SER F 28 68.12 -0.90 47.11
CA SER F 28 67.19 -0.75 48.23
C SER F 28 66.23 0.42 47.99
N VAL F 29 64.96 0.23 48.41
CA VAL F 29 63.82 1.17 48.28
C VAL F 29 63.61 1.55 46.77
N ARG F 30 63.90 0.57 45.87
CA ARG F 30 63.79 0.67 44.42
C ARG F 30 63.55 -0.73 43.82
N ASP F 31 62.73 -0.81 42.76
CA ASP F 31 62.43 -2.05 42.03
C ASP F 31 63.11 -2.01 40.64
N ILE F 32 64.13 -2.87 40.44
CA ILE F 32 64.95 -2.95 39.23
C ILE F 32 64.19 -3.37 37.97
N SER F 33 63.11 -4.18 38.12
CA SER F 33 62.28 -4.74 37.04
C SER F 33 61.82 -3.72 35.96
N PHE F 34 61.91 -2.40 36.24
CA PHE F 34 61.47 -1.36 35.30
C PHE F 34 62.60 -0.57 34.64
N PHE F 35 63.74 -0.36 35.34
CA PHE F 35 64.84 0.40 34.75
C PHE F 35 66.04 -0.45 34.37
N ALA F 36 66.86 0.07 33.44
CA ALA F 36 68.07 -0.60 32.95
C ALA F 36 69.17 -0.62 33.99
N VAL F 37 69.97 -1.70 34.01
CA VAL F 37 71.08 -1.88 34.93
C VAL F 37 72.41 -1.54 34.24
N GLY F 38 73.33 -0.91 34.97
CA GLY F 38 74.62 -0.51 34.44
C GLY F 38 75.83 -0.79 35.31
N TRP F 39 77.02 -0.85 34.68
CA TRP F 39 78.33 -1.09 35.31
C TRP F 39 79.39 -0.19 34.67
N PHE F 40 80.14 0.56 35.49
CA PHE F 40 81.19 1.47 35.05
C PHE F 40 82.46 1.27 35.87
N ARG F 41 83.60 1.83 35.40
CA ARG F 41 84.89 1.74 36.10
C ARG F 41 85.74 3.01 35.93
N GLN F 42 86.49 3.36 36.97
CA GLN F 42 87.35 4.54 36.96
C GLN F 42 88.76 4.21 37.50
N ALA F 43 89.74 4.17 36.58
CA ALA F 43 91.14 3.91 36.86
C ALA F 43 91.90 5.25 37.05
N PRO F 44 93.02 5.30 37.82
CA PRO F 44 93.72 6.60 38.01
C PRO F 44 94.33 7.16 36.72
N GLY F 45 93.56 8.03 36.07
CA GLY F 45 93.93 8.67 34.81
C GLY F 45 93.06 8.23 33.63
N LYS F 46 91.94 7.55 33.93
CA LYS F 46 91.00 7.04 32.93
C LYS F 46 89.55 7.46 33.25
N GLN F 47 88.78 7.73 32.19
CA GLN F 47 87.37 8.14 32.27
C GLN F 47 86.45 6.98 32.69
N ARG F 48 85.21 7.31 33.10
CA ARG F 48 84.19 6.33 33.50
C ARG F 48 83.68 5.54 32.29
N GLU F 49 84.46 4.53 31.87
CA GLU F 49 84.16 3.67 30.74
C GLU F 49 83.15 2.58 31.10
N LEU F 50 82.16 2.35 30.22
CA LEU F 50 81.09 1.36 30.40
C LEU F 50 81.64 -0.08 30.41
N VAL F 51 81.09 -0.92 31.30
CA VAL F 51 81.48 -2.32 31.45
C VAL F 51 80.36 -3.20 30.87
N ALA F 52 79.14 -3.14 31.47
CA ALA F 52 77.97 -3.90 31.02
C ALA F 52 76.69 -3.11 31.22
N GLN F 53 75.87 -2.99 30.16
CA GLN F 53 74.60 -2.28 30.16
C GLN F 53 73.49 -3.22 29.67
N MET F 54 72.42 -3.37 30.47
CA MET F 54 71.27 -4.24 30.16
C MET F 54 69.95 -3.52 30.45
N THR F 55 69.10 -3.35 29.41
CA THR F 55 67.79 -2.71 29.56
C THR F 55 66.77 -3.67 30.17
N SER F 56 65.62 -3.11 30.65
CA SER F 56 64.52 -3.84 31.28
C SER F 56 63.91 -4.93 30.40
N LEU F 57 64.00 -4.78 29.06
CA LEU F 57 63.49 -5.71 28.04
C LEU F 57 64.51 -6.82 27.69
N ARG F 58 65.62 -6.92 28.48
CA ARG F 58 66.74 -7.85 28.32
C ARG F 58 67.45 -7.66 26.98
N LYS F 59 68.38 -6.70 26.94
CA LYS F 59 69.20 -6.35 25.77
C LYS F 59 70.54 -5.84 26.32
N ILE F 60 71.56 -6.72 26.29
CA ILE F 60 72.88 -6.42 26.85
C ILE F 60 73.87 -5.90 25.81
N ASN F 61 74.62 -4.83 26.17
CA ASN F 61 75.64 -4.18 25.35
C ASN F 61 76.95 -3.99 26.15
N TYR F 62 77.85 -5.00 26.08
CA TYR F 62 79.16 -4.97 26.72
C TYR F 62 80.12 -4.17 25.85
N ALA F 63 81.16 -3.58 26.46
CA ALA F 63 82.19 -2.84 25.72
C ALA F 63 83.09 -3.87 24.99
N ASP F 64 83.38 -3.61 23.70
CA ASP F 64 84.17 -4.47 22.79
C ASP F 64 85.57 -4.89 23.32
N SER F 65 86.12 -4.15 24.30
CA SER F 65 87.42 -4.43 24.93
C SER F 65 87.30 -5.39 26.14
N VAL F 66 86.10 -5.51 26.73
CA VAL F 66 85.81 -6.38 27.88
C VAL F 66 84.77 -7.48 27.53
N LYS F 67 84.29 -7.46 26.27
CA LYS F 67 83.30 -8.38 25.68
C LYS F 67 83.67 -9.86 25.79
N GLY F 68 82.65 -10.70 25.94
CA GLY F 68 82.81 -12.15 26.03
C GLY F 68 83.19 -12.68 27.40
N ARG F 69 84.23 -12.07 28.01
CA ARG F 69 84.77 -12.42 29.32
C ARG F 69 83.76 -12.16 30.44
N PHE F 70 83.13 -10.97 30.45
CA PHE F 70 82.16 -10.54 31.46
C PHE F 70 80.74 -11.05 31.16
N THR F 71 80.01 -11.46 32.21
CA THR F 71 78.63 -11.96 32.14
C THR F 71 77.76 -11.27 33.19
N ILE F 72 76.64 -10.64 32.76
CA ILE F 72 75.70 -9.95 33.64
C ILE F 72 74.54 -10.86 34.08
N SER F 73 74.00 -10.64 35.29
CA SER F 73 72.90 -11.40 35.87
C SER F 73 71.94 -10.47 36.63
N ARG F 74 70.62 -10.70 36.48
CA ARG F 74 69.60 -9.87 37.13
C ARG F 74 68.59 -10.70 37.93
N ASP F 75 68.75 -10.72 39.27
CA ASP F 75 67.85 -11.43 40.20
C ASP F 75 66.62 -10.55 40.42
N ASP F 76 65.45 -11.02 39.96
CA ASP F 76 64.19 -10.30 40.07
C ASP F 76 63.48 -10.49 41.42
N ALA F 77 63.62 -11.70 42.03
CA ALA F 77 63.00 -12.05 43.30
C ALA F 77 63.64 -11.38 44.53
N LYS F 78 64.92 -10.96 44.42
CA LYS F 78 65.69 -10.31 45.50
C LYS F 78 66.04 -8.83 45.16
N ASN F 79 65.85 -8.44 43.88
CA ASN F 79 66.14 -7.10 43.33
C ASN F 79 67.63 -6.75 43.42
N THR F 80 68.48 -7.62 42.84
CA THR F 80 69.94 -7.48 42.82
C THR F 80 70.50 -7.71 41.41
N VAL F 81 71.56 -6.97 41.05
CA VAL F 81 72.22 -7.13 39.76
C VAL F 81 73.68 -7.55 39.97
N SER F 82 74.05 -8.73 39.45
CA SER F 82 75.38 -9.31 39.58
C SER F 82 76.21 -9.21 38.30
N LEU F 83 77.54 -9.07 38.44
CA LEU F 83 78.50 -9.00 37.34
C LEU F 83 79.62 -10.01 37.58
N GLN F 84 79.60 -11.13 36.83
CA GLN F 84 80.60 -12.19 36.93
C GLN F 84 81.83 -11.85 36.10
N MET F 85 83.01 -11.86 36.75
CA MET F 85 84.30 -11.56 36.10
C MET F 85 85.04 -12.86 35.80
N ASN F 86 85.56 -13.01 34.57
CA ASN F 86 86.33 -14.17 34.12
C ASN F 86 87.63 -13.74 33.46
N SER F 87 88.76 -14.35 33.89
CA SER F 87 90.14 -14.09 33.42
C SER F 87 90.51 -12.59 33.54
N LEU F 88 90.89 -12.16 34.76
CA LEU F 88 91.24 -10.77 35.07
C LEU F 88 92.61 -10.36 34.53
N LYS F 89 92.63 -9.21 33.83
CA LYS F 89 93.82 -8.61 33.21
C LYS F 89 94.29 -7.35 33.99
N PRO F 90 95.52 -6.80 33.77
CA PRO F 90 95.94 -5.59 34.53
C PRO F 90 95.13 -4.32 34.27
N GLU F 91 94.34 -4.29 33.16
CA GLU F 91 93.47 -3.16 32.77
C GLU F 91 92.25 -3.06 33.71
N ASP F 92 91.86 -4.18 34.34
CA ASP F 92 90.72 -4.30 35.27
C ASP F 92 90.96 -3.62 36.63
N THR F 93 92.20 -3.15 36.90
CA THR F 93 92.59 -2.47 38.15
C THR F 93 91.94 -1.06 38.22
N ALA F 94 90.67 -1.02 38.66
CA ALA F 94 89.87 0.20 38.77
C ALA F 94 88.74 0.04 39.79
N VAL F 95 88.22 1.17 40.34
CA VAL F 95 87.11 1.18 41.29
C VAL F 95 85.81 1.06 40.48
N TYR F 96 85.14 -0.10 40.57
CA TYR F 96 83.90 -0.39 39.83
C TYR F 96 82.66 0.24 40.44
N TYR F 97 81.83 0.88 39.59
CA TYR F 97 80.58 1.55 39.95
C TYR F 97 79.38 0.85 39.31
N CYS F 98 78.21 0.87 39.98
CA CYS F 98 76.98 0.33 39.41
C CYS F 98 75.96 1.44 39.17
N HIS F 99 75.25 1.36 38.04
CA HIS F 99 74.34 2.40 37.56
C HIS F 99 72.88 1.99 37.44
N ALA F 100 71.98 2.91 37.82
CA ALA F 100 70.53 2.79 37.75
C ALA F 100 70.08 3.74 36.63
N SER F 101 69.26 3.26 35.69
CA SER F 101 68.83 4.06 34.55
C SER F 101 67.64 4.99 34.82
N LEU F 102 66.40 4.60 34.38
CA LEU F 102 65.14 5.37 34.42
C LEU F 102 65.19 6.54 33.40
N PRO F 103 64.06 6.95 32.77
CA PRO F 103 64.13 8.04 31.77
C PRO F 103 64.62 9.38 32.32
N GLY F 104 65.93 9.63 32.18
CA GLY F 104 66.59 10.86 32.63
C GLY F 104 66.72 11.05 34.12
N LEU F 105 66.38 10.02 34.92
CA LEU F 105 66.43 10.06 36.38
C LEU F 105 67.41 8.97 36.92
N PRO F 106 68.74 9.19 36.87
CA PRO F 106 69.67 8.15 37.33
C PRO F 106 70.09 8.23 38.80
N TYR F 107 70.89 7.23 39.24
CA TYR F 107 71.48 7.10 40.58
C TYR F 107 72.74 6.24 40.48
N TRP F 108 73.85 6.70 41.10
CA TRP F 108 75.15 6.04 41.07
C TRP F 108 75.46 5.20 42.32
N GLY F 109 76.43 4.29 42.20
CA GLY F 109 76.89 3.43 43.27
C GLY F 109 78.05 4.03 44.06
N GLN F 110 78.38 3.43 45.20
CA GLN F 110 79.45 3.90 46.09
C GLN F 110 80.86 3.63 45.53
N GLY F 111 81.09 2.44 45.00
CA GLY F 111 82.37 2.05 44.43
C GLY F 111 83.02 0.88 45.14
N THR F 112 83.09 -0.28 44.46
CA THR F 112 83.68 -1.51 44.98
C THR F 112 85.17 -1.59 44.60
N PRO F 113 86.08 -1.98 45.54
CA PRO F 113 87.52 -2.01 45.19
C PRO F 113 87.98 -3.28 44.46
N VAL F 114 88.64 -3.11 43.30
CA VAL F 114 89.18 -4.19 42.47
C VAL F 114 90.62 -3.85 42.08
N THR F 115 91.58 -4.70 42.51
CA THR F 115 93.02 -4.54 42.24
C THR F 115 93.59 -5.87 41.72
N VAL F 116 94.03 -5.87 40.44
CA VAL F 116 94.60 -7.06 39.78
C VAL F 116 96.11 -7.09 39.98
N SER F 117 96.61 -8.16 40.63
CA SER F 117 98.04 -8.36 40.92
C SER F 117 98.75 -9.13 39.81
N ALA F 118 100.02 -8.79 39.56
CA ALA F 118 100.85 -9.42 38.53
C ALA F 118 102.15 -9.99 39.12
#